data_3WPZ
#
_entry.id   3WPZ
#
_cell.length_a   57.941
_cell.length_b   86.261
_cell.length_c   85.923
_cell.angle_alpha   63.23
_cell.angle_beta   86.27
_cell.angle_gamma   86.68
#
_symmetry.space_group_name_H-M   'P 1'
#
loop_
_entity.id
_entity.type
_entity.pdbx_description
1 polymer Beta-fructofuranosidase
2 water water
#
_entity_poly.entity_id   1
_entity_poly.type   'polypeptide(L)'
_entity_poly.pdbx_seq_one_letter_code
;QSGLQDGPEPSIHTQQAYAPEDDFTAKWTRADARQLQRMSDPTAPSRENSMPASVTMPTVPQDFPDMSNEQVWVWDTWPL
TDEDANQYSVNGWEIIFSLVADRNLGFDDRHVFAKIGYFYRPAGVPAAERPENGGWTYGGLVFKEGVTGQIFEDQSFSHQ
TQWTGSARVSKNGEIKLFFTDVAFYRNSDGTNIKPYDPRIALSVGKVKANKKGVTLTGFNKVTDLLQADGTYYQTGAQNE
FFNFRDPFTFEDPAHPGETFMVFEGNSAMQRETATCNEADLGYRQGDPYAETVDDVNASGATYQIGNVGLAKAKNKQLTE
WEFLPPILSANCVTDQTERPQIYFKDGKSYLFTISHRGTFAAGLDGPEGVYGFVGDGIRSDYQPLNGGSGLALGNPTNLN
FLGGQPFAPDPNQHPGHFQAYSHYVMPGGLVQSYIDTIGTHDDFVRGGTLAPTVKMDIGVGGDSTKTAVDYSYGSEGLGG
WADIPANKHLFTNGKFGVAVSDEAAQKIRKILGSKFDDYLDGKPVSATVRALIEKLLAQYGG
;
_entity_poly.pdbx_strand_id   A,B,C
#
# COMPACT_ATOMS: atom_id res chain seq x y z
N LEU A 4 72.04 -31.83 20.12
CA LEU A 4 71.84 -30.99 21.35
C LEU A 4 73.12 -30.85 22.15
N GLN A 5 73.46 -29.62 22.54
CA GLN A 5 74.47 -29.40 23.55
C GLN A 5 73.88 -29.73 24.91
N ASP A 6 74.76 -29.97 25.87
CA ASP A 6 74.35 -30.26 27.23
C ASP A 6 73.73 -29.01 27.85
N GLY A 7 72.75 -29.23 28.72
CA GLY A 7 71.98 -28.18 29.32
C GLY A 7 70.81 -28.85 29.99
N PRO A 8 69.91 -28.08 30.59
CA PRO A 8 68.83 -28.65 31.37
C PRO A 8 67.80 -29.32 30.48
N GLU A 9 67.00 -30.20 31.06
CA GLU A 9 65.87 -30.76 30.34
C GLU A 9 64.78 -29.68 30.30
N PRO A 10 63.90 -29.72 29.26
CA PRO A 10 62.77 -28.79 29.26
C PRO A 10 61.74 -29.18 30.29
N SER A 11 60.83 -28.26 30.58
CA SER A 11 59.82 -28.51 31.59
C SER A 11 58.81 -29.56 31.14
N ILE A 12 58.14 -30.16 32.13
CA ILE A 12 57.04 -31.08 31.87
C ILE A 12 55.77 -30.25 31.65
N HIS A 13 55.18 -30.35 30.47
CA HIS A 13 53.85 -29.73 30.21
C HIS A 13 52.89 -30.82 29.76
N THR A 14 51.64 -30.73 30.18
CA THR A 14 50.67 -31.78 29.88
C THR A 14 49.74 -31.48 28.72
N GLN A 15 49.64 -30.21 28.34
CA GLN A 15 48.70 -29.76 27.31
C GLN A 15 47.24 -29.82 27.71
N GLN A 16 46.95 -30.13 28.97
CA GLN A 16 45.57 -30.31 29.37
C GLN A 16 44.84 -28.97 29.40
N ALA A 17 43.57 -29.00 28.99
CA ALA A 17 42.77 -27.82 28.79
C ALA A 17 42.02 -27.43 30.06
N TYR A 18 41.82 -26.13 30.26
CA TYR A 18 41.06 -25.60 31.36
C TYR A 18 39.91 -24.80 30.77
N ALA A 19 38.98 -24.35 31.60
CA ALA A 19 37.89 -23.52 31.08
C ALA A 19 38.50 -22.18 30.69
N PRO A 20 37.98 -21.55 29.62
CA PRO A 20 38.45 -20.22 29.26
C PRO A 20 38.45 -19.24 30.43
N GLU A 21 37.47 -19.37 31.32
CA GLU A 21 37.30 -18.43 32.41
C GLU A 21 38.12 -18.81 33.68
N ASP A 22 38.81 -19.95 33.69
CA ASP A 22 39.62 -20.35 34.88
C ASP A 22 40.90 -19.54 35.04
N ASP A 23 41.40 -19.54 36.25
CA ASP A 23 42.63 -18.85 36.58
C ASP A 23 43.81 -19.81 36.52
N PHE A 24 44.09 -20.37 35.33
CA PHE A 24 45.32 -21.12 35.09
C PHE A 24 46.13 -20.46 33.97
N THR A 25 47.39 -20.17 34.24
CA THR A 25 48.26 -19.53 33.25
C THR A 25 49.43 -20.44 32.92
N ALA A 26 49.59 -20.77 31.64
CA ALA A 26 50.76 -21.55 31.20
C ALA A 26 52.05 -20.73 31.35
N LYS A 27 53.16 -21.41 31.58
CA LYS A 27 54.46 -20.74 31.73
C LYS A 27 55.37 -21.21 30.62
N TRP A 28 55.93 -20.27 29.87
CA TRP A 28 57.07 -20.56 29.03
C TRP A 28 58.28 -20.37 29.97
N THR A 29 58.88 -21.49 30.39
CA THR A 29 59.82 -21.48 31.51
C THR A 29 61.24 -21.20 31.07
N ARG A 30 62.12 -20.96 32.06
CA ARG A 30 63.54 -20.78 31.76
C ARG A 30 64.16 -22.06 31.26
N ALA A 31 63.70 -23.19 31.82
CA ALA A 31 64.16 -24.50 31.35
C ALA A 31 63.77 -24.70 29.89
N ASP A 32 62.57 -24.26 29.53
CA ASP A 32 62.09 -24.37 28.14
C ASP A 32 62.95 -23.49 27.22
N ALA A 33 63.03 -22.20 27.54
CA ALA A 33 63.76 -21.22 26.73
C ALA A 33 65.22 -21.63 26.52
N ARG A 34 65.88 -22.16 27.54
CA ARG A 34 67.27 -22.56 27.38
C ARG A 34 67.45 -23.73 26.40
N GLN A 35 66.38 -24.40 26.00
CA GLN A 35 66.51 -25.37 24.90
C GLN A 35 66.94 -24.67 23.57
N LEU A 36 66.71 -23.35 23.48
CA LEU A 36 67.16 -22.60 22.31
C LEU A 36 68.69 -22.64 22.16
N GLN A 37 69.40 -22.47 23.28
CA GLN A 37 70.86 -22.47 23.29
C GLN A 37 71.43 -23.87 23.04
N ARG A 38 70.77 -24.88 23.61
CA ARG A 38 71.15 -26.28 23.35
C ARG A 38 71.03 -26.70 21.88
N MET A 39 70.05 -26.13 21.16
CA MET A 39 69.85 -26.42 19.74
C MET A 39 70.87 -25.71 18.85
N SER A 40 71.57 -24.71 19.40
CA SER A 40 72.48 -23.91 18.57
C SER A 40 73.74 -24.69 18.36
N ASP A 41 74.23 -24.65 17.13
CA ASP A 41 75.51 -25.25 16.76
C ASP A 41 76.65 -24.32 17.23
N PRO A 42 77.45 -24.77 18.20
CA PRO A 42 78.54 -23.93 18.70
C PRO A 42 79.72 -23.83 17.75
N THR A 43 79.73 -24.62 16.67
CA THR A 43 80.81 -24.54 15.66
C THR A 43 80.54 -23.54 14.54
N ALA A 44 79.32 -22.99 14.47
CA ALA A 44 78.92 -22.15 13.33
C ALA A 44 79.81 -20.92 13.17
N PRO A 45 80.46 -20.80 12.01
CA PRO A 45 81.41 -19.70 11.93
C PRO A 45 80.74 -18.35 11.73
N SER A 46 81.54 -17.30 11.79
CA SER A 46 81.12 -15.92 11.56
C SER A 46 80.15 -15.75 10.39
N ARG A 47 79.01 -15.11 10.66
CA ARG A 47 77.99 -14.78 9.63
C ARG A 47 77.19 -15.94 9.11
N GLU A 48 77.41 -17.13 9.61
CA GLU A 48 76.60 -18.23 9.23
C GLU A 48 75.57 -18.55 10.32
N ASN A 49 74.45 -19.18 9.90
CA ASN A 49 73.36 -19.56 10.81
C ASN A 49 73.81 -20.67 11.75
N SER A 50 73.43 -20.57 13.03
CA SER A 50 73.78 -21.64 14.02
C SER A 50 72.57 -22.46 14.45
N MET A 51 71.37 -22.05 14.06
CA MET A 51 70.17 -22.76 14.46
C MET A 51 69.76 -23.77 13.39
N PRO A 52 68.96 -24.77 13.78
CA PRO A 52 68.62 -25.79 12.79
C PRO A 52 67.81 -25.24 11.62
N ALA A 53 68.07 -25.76 10.42
CA ALA A 53 67.41 -25.24 9.23
C ALA A 53 65.90 -25.41 9.27
N SER A 54 65.42 -26.45 9.93
CA SER A 54 63.98 -26.73 9.97
C SER A 54 63.19 -25.70 10.79
N VAL A 55 63.86 -24.91 11.62
CA VAL A 55 63.14 -23.88 12.39
C VAL A 55 63.73 -22.51 12.08
N THR A 56 64.38 -22.40 10.93
CA THR A 56 65.00 -21.14 10.51
C THR A 56 64.34 -20.67 9.20
N MET A 57 63.89 -19.43 9.16
CA MET A 57 63.25 -18.88 7.96
C MET A 57 64.30 -18.85 6.85
N PRO A 58 63.92 -19.26 5.63
CA PRO A 58 64.78 -19.15 4.45
C PRO A 58 65.32 -17.75 4.26
N THR A 59 66.53 -17.66 3.75
CA THR A 59 67.23 -16.39 3.71
C THR A 59 66.66 -15.43 2.65
N VAL A 60 66.36 -14.19 3.04
CA VAL A 60 65.76 -13.22 2.12
C VAL A 60 66.84 -12.39 1.42
N PRO A 61 66.74 -12.25 0.08
CA PRO A 61 67.75 -11.45 -0.60
C PRO A 61 67.73 -9.96 -0.20
N GLN A 62 68.90 -9.36 -0.22
CA GLN A 62 69.08 -7.95 0.15
C GLN A 62 68.61 -7.00 -0.96
N ASP A 63 68.54 -7.52 -2.18
CA ASP A 63 68.07 -6.76 -3.31
C ASP A 63 66.58 -7.09 -3.46
N PHE A 64 65.72 -6.35 -2.74
CA PHE A 64 64.33 -6.72 -2.64
C PHE A 64 63.50 -5.61 -3.24
N PRO A 65 62.34 -5.96 -3.80
CA PRO A 65 61.41 -4.96 -4.30
C PRO A 65 60.63 -4.34 -3.14
N ASP A 66 59.98 -3.21 -3.41
CA ASP A 66 59.21 -2.48 -2.43
C ASP A 66 57.77 -2.47 -2.90
N MET A 67 56.86 -2.82 -1.99
CA MET A 67 55.45 -3.05 -2.28
C MET A 67 54.63 -1.81 -2.56
N SER A 68 55.03 -0.66 -2.01
CA SER A 68 54.34 0.60 -2.21
C SER A 68 55.11 1.53 -3.14
N ASN A 69 56.06 1.01 -3.91
CA ASN A 69 56.97 1.86 -4.72
C ASN A 69 57.55 3.02 -3.90
N GLU A 70 57.90 2.70 -2.65
CA GLU A 70 58.46 3.64 -1.71
C GLU A 70 57.56 4.80 -1.40
N GLN A 71 56.26 4.63 -1.60
CA GLN A 71 55.33 5.72 -1.25
C GLN A 71 55.24 5.88 0.26
N VAL A 72 55.36 4.77 0.97
CA VAL A 72 55.26 4.79 2.44
C VAL A 72 56.18 3.75 3.04
N TRP A 73 56.46 3.87 4.33
CA TRP A 73 57.05 2.77 5.06
C TRP A 73 55.90 1.84 5.48
N VAL A 74 56.05 0.54 5.19
CA VAL A 74 55.07 -0.47 5.57
C VAL A 74 55.71 -1.44 6.54
N TRP A 75 54.98 -1.76 7.62
CA TRP A 75 55.39 -2.88 8.44
C TRP A 75 54.21 -3.76 8.85
N ASP A 76 53.98 -3.96 10.15
CA ASP A 76 52.93 -4.88 10.62
C ASP A 76 51.71 -4.85 9.70
N THR A 77 51.35 -6.02 9.17
CA THR A 77 50.30 -6.17 8.22
C THR A 77 49.32 -7.27 8.63
N TRP A 78 48.03 -7.07 8.39
CA TRP A 78 47.04 -8.12 8.58
C TRP A 78 45.95 -8.25 7.50
N PRO A 79 45.48 -9.49 7.28
CA PRO A 79 44.44 -9.75 6.32
C PRO A 79 43.04 -9.50 6.84
N LEU A 80 42.10 -9.68 5.95
CA LEU A 80 40.68 -9.62 6.24
C LEU A 80 40.22 -11.04 6.52
N THR A 81 39.68 -11.30 7.72
CA THR A 81 39.42 -12.67 8.13
C THR A 81 38.00 -12.88 8.70
N ASP A 82 37.61 -14.15 8.80
CA ASP A 82 36.45 -14.52 9.60
C ASP A 82 36.93 -15.04 10.95
N GLU A 83 36.02 -15.71 11.64
CA GLU A 83 36.18 -16.14 13.01
C GLU A 83 37.06 -17.39 13.12
N ASP A 84 37.35 -18.00 11.97
CA ASP A 84 38.25 -19.14 11.91
C ASP A 84 39.57 -18.70 11.26
N ALA A 85 39.78 -17.39 11.08
CA ALA A 85 41.01 -16.85 10.48
C ALA A 85 41.21 -17.21 9.01
N ASN A 86 40.15 -17.65 8.33
CA ASN A 86 40.19 -17.74 6.87
C ASN A 86 40.32 -16.33 6.33
N GLN A 87 40.94 -16.19 5.16
CA GLN A 87 41.29 -14.90 4.58
C GLN A 87 40.45 -14.64 3.34
N TYR A 88 39.85 -13.45 3.28
CA TYR A 88 38.81 -13.11 2.31
C TYR A 88 39.16 -12.04 1.32
N SER A 89 38.75 -12.27 0.08
CA SER A 89 38.56 -11.21 -0.90
C SER A 89 37.10 -10.78 -0.83
N VAL A 90 36.82 -9.60 -1.37
CA VAL A 90 35.47 -9.08 -1.45
C VAL A 90 35.29 -8.60 -2.88
N ASN A 91 34.32 -9.21 -3.56
CA ASN A 91 33.99 -8.84 -4.92
C ASN A 91 35.22 -8.81 -5.86
N GLY A 92 36.12 -9.78 -5.66
CA GLY A 92 37.28 -9.91 -6.53
C GLY A 92 38.54 -9.21 -6.05
N TRP A 93 38.50 -8.47 -4.94
CA TRP A 93 39.69 -7.86 -4.39
C TRP A 93 40.16 -8.47 -3.07
N GLU A 94 41.45 -8.85 -3.02
CA GLU A 94 42.15 -9.13 -1.78
C GLU A 94 42.46 -7.79 -1.11
N ILE A 95 42.33 -7.76 0.20
CA ILE A 95 42.44 -6.50 0.94
C ILE A 95 43.26 -6.77 2.19
N ILE A 96 44.28 -5.95 2.40
CA ILE A 96 45.07 -6.02 3.63
C ILE A 96 45.13 -4.65 4.35
N PHE A 97 45.38 -4.72 5.65
CA PHE A 97 45.68 -3.57 6.48
C PHE A 97 47.13 -3.60 6.93
N SER A 98 47.77 -2.43 6.92
CA SER A 98 49.19 -2.30 7.30
C SER A 98 49.45 -1.05 8.12
N LEU A 99 50.36 -1.16 9.06
CA LEU A 99 50.97 0.02 9.67
C LEU A 99 51.81 0.73 8.60
N VAL A 100 51.54 2.01 8.39
CA VAL A 100 52.30 2.84 7.48
C VAL A 100 52.79 4.12 8.16
N ALA A 101 53.93 4.62 7.69
CA ALA A 101 54.42 5.91 8.08
C ALA A 101 55.00 6.65 6.88
N ASP A 102 55.09 7.96 7.05
CA ASP A 102 55.72 8.84 6.05
C ASP A 102 57.12 8.36 5.74
N ARG A 103 57.41 8.15 4.46
CA ARG A 103 58.69 7.59 4.00
C ARG A 103 59.89 8.50 4.32
N ASN A 104 59.61 9.80 4.52
CA ASN A 104 60.63 10.77 4.77
C ASN A 104 61.09 10.85 6.24
N LEU A 105 60.44 10.06 7.09
CA LEU A 105 60.90 9.87 8.46
C LEU A 105 61.97 8.79 8.45
N GLY A 106 62.93 8.90 9.36
CA GLY A 106 63.83 7.79 9.61
C GLY A 106 63.04 6.54 9.98
N PHE A 107 63.46 5.39 9.47
CA PHE A 107 62.68 4.18 9.69
C PHE A 107 62.42 3.89 11.19
N ASP A 108 63.43 4.13 12.02
CA ASP A 108 63.34 3.87 13.45
C ASP A 108 62.45 4.85 14.19
N ASP A 109 61.96 5.87 13.49
CA ASP A 109 61.10 6.88 14.12
C ASP A 109 59.65 6.75 13.68
N ARG A 110 59.36 5.68 12.93
CA ARG A 110 58.03 5.41 12.40
C ARG A 110 56.98 5.12 13.51
N HIS A 111 57.45 4.60 14.62
CA HIS A 111 56.54 4.08 15.65
C HIS A 111 55.59 5.15 16.18
N VAL A 112 56.07 6.37 16.38
CA VAL A 112 55.24 7.44 16.97
C VAL A 112 54.44 8.20 15.94
N PHE A 113 54.63 7.86 14.66
CA PHE A 113 53.88 8.45 13.57
C PHE A 113 53.10 7.39 12.78
N ALA A 114 52.96 6.18 13.33
CA ALA A 114 52.23 5.06 12.69
C ALA A 114 50.74 5.30 12.52
N LYS A 115 50.24 4.97 11.34
CA LYS A 115 48.84 5.00 11.04
C LYS A 115 48.52 3.70 10.30
N ILE A 116 47.24 3.35 10.27
CA ILE A 116 46.76 2.19 9.52
C ILE A 116 46.33 2.60 8.10
N GLY A 117 46.91 1.94 7.13
CA GLY A 117 46.55 2.12 5.75
C GLY A 117 46.10 0.76 5.22
N TYR A 118 45.76 0.73 3.94
CA TYR A 118 45.28 -0.49 3.31
C TYR A 118 45.79 -0.58 1.90
N PHE A 119 45.95 -1.83 1.46
CA PHE A 119 46.29 -2.12 0.10
C PHE A 119 45.26 -3.11 -0.47
N TYR A 120 45.25 -3.22 -1.79
CA TYR A 120 44.41 -4.17 -2.42
C TYR A 120 44.96 -4.55 -3.77
N ARG A 121 44.59 -5.76 -4.19
CA ARG A 121 44.93 -6.31 -5.48
C ARG A 121 43.84 -7.34 -5.85
N PRO A 122 43.76 -7.68 -7.12
CA PRO A 122 42.71 -8.60 -7.50
C PRO A 122 43.02 -10.00 -6.98
N ALA A 123 41.96 -10.71 -6.59
CA ALA A 123 42.04 -12.11 -6.15
C ALA A 123 42.27 -13.04 -7.33
N GLY A 124 42.69 -14.27 -7.05
CA GLY A 124 42.70 -15.31 -8.08
C GLY A 124 43.93 -15.35 -9.00
N VAL A 125 44.93 -14.51 -8.74
CA VAL A 125 46.12 -14.48 -9.53
C VAL A 125 47.24 -15.21 -8.77
N PRO A 126 47.83 -16.24 -9.39
CA PRO A 126 48.91 -16.95 -8.73
C PRO A 126 50.09 -16.03 -8.48
N ALA A 127 50.79 -16.25 -7.39
CA ALA A 127 51.89 -15.41 -6.96
C ALA A 127 52.86 -15.14 -8.12
N ALA A 128 53.15 -16.21 -8.87
CA ALA A 128 54.14 -16.21 -9.92
C ALA A 128 53.73 -15.31 -11.07
N GLU A 129 52.45 -14.98 -11.16
CA GLU A 129 51.97 -14.15 -12.28
C GLU A 129 51.72 -12.67 -11.91
N ARG A 130 51.96 -12.33 -10.64
CA ARG A 130 51.89 -10.94 -10.17
C ARG A 130 53.14 -10.18 -10.56
N PRO A 131 53.09 -8.83 -10.49
CA PRO A 131 54.35 -8.10 -10.50
C PRO A 131 55.26 -8.58 -9.37
N GLU A 132 56.57 -8.46 -9.60
CA GLU A 132 57.58 -8.86 -8.64
C GLU A 132 57.26 -8.39 -7.23
N ASN A 133 56.75 -7.16 -7.11
CA ASN A 133 56.53 -6.55 -5.84
C ASN A 133 55.23 -6.98 -5.16
N GLY A 134 54.56 -8.01 -5.66
CA GLY A 134 53.27 -8.48 -5.10
C GLY A 134 52.06 -7.83 -5.74
N GLY A 135 52.26 -6.72 -6.45
CA GLY A 135 51.17 -6.11 -7.24
C GLY A 135 50.05 -5.52 -6.41
N TRP A 136 50.36 -5.06 -5.20
CA TRP A 136 49.37 -4.35 -4.38
C TRP A 136 49.24 -2.92 -4.79
N THR A 137 48.03 -2.38 -4.64
CA THR A 137 47.74 -0.95 -4.85
C THR A 137 47.50 -0.34 -3.49
N TYR A 138 48.19 0.77 -3.22
CA TYR A 138 48.02 1.46 -1.97
C TYR A 138 46.73 2.29 -1.98
N GLY A 139 45.83 2.01 -1.06
CA GLY A 139 44.55 2.74 -0.96
C GLY A 139 44.58 3.93 -0.01
N GLY A 140 45.71 4.12 0.67
CA GLY A 140 45.86 5.28 1.56
C GLY A 140 45.45 4.95 2.98
N LEU A 141 45.19 5.99 3.77
CA LEU A 141 44.85 5.79 5.17
C LEU A 141 43.38 5.44 5.39
N VAL A 142 43.17 4.63 6.43
CA VAL A 142 41.82 4.20 6.85
C VAL A 142 41.08 5.34 7.51
N PHE A 143 41.74 6.00 8.46
CA PHE A 143 41.08 6.97 9.35
C PHE A 143 41.28 8.43 8.93
N LYS A 144 40.18 9.15 8.80
CA LYS A 144 40.20 10.61 8.78
C LYS A 144 40.98 11.14 9.99
N GLU A 145 41.65 12.28 9.76
CA GLU A 145 42.46 12.92 10.80
C GLU A 145 41.53 13.28 11.98
N GLY A 146 42.02 13.05 13.20
CA GLY A 146 41.27 13.38 14.40
C GLY A 146 40.49 12.25 15.06
N VAL A 147 39.92 11.36 14.24
CA VAL A 147 38.98 10.34 14.69
C VAL A 147 39.52 9.46 15.82
N THR A 148 40.73 8.93 15.64
CA THR A 148 41.27 7.93 16.56
C THR A 148 41.63 8.52 17.93
N GLY A 149 41.88 9.83 17.99
CA GLY A 149 42.17 10.51 19.24
C GLY A 149 40.99 10.70 20.18
N GLN A 150 39.78 10.43 19.72
CA GLN A 150 38.60 10.90 20.44
C GLN A 150 38.27 10.10 21.71
N ILE A 151 38.81 8.88 21.83
CA ILE A 151 38.60 8.08 23.02
C ILE A 151 39.42 8.50 24.22
N PHE A 152 40.37 9.42 24.05
CA PHE A 152 41.23 9.82 25.18
C PHE A 152 40.69 11.04 25.95
N GLU A 153 40.62 10.91 27.27
CA GLU A 153 40.17 12.01 28.13
C GLU A 153 41.20 13.15 28.07
N ASP A 154 42.43 12.82 28.39
CA ASP A 154 43.54 13.76 28.28
C ASP A 154 43.91 13.97 26.81
N GLN A 155 43.41 15.05 26.22
CA GLN A 155 43.65 15.39 24.82
C GLN A 155 44.97 16.12 24.53
N SER A 156 45.86 16.19 25.53
CA SER A 156 47.13 16.93 25.43
C SER A 156 48.32 16.11 24.85
N PHE A 157 48.04 14.98 24.21
CA PHE A 157 49.08 14.10 23.68
C PHE A 157 49.97 14.79 22.66
N SER A 158 51.26 14.47 22.71
CA SER A 158 52.19 14.98 21.72
C SER A 158 52.14 14.11 20.44
N HIS A 159 51.90 12.82 20.61
CA HIS A 159 51.76 11.89 19.48
C HIS A 159 50.54 10.98 19.68
N GLN A 160 49.91 10.63 18.58
CA GLN A 160 48.74 9.78 18.56
C GLN A 160 48.84 8.83 17.35
N THR A 161 48.93 7.54 17.62
CA THR A 161 49.17 6.52 16.61
C THR A 161 48.16 5.39 16.66
N GLN A 162 48.13 4.67 15.53
CA GLN A 162 47.33 3.48 15.36
C GLN A 162 48.32 2.35 15.15
N TRP A 163 48.30 1.38 16.06
CA TRP A 163 49.17 0.24 16.01
C TRP A 163 48.42 -1.07 15.73
N THR A 164 49.18 -2.15 15.67
CA THR A 164 48.73 -3.47 15.21
C THR A 164 47.39 -4.04 15.72
N GLY A 165 46.73 -4.78 14.84
CA GLY A 165 45.44 -5.37 15.14
C GLY A 165 45.05 -6.56 14.28
N SER A 166 43.77 -6.57 13.91
CA SER A 166 43.15 -7.64 13.15
C SER A 166 41.87 -7.04 12.56
N ALA A 167 41.35 -7.63 11.50
CA ALA A 167 40.14 -7.12 10.81
C ALA A 167 39.19 -8.28 10.50
N ARG A 168 37.97 -8.17 11.01
CA ARG A 168 36.99 -9.22 10.82
C ARG A 168 35.92 -8.76 9.83
N VAL A 169 35.67 -9.59 8.82
CA VAL A 169 34.73 -9.23 7.76
C VAL A 169 33.43 -10.00 7.94
N SER A 170 32.33 -9.34 7.67
CA SER A 170 31.01 -9.97 7.63
C SER A 170 30.62 -10.28 6.18
N LYS A 171 29.57 -11.07 6.02
CA LYS A 171 29.19 -11.53 4.70
C LYS A 171 28.76 -10.37 3.76
N ASN A 172 28.50 -9.19 4.34
CA ASN A 172 28.05 -8.02 3.60
C ASN A 172 29.12 -6.95 3.31
N GLY A 173 30.39 -7.33 3.48
CA GLY A 173 31.48 -6.41 3.29
C GLY A 173 31.77 -5.45 4.45
N GLU A 174 31.00 -5.53 5.53
CA GLU A 174 31.29 -4.76 6.73
C GLU A 174 32.59 -5.27 7.30
N ILE A 175 33.38 -4.35 7.82
CA ILE A 175 34.64 -4.67 8.50
C ILE A 175 34.64 -4.17 9.92
N LYS A 176 35.02 -5.04 10.86
CA LYS A 176 35.31 -4.64 12.22
C LYS A 176 36.82 -4.64 12.37
N LEU A 177 37.40 -3.45 12.44
CA LEU A 177 38.84 -3.27 12.54
C LEU A 177 39.23 -3.16 14.02
N PHE A 178 39.85 -4.20 14.56
CA PHE A 178 40.40 -4.18 15.90
C PHE A 178 41.84 -3.72 15.82
N PHE A 179 42.22 -2.74 16.65
CA PHE A 179 43.57 -2.14 16.53
C PHE A 179 44.02 -1.54 17.85
N THR A 180 45.29 -1.19 17.94
CA THR A 180 45.81 -0.61 19.17
C THR A 180 45.89 0.90 19.00
N ASP A 181 45.11 1.63 19.80
CA ASP A 181 44.95 3.07 19.66
C ASP A 181 45.80 3.66 20.76
N VAL A 182 46.79 4.46 20.38
CA VAL A 182 47.82 4.85 21.32
C VAL A 182 47.97 6.39 21.41
N ALA A 183 48.02 6.89 22.64
CA ALA A 183 48.43 8.29 22.92
C ALA A 183 49.73 8.33 23.72
N PHE A 184 50.61 9.24 23.34
CA PHE A 184 51.87 9.47 24.02
C PHE A 184 51.85 10.89 24.53
N TYR A 185 52.52 11.12 25.65
CA TYR A 185 52.60 12.45 26.25
C TYR A 185 54.07 12.70 26.60
N ARG A 186 54.77 13.34 25.65
CA ARG A 186 56.25 13.32 25.64
C ARG A 186 56.94 14.67 25.64
N ASN A 187 58.20 14.62 26.11
CA ASN A 187 59.17 15.70 26.00
C ASN A 187 59.97 15.52 24.74
N SER A 188 60.57 16.63 24.30
CA SER A 188 61.43 16.68 23.13
C SER A 188 62.63 15.70 23.07
N ASP A 189 63.05 15.12 24.20
CA ASP A 189 64.23 14.21 24.19
C ASP A 189 63.92 12.69 24.33
N GLY A 190 62.70 12.27 24.00
CA GLY A 190 62.27 10.85 24.07
C GLY A 190 61.85 10.37 25.46
N THR A 191 61.66 11.32 26.37
CA THR A 191 61.25 11.06 27.74
C THR A 191 59.80 11.49 27.93
N ASN A 192 59.13 10.74 28.80
CA ASN A 192 57.69 10.88 29.04
C ASN A 192 57.32 11.94 30.09
N ILE A 193 56.23 12.65 29.87
CA ILE A 193 55.63 13.49 30.90
C ILE A 193 54.81 12.59 31.82
N LYS A 194 54.30 11.49 31.27
CA LYS A 194 53.56 10.46 31.98
C LYS A 194 53.54 9.18 31.10
N PRO A 195 53.15 8.03 31.68
CA PRO A 195 53.20 6.83 30.83
C PRO A 195 52.25 6.91 29.63
N TYR A 196 52.66 6.27 28.53
CA TYR A 196 51.83 6.24 27.33
C TYR A 196 50.55 5.42 27.61
N ASP A 197 49.60 5.51 26.71
CA ASP A 197 48.27 5.03 26.97
C ASP A 197 47.83 4.26 25.73
N PRO A 198 48.15 2.96 25.67
CA PRO A 198 47.74 2.09 24.60
C PRO A 198 46.44 1.37 24.89
N ARG A 199 45.47 1.51 24.00
CA ARG A 199 44.16 0.90 24.20
C ARG A 199 43.75 -0.04 23.07
N ILE A 200 43.07 -1.12 23.43
CA ILE A 200 42.47 -1.99 22.44
C ILE A 200 41.13 -1.39 22.08
N ALA A 201 40.97 -1.14 20.77
CA ALA A 201 39.84 -0.43 20.24
C ALA A 201 39.29 -1.09 19.00
N LEU A 202 38.14 -0.58 18.56
CA LEU A 202 37.40 -1.08 17.41
C LEU A 202 36.82 0.07 16.64
N SER A 203 36.87 -0.04 15.32
CA SER A 203 36.15 0.85 14.43
C SER A 203 35.53 0.06 13.31
N VAL A 204 34.30 0.45 12.95
CA VAL A 204 33.52 -0.25 11.97
C VAL A 204 33.44 0.56 10.67
N GLY A 205 33.58 -0.14 9.55
CA GLY A 205 33.51 0.45 8.23
C GLY A 205 32.99 -0.60 7.27
N LYS A 206 33.24 -0.40 5.97
CA LYS A 206 32.67 -1.25 4.96
C LYS A 206 33.42 -1.13 3.64
N VAL A 207 33.59 -2.25 2.94
CA VAL A 207 34.26 -2.21 1.65
C VAL A 207 33.26 -1.84 0.55
N LYS A 208 33.65 -0.87 -0.28
CA LYS A 208 32.93 -0.55 -1.54
C LYS A 208 33.92 -0.80 -2.67
N ALA A 209 33.54 -1.67 -3.60
CA ALA A 209 34.42 -2.12 -4.66
C ALA A 209 33.80 -1.98 -6.03
N ASN A 210 34.68 -1.96 -7.03
CA ASN A 210 34.30 -2.03 -8.44
C ASN A 210 35.51 -2.38 -9.30
N LYS A 211 35.37 -2.30 -10.62
CA LYS A 211 36.49 -2.63 -11.52
C LYS A 211 37.70 -1.78 -11.26
N LYS A 212 37.51 -0.55 -10.85
CA LYS A 212 38.63 0.37 -10.68
C LYS A 212 39.32 0.23 -9.34
N GLY A 213 38.74 -0.53 -8.40
CA GLY A 213 39.41 -0.75 -7.12
C GLY A 213 38.49 -0.75 -5.91
N VAL A 214 39.11 -0.68 -4.76
CA VAL A 214 38.42 -0.69 -3.50
C VAL A 214 38.57 0.67 -2.86
N THR A 215 37.48 1.17 -2.28
CA THR A 215 37.58 2.21 -1.30
C THR A 215 36.84 1.73 -0.02
N LEU A 216 37.19 2.32 1.12
CA LEU A 216 36.57 1.99 2.38
C LEU A 216 35.70 3.14 2.85
N THR A 217 34.47 2.82 3.27
CA THR A 217 33.59 3.79 3.93
C THR A 217 33.49 3.51 5.40
N GLY A 218 33.05 4.53 6.15
CA GLY A 218 32.87 4.45 7.59
C GLY A 218 34.20 4.66 8.27
N PHE A 219 34.47 3.91 9.33
CA PHE A 219 35.68 4.09 10.14
C PHE A 219 35.76 5.52 10.68
N ASN A 220 34.61 6.16 10.85
CA ASN A 220 34.52 7.53 11.34
C ASN A 220 34.26 7.61 12.84
N LYS A 221 34.18 6.47 13.53
CA LYS A 221 34.05 6.44 14.99
C LYS A 221 34.77 5.23 15.58
N VAL A 222 35.37 5.43 16.73
CA VAL A 222 36.15 4.41 17.42
C VAL A 222 35.53 4.15 18.78
N THR A 223 35.35 2.86 19.10
CA THR A 223 34.95 2.43 20.43
C THR A 223 36.13 1.88 21.23
N ASP A 224 36.30 2.44 22.44
CA ASP A 224 37.30 1.99 23.41
C ASP A 224 36.87 0.66 24.01
N LEU A 225 37.63 -0.40 23.74
CA LEU A 225 37.27 -1.73 24.22
C LEU A 225 37.96 -2.13 25.54
N LEU A 226 39.28 -2.09 25.58
CA LEU A 226 40.04 -2.54 26.76
C LEU A 226 41.28 -1.70 27.00
N GLN A 227 41.61 -1.51 28.28
CA GLN A 227 42.86 -0.93 28.69
C GLN A 227 43.38 -1.73 29.87
N ALA A 228 44.70 -1.82 30.00
CA ALA A 228 45.31 -2.63 31.08
C ALA A 228 44.67 -2.33 32.43
N ASP A 229 44.40 -3.40 33.19
CA ASP A 229 43.67 -3.33 34.47
C ASP A 229 44.57 -3.25 35.73
N GLY A 230 45.68 -3.98 35.74
CA GLY A 230 46.60 -4.00 36.88
C GLY A 230 46.42 -5.20 37.81
N THR A 231 45.44 -6.03 37.54
CA THR A 231 45.38 -7.32 38.23
C THR A 231 45.83 -8.45 37.33
N TYR A 232 45.37 -8.42 36.08
CA TYR A 232 45.84 -9.39 35.08
C TYR A 232 46.93 -8.81 34.18
N TYR A 233 46.75 -7.57 33.72
CA TYR A 233 47.70 -6.97 32.76
C TYR A 233 48.34 -5.73 33.34
N GLN A 234 49.65 -5.64 33.18
CA GLN A 234 50.40 -4.55 33.77
C GLN A 234 49.96 -3.19 33.24
N THR A 235 49.97 -2.21 34.12
CA THR A 235 49.60 -0.86 33.77
C THR A 235 50.84 0.01 33.73
N GLY A 236 50.67 1.20 33.18
CA GLY A 236 51.69 2.23 33.20
C GLY A 236 52.10 2.70 34.58
N ALA A 237 51.20 2.63 35.55
CA ALA A 237 51.55 2.93 36.95
C ALA A 237 52.49 1.87 37.51
N GLN A 238 52.35 0.64 37.04
CA GLN A 238 53.24 -0.45 37.48
C GLN A 238 54.53 -0.47 36.67
N ASN A 239 54.45 0.00 35.42
CA ASN A 239 55.63 0.02 34.53
C ASN A 239 55.37 0.98 33.40
N GLU A 240 56.15 2.05 33.40
CA GLU A 240 56.06 3.10 32.40
C GLU A 240 56.11 2.58 30.98
N PHE A 241 56.83 1.49 30.77
CA PHE A 241 57.09 0.95 29.43
C PHE A 241 56.34 -0.36 29.24
N PHE A 242 55.22 -0.48 29.94
CA PHE A 242 54.36 -1.64 29.81
C PHE A 242 53.89 -1.87 28.36
N ASN A 243 53.72 -3.14 28.02
CA ASN A 243 53.18 -3.57 26.74
C ASN A 243 51.72 -3.91 26.90
N PHE A 244 50.90 -3.47 25.97
CA PHE A 244 49.48 -3.82 25.94
C PHE A 244 49.00 -3.47 24.54
N ARG A 245 48.87 -4.48 23.70
CA ARG A 245 48.59 -4.27 22.31
C ARG A 245 48.27 -5.58 21.58
N ASP A 246 47.89 -5.42 20.30
CA ASP A 246 47.79 -6.48 19.29
C ASP A 246 46.58 -7.44 19.44
N PRO A 247 45.35 -6.91 19.36
CA PRO A 247 44.18 -7.79 19.48
C PRO A 247 44.00 -8.71 18.26
N PHE A 248 43.80 -9.99 18.53
CA PHE A 248 43.46 -11.00 17.53
C PHE A 248 42.19 -11.71 18.02
N THR A 249 41.10 -11.56 17.30
CA THR A 249 39.85 -12.19 17.69
C THR A 249 39.60 -13.47 16.86
N PHE A 250 38.82 -14.39 17.42
CA PHE A 250 38.52 -15.67 16.81
C PHE A 250 37.35 -16.36 17.54
N GLU A 251 36.86 -17.44 16.96
CA GLU A 251 35.93 -18.32 17.63
C GLU A 251 36.63 -19.62 17.96
N ASP A 252 36.41 -20.14 19.15
CA ASP A 252 36.93 -21.46 19.55
C ASP A 252 35.86 -22.49 19.17
N PRO A 253 36.22 -23.49 18.34
CA PRO A 253 35.35 -24.64 18.02
C PRO A 253 34.78 -25.38 19.24
N ALA A 254 35.53 -25.42 20.33
CA ALA A 254 35.03 -25.95 21.58
C ALA A 254 33.94 -25.06 22.22
N HIS A 255 33.86 -23.78 21.88
CA HIS A 255 32.88 -22.86 22.50
C HIS A 255 32.10 -21.99 21.50
N PRO A 256 31.33 -22.63 20.59
CA PRO A 256 30.56 -21.90 19.58
C PRO A 256 29.62 -20.86 20.19
N GLY A 257 29.35 -19.77 19.47
CA GLY A 257 28.51 -18.69 19.99
C GLY A 257 29.21 -17.64 20.85
N GLU A 258 30.49 -17.84 21.15
CA GLU A 258 31.26 -16.88 21.93
C GLU A 258 32.45 -16.39 21.09
N THR A 259 32.88 -15.14 21.30
CA THR A 259 34.08 -14.66 20.64
C THR A 259 35.17 -14.30 21.66
N PHE A 260 36.37 -14.77 21.39
CA PHE A 260 37.54 -14.48 22.21
C PHE A 260 38.56 -13.57 21.47
N MET A 261 39.55 -13.15 22.24
CA MET A 261 40.61 -12.26 21.77
C MET A 261 41.88 -12.57 22.52
N VAL A 262 42.99 -12.67 21.79
CA VAL A 262 44.29 -12.68 22.45
C VAL A 262 45.02 -11.37 22.12
N PHE A 263 45.90 -10.98 23.02
CA PHE A 263 46.66 -9.75 22.88
C PHE A 263 47.93 -9.88 23.75
N GLU A 264 48.87 -8.95 23.56
CA GLU A 264 50.09 -8.93 24.35
C GLU A 264 49.87 -8.06 25.54
N GLY A 265 50.33 -8.53 26.69
CA GLY A 265 50.49 -7.64 27.86
C GLY A 265 51.77 -7.98 28.59
N ASN A 266 51.89 -7.49 29.83
CA ASN A 266 52.90 -7.97 30.76
C ASN A 266 52.17 -8.51 31.99
N SER A 267 52.80 -9.44 32.71
CA SER A 267 52.29 -9.85 34.01
C SER A 267 52.16 -8.62 34.90
N ALA A 268 51.10 -8.57 35.68
CA ALA A 268 50.78 -7.35 36.43
C ALA A 268 51.56 -7.31 37.75
N MET A 269 52.83 -6.92 37.65
CA MET A 269 53.72 -6.75 38.79
C MET A 269 54.27 -5.32 38.78
N GLN A 270 54.51 -4.80 39.97
CA GLN A 270 55.25 -3.57 40.13
C GLN A 270 56.69 -3.81 39.61
N ARG A 271 57.09 -3.03 38.61
CA ARG A 271 58.42 -3.16 37.98
C ARG A 271 59.62 -3.43 38.90
N GLU A 272 59.84 -2.59 39.90
CA GLU A 272 61.07 -2.69 40.70
C GLU A 272 61.04 -3.75 41.83
N THR A 273 59.84 -4.26 42.15
CA THR A 273 59.71 -5.32 43.14
C THR A 273 59.25 -6.66 42.53
N ALA A 274 59.22 -6.73 41.21
CA ALA A 274 58.81 -7.93 40.50
C ALA A 274 59.72 -9.11 40.81
N THR A 275 59.12 -10.31 40.89
CA THR A 275 59.88 -11.52 41.19
C THR A 275 59.35 -12.72 40.42
N CYS A 276 60.19 -13.75 40.32
CA CYS A 276 59.83 -15.01 39.71
C CYS A 276 59.94 -16.11 40.74
N ASN A 277 59.39 -17.28 40.43
CA ASN A 277 59.38 -18.40 41.35
C ASN A 277 59.87 -19.68 40.72
N GLU A 278 59.75 -20.79 41.45
CA GLU A 278 60.28 -22.07 40.99
C GLU A 278 59.61 -22.55 39.73
N ALA A 279 58.32 -22.27 39.61
CA ALA A 279 57.55 -22.69 38.44
C ALA A 279 57.97 -21.89 37.17
N ASP A 280 58.28 -20.60 37.35
CA ASP A 280 58.79 -19.77 36.24
C ASP A 280 60.08 -20.36 35.71
N LEU A 281 60.93 -20.83 36.62
CA LEU A 281 62.18 -21.49 36.27
C LEU A 281 61.91 -22.85 35.62
N GLY A 282 61.04 -23.66 36.23
CA GLY A 282 60.54 -24.90 35.62
C GLY A 282 61.47 -26.09 35.48
N TYR A 283 62.53 -26.16 36.29
CA TYR A 283 63.46 -27.30 36.16
C TYR A 283 62.86 -28.59 36.77
N ARG A 284 63.16 -29.73 36.16
CA ARG A 284 62.86 -31.03 36.73
C ARG A 284 63.74 -31.25 37.95
N GLN A 285 63.14 -31.77 39.02
CA GLN A 285 63.85 -32.02 40.28
C GLN A 285 65.17 -32.73 40.02
N GLY A 286 66.23 -32.29 40.68
CA GLY A 286 67.54 -32.88 40.51
C GLY A 286 68.29 -32.61 39.21
N ASP A 287 67.76 -31.75 38.32
CA ASP A 287 68.47 -31.43 37.08
C ASP A 287 69.77 -30.65 37.37
N PRO A 288 70.93 -31.22 37.01
CA PRO A 288 72.20 -30.56 37.36
C PRO A 288 72.37 -29.13 36.82
N TYR A 289 71.66 -28.79 35.74
CA TYR A 289 71.74 -27.43 35.16
C TYR A 289 70.71 -26.46 35.74
N ALA A 290 70.09 -26.82 36.86
CA ALA A 290 69.03 -26.01 37.48
C ALA A 290 69.59 -24.72 38.07
N GLU A 291 68.80 -23.66 38.01
CA GLU A 291 69.17 -22.40 38.60
C GLU A 291 68.41 -22.26 39.90
N THR A 292 68.89 -21.40 40.78
CA THR A 292 68.12 -21.08 41.99
C THR A 292 67.30 -19.83 41.74
N VAL A 293 66.19 -19.77 42.45
CA VAL A 293 65.29 -18.65 42.38
C VAL A 293 66.03 -17.37 42.76
N ASP A 294 66.91 -17.47 43.76
CA ASP A 294 67.71 -16.33 44.21
C ASP A 294 68.61 -15.75 43.11
N ASP A 295 69.31 -16.61 42.38
CA ASP A 295 70.23 -16.16 41.33
C ASP A 295 69.45 -15.47 40.19
N VAL A 296 68.35 -16.09 39.77
CA VAL A 296 67.51 -15.50 38.73
C VAL A 296 66.93 -14.13 39.15
N ASN A 297 66.41 -14.02 40.37
CA ASN A 297 65.78 -12.76 40.80
C ASN A 297 66.80 -11.65 41.05
N ALA A 298 68.05 -12.04 41.27
CA ALA A 298 69.12 -11.05 41.40
C ALA A 298 69.73 -10.66 40.03
N SER A 299 69.38 -11.38 38.97
CA SER A 299 70.10 -11.25 37.68
C SER A 299 69.66 -10.07 36.80
N GLY A 300 68.48 -9.55 37.05
CA GLY A 300 67.83 -8.60 36.15
C GLY A 300 66.66 -9.22 35.39
N ALA A 301 66.62 -10.55 35.38
CA ALA A 301 65.58 -11.30 34.64
C ALA A 301 64.15 -10.87 34.95
N THR A 302 63.91 -10.37 36.16
CA THR A 302 62.58 -9.95 36.61
C THR A 302 62.05 -8.71 35.90
N TYR A 303 62.92 -8.02 35.16
CA TYR A 303 62.46 -6.97 34.27
C TYR A 303 61.76 -7.51 33.01
N GLN A 304 61.89 -8.82 32.77
CA GLN A 304 61.30 -9.43 31.59
C GLN A 304 60.09 -10.29 31.97
N ILE A 305 58.89 -9.71 31.97
CA ILE A 305 57.65 -10.41 32.44
C ILE A 305 56.47 -10.29 31.48
N GLY A 306 56.68 -10.68 30.23
CA GLY A 306 55.67 -10.54 29.22
C GLY A 306 54.60 -11.60 29.38
N ASN A 307 53.39 -11.28 28.93
CA ASN A 307 52.35 -12.29 28.88
C ASN A 307 51.44 -12.18 27.67
N VAL A 308 50.62 -13.20 27.50
CA VAL A 308 49.60 -13.23 26.48
C VAL A 308 48.24 -13.24 27.18
N GLY A 309 47.41 -12.25 26.86
CA GLY A 309 46.12 -12.05 27.49
C GLY A 309 44.99 -12.68 26.71
N LEU A 310 43.88 -12.91 27.40
CA LEU A 310 42.66 -13.45 26.79
C LEU A 310 41.53 -12.59 27.24
N ALA A 311 40.61 -12.28 26.32
CA ALA A 311 39.38 -11.58 26.68
C ALA A 311 38.20 -12.26 25.99
N LYS A 312 37.00 -12.03 26.53
CA LYS A 312 35.76 -12.59 25.97
C LYS A 312 34.79 -11.48 25.58
N ALA A 313 34.15 -11.63 24.43
CA ALA A 313 33.16 -10.65 23.98
C ALA A 313 31.84 -10.79 24.73
N LYS A 314 31.20 -9.70 25.08
CA LYS A 314 29.94 -9.72 25.83
C LYS A 314 28.69 -9.51 24.98
N ASN A 315 28.86 -9.32 23.68
CA ASN A 315 27.72 -9.20 22.78
C ASN A 315 28.18 -9.50 21.37
N LYS A 316 27.24 -9.62 20.46
CA LYS A 316 27.54 -10.12 19.13
C LYS A 316 28.15 -9.06 18.26
N GLN A 317 27.96 -7.80 18.62
CA GLN A 317 28.57 -6.68 17.90
C GLN A 317 30.06 -6.51 18.25
N LEU A 318 30.53 -7.27 19.24
CA LEU A 318 31.91 -7.28 19.71
C LEU A 318 32.34 -5.89 20.17
N THR A 319 31.39 -5.15 20.73
CA THR A 319 31.60 -3.78 21.15
C THR A 319 31.94 -3.66 22.63
N GLU A 320 31.86 -4.76 23.38
CA GLU A 320 32.19 -4.76 24.80
C GLU A 320 32.82 -6.07 25.18
N TRP A 321 33.81 -5.98 26.04
CA TRP A 321 34.65 -7.13 26.29
C TRP A 321 35.01 -7.23 27.74
N GLU A 322 35.33 -8.45 28.16
CA GLU A 322 35.74 -8.74 29.53
C GLU A 322 37.10 -9.47 29.54
N PHE A 323 38.04 -8.95 30.31
CA PHE A 323 39.30 -9.63 30.52
C PHE A 323 39.06 -10.98 31.18
N LEU A 324 39.88 -11.96 30.80
CA LEU A 324 40.01 -13.19 31.52
C LEU A 324 41.49 -13.37 31.91
N PRO A 325 41.77 -14.36 32.75
CA PRO A 325 43.17 -14.53 33.15
C PRO A 325 44.13 -14.79 31.96
N PRO A 326 45.40 -14.38 32.08
CA PRO A 326 46.37 -14.66 31.02
C PRO A 326 46.50 -16.14 30.74
N ILE A 327 46.71 -16.48 29.46
CA ILE A 327 46.88 -17.87 29.05
C ILE A 327 48.35 -18.31 29.02
N LEU A 328 49.25 -17.35 28.84
CA LEU A 328 50.70 -17.62 28.88
C LEU A 328 51.48 -16.49 29.55
N SER A 329 52.47 -16.85 30.35
CA SER A 329 53.35 -15.90 30.98
C SER A 329 54.74 -16.38 30.64
N ALA A 330 55.65 -15.42 30.51
CA ALA A 330 57.05 -15.69 30.25
C ALA A 330 57.88 -14.91 31.28
N ASN A 331 57.52 -15.06 32.55
CA ASN A 331 58.21 -14.37 33.63
C ASN A 331 59.65 -14.83 33.76
N CYS A 332 60.57 -13.87 33.85
CA CYS A 332 62.02 -14.12 33.75
C CYS A 332 62.44 -14.88 32.51
N VAL A 333 61.66 -14.72 31.43
CA VAL A 333 62.02 -15.26 30.13
C VAL A 333 62.10 -14.22 29.02
N THR A 334 61.03 -13.48 28.78
CA THR A 334 61.07 -12.36 27.86
C THR A 334 60.10 -11.28 28.31
N ASP A 335 60.46 -10.04 27.99
CA ASP A 335 59.58 -8.88 28.14
C ASP A 335 58.46 -8.91 27.11
N GLN A 336 58.66 -9.60 25.98
CA GLN A 336 57.80 -9.41 24.81
C GLN A 336 57.36 -10.69 24.13
N THR A 337 56.14 -11.09 24.44
CA THR A 337 55.42 -12.11 23.69
C THR A 337 54.41 -11.34 22.84
N GLU A 338 54.85 -10.92 21.64
CA GLU A 338 54.03 -10.02 20.82
C GLU A 338 53.15 -10.73 19.84
N ARG A 339 52.20 -9.96 19.33
CA ARG A 339 51.30 -10.38 18.28
C ARG A 339 50.79 -11.84 18.36
N PRO A 340 50.17 -12.18 19.50
CA PRO A 340 49.69 -13.55 19.68
C PRO A 340 48.56 -13.89 18.73
N GLN A 341 48.57 -15.12 18.20
CA GLN A 341 47.43 -15.66 17.50
C GLN A 341 47.18 -17.10 17.90
N ILE A 342 45.91 -17.49 17.90
CA ILE A 342 45.50 -18.87 18.09
C ILE A 342 45.13 -19.43 16.73
N TYR A 343 45.72 -20.58 16.41
CA TYR A 343 45.59 -21.26 15.13
C TYR A 343 45.14 -22.67 15.49
N PHE A 344 44.01 -23.14 14.96
CA PHE A 344 43.45 -24.47 15.32
C PHE A 344 43.77 -25.49 14.27
N LYS A 345 44.21 -26.67 14.69
CA LYS A 345 44.54 -27.77 13.77
C LYS A 345 44.51 -29.11 14.51
N ASP A 346 43.92 -30.12 13.85
CA ASP A 346 43.81 -31.48 14.39
C ASP A 346 43.38 -31.46 15.85
N GLY A 347 42.37 -30.67 16.18
CA GLY A 347 41.87 -30.61 17.55
C GLY A 347 42.79 -29.94 18.55
N LYS A 348 43.91 -29.38 18.12
CA LYS A 348 44.84 -28.70 19.02
C LYS A 348 44.68 -27.19 18.88
N SER A 349 44.96 -26.47 19.96
CA SER A 349 45.11 -25.01 19.93
C SER A 349 46.60 -24.67 19.87
N TYR A 350 47.03 -24.06 18.76
CA TYR A 350 48.40 -23.54 18.63
C TYR A 350 48.47 -22.04 18.97
N LEU A 351 49.27 -21.67 19.96
CA LEU A 351 49.54 -20.28 20.22
C LEU A 351 50.86 -19.87 19.58
N PHE A 352 50.77 -18.99 18.57
CA PHE A 352 51.94 -18.35 17.99
C PHE A 352 52.08 -16.91 18.45
N THR A 353 53.33 -16.46 18.44
CA THR A 353 53.75 -15.27 19.13
C THR A 353 55.10 -14.88 18.55
N ILE A 354 55.43 -13.60 18.58
CA ILE A 354 56.75 -13.23 18.13
C ILE A 354 57.55 -12.54 19.20
N SER A 355 58.86 -12.65 19.09
CA SER A 355 59.74 -11.98 20.02
C SER A 355 61.07 -11.63 19.38
N HIS A 356 61.74 -10.66 19.97
CA HIS A 356 63.05 -10.23 19.56
C HIS A 356 64.10 -11.01 20.32
N ARG A 357 65.32 -11.06 19.77
CA ARG A 357 66.48 -11.64 20.50
C ARG A 357 66.86 -10.81 21.74
N GLY A 358 66.82 -9.48 21.62
CA GLY A 358 67.26 -8.56 22.66
C GLY A 358 66.38 -8.52 23.90
N THR A 359 65.17 -9.03 23.78
CA THR A 359 64.17 -8.99 24.81
C THR A 359 64.18 -10.21 25.68
N PHE A 360 65.06 -11.15 25.39
CA PHE A 360 65.24 -12.27 26.28
C PHE A 360 65.91 -11.80 27.57
N ALA A 361 65.54 -12.48 28.65
CA ALA A 361 66.09 -12.18 29.96
C ALA A 361 67.52 -12.65 30.07
N ALA A 362 68.21 -12.18 31.11
CA ALA A 362 69.59 -12.60 31.40
C ALA A 362 69.73 -14.11 31.43
N GLY A 363 70.83 -14.59 30.88
CA GLY A 363 71.08 -16.03 30.75
C GLY A 363 70.35 -16.72 29.60
N LEU A 364 69.46 -16.02 28.91
CA LEU A 364 68.67 -16.62 27.86
C LEU A 364 69.01 -15.94 26.56
N ASP A 365 68.83 -16.67 25.46
CA ASP A 365 69.14 -16.14 24.14
C ASP A 365 68.39 -16.94 23.08
N GLY A 366 68.07 -16.29 21.97
CA GLY A 366 67.39 -16.97 20.87
C GLY A 366 67.17 -16.01 19.72
N PRO A 367 66.75 -16.53 18.55
CA PRO A 367 66.66 -15.67 17.36
C PRO A 367 65.39 -14.82 17.37
N GLU A 368 65.40 -13.77 16.54
CA GLU A 368 64.18 -13.02 16.22
C GLU A 368 63.19 -13.94 15.53
N GLY A 369 61.90 -13.83 15.85
CA GLY A 369 60.88 -14.52 15.08
C GLY A 369 59.74 -15.20 15.80
N VAL A 370 59.21 -16.27 15.20
CA VAL A 370 57.97 -16.87 15.68
C VAL A 370 58.25 -17.96 16.70
N TYR A 371 57.63 -17.81 17.87
CA TYR A 371 57.71 -18.77 18.94
C TYR A 371 56.33 -19.33 19.14
N GLY A 372 56.26 -20.63 19.35
CA GLY A 372 54.97 -21.31 19.36
C GLY A 372 54.76 -22.34 20.44
N PHE A 373 53.49 -22.64 20.67
CA PHE A 373 53.05 -23.44 21.79
C PHE A 373 51.82 -24.18 21.35
N VAL A 374 51.68 -25.43 21.83
CA VAL A 374 50.51 -26.29 21.53
C VAL A 374 49.88 -26.93 22.79
N GLY A 375 48.55 -26.83 22.87
CA GLY A 375 47.75 -27.51 23.90
C GLY A 375 46.37 -27.96 23.39
N ASP A 376 45.58 -28.55 24.29
CA ASP A 376 44.27 -29.11 23.91
C ASP A 376 43.11 -28.15 24.09
N GLY A 377 43.42 -26.87 24.26
CA GLY A 377 42.42 -25.83 24.38
C GLY A 377 43.09 -24.47 24.44
N ILE A 378 42.28 -23.44 24.34
CA ILE A 378 42.85 -22.09 24.26
C ILE A 378 43.50 -21.69 25.58
N ARG A 379 42.92 -22.15 26.68
CA ARG A 379 43.60 -22.14 27.97
C ARG A 379 44.01 -23.57 28.28
N SER A 380 45.31 -23.82 28.22
CA SER A 380 45.83 -25.16 28.45
C SER A 380 47.25 -25.04 28.99
N ASP A 381 47.78 -26.13 29.52
CA ASP A 381 49.19 -26.16 29.97
C ASP A 381 50.02 -26.40 28.72
N TYR A 382 50.20 -25.30 27.98
CA TYR A 382 50.79 -25.35 26.68
C TYR A 382 52.18 -25.94 26.70
N GLN A 383 52.47 -26.66 25.64
CA GLN A 383 53.78 -27.23 25.40
C GLN A 383 54.48 -26.37 24.33
N PRO A 384 55.61 -25.73 24.67
CA PRO A 384 56.36 -24.97 23.64
C PRO A 384 56.92 -25.89 22.56
N LEU A 385 56.81 -25.45 21.31
CA LEU A 385 57.12 -26.29 20.18
C LEU A 385 58.62 -26.62 20.10
N ASN A 386 58.91 -27.75 19.47
CA ASN A 386 60.26 -28.16 19.14
C ASN A 386 61.21 -28.39 20.33
N GLY A 387 60.98 -29.51 20.99
CA GLY A 387 61.85 -29.98 22.04
C GLY A 387 61.74 -29.11 23.27
N GLY A 388 60.58 -28.50 23.43
CA GLY A 388 60.32 -27.63 24.56
C GLY A 388 60.87 -26.22 24.43
N SER A 389 61.44 -25.88 23.27
CA SER A 389 62.11 -24.60 23.09
C SER A 389 61.17 -23.41 22.85
N GLY A 390 60.09 -23.66 22.11
CA GLY A 390 59.16 -22.64 21.67
C GLY A 390 59.49 -22.08 20.29
N LEU A 391 60.71 -22.29 19.79
CA LEU A 391 61.07 -21.72 18.48
C LEU A 391 60.35 -22.45 17.34
N ALA A 392 59.66 -21.69 16.50
CA ALA A 392 59.03 -22.22 15.30
C ALA A 392 59.71 -21.69 14.06
N LEU A 393 59.97 -20.39 14.02
CA LEU A 393 60.51 -19.78 12.82
C LEU A 393 61.42 -18.61 13.19
N GLY A 394 62.68 -18.93 13.42
CA GLY A 394 63.69 -17.89 13.73
C GLY A 394 64.36 -17.33 12.48
N ASN A 395 64.67 -16.04 12.47
CA ASN A 395 65.56 -15.51 11.44
C ASN A 395 66.90 -16.23 11.52
N PRO A 396 67.62 -16.33 10.40
CA PRO A 396 68.93 -16.94 10.47
C PRO A 396 69.83 -16.19 11.42
N THR A 397 70.42 -16.92 12.35
CA THR A 397 71.04 -16.33 13.52
C THR A 397 72.25 -17.15 13.98
N ASN A 398 73.40 -16.51 14.15
CA ASN A 398 74.53 -17.12 14.84
C ASN A 398 74.51 -16.79 16.34
N LEU A 399 74.04 -17.75 17.13
CA LEU A 399 73.87 -17.55 18.56
C LEU A 399 75.21 -17.51 19.30
N ASN A 400 76.30 -17.87 18.62
CA ASN A 400 77.64 -17.71 19.15
C ASN A 400 78.14 -16.27 19.16
N PHE A 401 77.48 -15.36 18.44
CA PHE A 401 77.89 -13.96 18.41
C PHE A 401 76.72 -13.03 18.76
N LEU A 402 77.04 -11.81 19.19
CA LEU A 402 76.03 -10.86 19.61
C LEU A 402 75.10 -10.53 18.45
N GLY A 403 73.88 -10.15 18.79
CA GLY A 403 72.84 -9.93 17.81
C GLY A 403 72.93 -8.58 17.12
N GLY A 404 73.56 -7.62 17.77
CA GLY A 404 73.58 -6.25 17.28
C GLY A 404 72.18 -5.67 17.28
N GLN A 405 71.93 -4.74 16.36
CA GLN A 405 70.63 -4.12 16.22
C GLN A 405 70.35 -3.88 14.74
N PRO A 406 69.07 -3.69 14.38
CA PRO A 406 68.71 -3.43 12.97
C PRO A 406 69.38 -2.16 12.42
N PHE A 407 69.69 -1.20 13.29
CA PHE A 407 70.42 0.00 12.89
C PHE A 407 71.92 -0.10 13.08
N ALA A 408 72.42 -1.23 13.60
CA ALA A 408 73.85 -1.43 13.88
C ALA A 408 74.17 -2.95 13.93
N PRO A 409 74.28 -3.59 12.76
CA PRO A 409 74.58 -5.01 12.71
C PRO A 409 75.95 -5.35 13.29
N ASP A 410 76.03 -6.49 13.97
CA ASP A 410 77.30 -6.98 14.47
C ASP A 410 78.16 -7.54 13.33
N PRO A 411 79.49 -7.24 13.33
CA PRO A 411 80.42 -7.71 12.28
C PRO A 411 80.41 -9.20 12.04
N ASN A 412 80.15 -9.99 13.08
CA ASN A 412 80.17 -11.46 12.97
C ASN A 412 78.79 -12.14 12.87
N GLN A 413 77.72 -11.36 12.75
CA GLN A 413 76.36 -11.92 12.75
C GLN A 413 75.87 -12.20 11.32
N HIS A 414 74.85 -13.04 11.18
CA HIS A 414 74.27 -13.39 9.89
C HIS A 414 73.48 -12.18 9.36
N PRO A 415 73.66 -11.85 8.07
CA PRO A 415 73.07 -10.63 7.53
C PRO A 415 71.55 -10.62 7.45
N GLY A 416 70.94 -11.79 7.60
CA GLY A 416 69.50 -11.97 7.69
C GLY A 416 68.92 -12.01 9.11
N HIS A 417 69.74 -11.66 10.11
CA HIS A 417 69.33 -11.67 11.54
C HIS A 417 68.05 -10.84 11.86
N PHE A 418 67.87 -9.72 11.16
CA PHE A 418 66.71 -8.87 11.30
C PHE A 418 65.90 -8.80 10.00
N GLN A 419 65.96 -9.86 9.20
CA GLN A 419 65.40 -9.82 7.86
C GLN A 419 63.89 -9.83 7.89
N ALA A 420 63.31 -10.20 9.01
CA ALA A 420 61.88 -10.38 9.09
C ALA A 420 61.36 -10.16 10.51
N TYR A 421 60.22 -9.50 10.61
CA TYR A 421 59.52 -9.37 11.87
C TYR A 421 58.01 -9.22 11.66
N SER A 422 57.28 -9.32 12.77
CA SER A 422 55.82 -9.27 12.80
C SER A 422 55.19 -10.33 11.93
N HIS A 423 55.78 -11.51 12.01
CA HIS A 423 55.33 -12.69 11.34
C HIS A 423 53.89 -12.96 11.72
N TYR A 424 53.14 -13.51 10.78
CA TYR A 424 51.74 -13.83 10.95
C TYR A 424 51.53 -15.13 10.21
N VAL A 425 51.00 -16.14 10.91
CA VAL A 425 50.75 -17.45 10.34
C VAL A 425 49.36 -17.47 9.72
N MET A 426 49.32 -17.78 8.41
CA MET A 426 48.10 -17.81 7.59
C MET A 426 47.64 -19.24 7.34
N PRO A 427 46.39 -19.44 6.87
CA PRO A 427 45.94 -20.80 6.56
C PRO A 427 46.96 -21.58 5.72
N GLY A 428 47.11 -22.87 6.02
CA GLY A 428 48.08 -23.74 5.36
C GLY A 428 49.51 -23.55 5.87
N GLY A 429 49.68 -22.83 6.98
CA GLY A 429 50.99 -22.55 7.53
C GLY A 429 51.86 -21.58 6.72
N LEU A 430 51.23 -20.77 5.85
CA LEU A 430 51.95 -19.72 5.14
C LEU A 430 52.22 -18.58 6.14
N VAL A 431 53.42 -18.04 6.09
CA VAL A 431 53.85 -17.01 7.01
C VAL A 431 54.35 -15.77 6.26
N GLN A 432 53.65 -14.66 6.45
CA GLN A 432 54.02 -13.36 5.94
C GLN A 432 54.71 -12.54 7.03
N SER A 433 55.60 -11.67 6.59
CA SER A 433 56.36 -10.80 7.48
C SER A 433 56.88 -9.58 6.74
N TYR A 434 57.35 -8.60 7.51
CA TYR A 434 58.00 -7.41 6.96
C TYR A 434 59.50 -7.44 7.20
N ILE A 435 60.23 -6.79 6.30
CA ILE A 435 61.67 -6.72 6.36
C ILE A 435 62.04 -5.49 7.19
N ASP A 436 62.82 -5.72 8.25
CA ASP A 436 63.41 -4.67 9.05
C ASP A 436 64.81 -4.26 8.48
N THR A 437 65.81 -5.13 8.63
CA THR A 437 67.15 -4.87 8.14
C THR A 437 67.69 -6.14 7.47
N ILE A 438 68.41 -5.95 6.36
CA ILE A 438 69.13 -7.02 5.71
C ILE A 438 70.52 -6.50 5.36
N GLY A 439 71.55 -7.25 5.70
CA GLY A 439 72.93 -6.88 5.33
C GLY A 439 73.92 -6.91 6.47
N THR A 440 75.16 -6.53 6.14
CA THR A 440 76.28 -6.62 7.06
C THR A 440 76.55 -5.27 7.72
N HIS A 441 77.38 -5.30 8.76
CA HIS A 441 77.89 -4.12 9.50
C HIS A 441 78.17 -2.89 8.62
N ASP A 442 78.84 -3.10 7.52
CA ASP A 442 79.28 -2.01 6.63
C ASP A 442 78.47 -1.89 5.34
N ASP A 443 77.45 -2.73 5.20
CA ASP A 443 76.60 -2.73 4.00
C ASP A 443 75.20 -3.28 4.34
N PHE A 444 74.33 -2.43 4.88
CA PHE A 444 72.94 -2.86 5.16
C PHE A 444 71.88 -1.88 4.66
N VAL A 445 70.65 -2.39 4.49
CA VAL A 445 69.50 -1.57 4.12
C VAL A 445 68.32 -1.85 5.07
N ARG A 446 67.46 -0.85 5.26
CA ARG A 446 66.19 -1.01 5.95
C ARG A 446 65.13 -1.36 4.93
N GLY A 447 64.11 -2.12 5.37
CA GLY A 447 63.06 -2.63 4.49
C GLY A 447 61.80 -1.76 4.49
N GLY A 448 60.90 -1.96 5.45
CA GLY A 448 59.61 -1.26 5.40
C GLY A 448 58.72 -1.71 4.24
N THR A 449 58.75 -3.02 3.97
CA THR A 449 57.98 -3.66 2.92
C THR A 449 58.00 -5.15 3.26
N LEU A 450 57.07 -5.91 2.72
CA LEU A 450 56.93 -7.31 3.09
C LEU A 450 57.97 -8.19 2.49
N ALA A 451 58.37 -9.19 3.28
CA ALA A 451 59.29 -10.21 2.81
C ALA A 451 58.57 -11.18 1.88
N PRO A 452 59.32 -12.13 1.30
CA PRO A 452 58.65 -13.26 0.63
C PRO A 452 57.89 -14.12 1.64
N THR A 453 56.70 -14.53 1.28
CA THR A 453 55.95 -15.43 2.12
C THR A 453 56.61 -16.83 2.12
N VAL A 454 56.67 -17.45 3.30
CA VAL A 454 57.30 -18.74 3.48
C VAL A 454 56.26 -19.72 4.03
N LYS A 455 56.66 -20.98 4.17
CA LYS A 455 55.72 -22.04 4.51
C LYS A 455 56.31 -22.92 5.62
N MET A 456 55.53 -23.07 6.68
CA MET A 456 55.94 -23.79 7.88
C MET A 456 54.91 -24.90 8.04
N ASP A 457 55.36 -26.16 8.03
CA ASP A 457 54.45 -27.29 8.22
C ASP A 457 54.36 -27.53 9.69
N ILE A 458 53.13 -27.67 10.15
CA ILE A 458 52.84 -27.74 11.58
C ILE A 458 52.35 -29.15 11.87
N GLY A 459 53.10 -29.87 12.70
CA GLY A 459 52.76 -31.25 13.02
C GLY A 459 53.50 -32.23 12.13
N VAL A 460 54.80 -32.07 12.05
CA VAL A 460 55.66 -33.01 11.33
C VAL A 460 55.68 -34.40 12.00
N GLY A 461 55.67 -35.44 11.17
CA GLY A 461 55.42 -36.81 11.66
C GLY A 461 53.98 -36.82 12.14
N GLY A 462 53.71 -37.55 13.21
CA GLY A 462 52.42 -37.44 13.89
C GLY A 462 52.55 -36.51 15.08
N ASP A 463 53.71 -35.87 15.22
CA ASP A 463 54.05 -35.11 16.41
C ASP A 463 53.49 -33.66 16.40
N SER A 464 52.34 -33.50 17.06
CA SER A 464 51.73 -32.20 17.35
C SER A 464 52.71 -31.10 17.78
N THR A 465 53.78 -31.48 18.48
CA THR A 465 54.69 -30.50 19.07
C THR A 465 55.80 -30.04 18.11
N LYS A 466 55.81 -30.56 16.87
CA LYS A 466 56.91 -30.26 15.94
C LYS A 466 56.50 -29.54 14.66
N THR A 467 57.37 -28.63 14.23
CA THR A 467 57.16 -27.90 12.99
C THR A 467 58.40 -28.05 12.14
N ALA A 468 58.23 -27.85 10.83
CA ALA A 468 59.36 -27.78 9.92
C ALA A 468 59.10 -26.85 8.74
N VAL A 469 60.15 -26.12 8.37
CA VAL A 469 60.06 -25.19 7.26
C VAL A 469 60.06 -25.99 5.98
N ASP A 470 59.13 -25.69 5.09
CA ASP A 470 59.10 -26.31 3.79
C ASP A 470 60.02 -25.59 2.80
N TYR A 471 61.22 -26.12 2.65
CA TYR A 471 62.19 -25.62 1.66
C TYR A 471 61.86 -26.00 0.20
N SER A 472 60.87 -26.85 -0.03
CA SER A 472 60.44 -27.10 -1.41
C SER A 472 59.45 -26.04 -1.93
N TYR A 473 58.92 -25.21 -1.02
CA TYR A 473 57.97 -24.15 -1.37
C TYR A 473 58.63 -23.05 -2.19
N GLY A 474 57.99 -22.67 -3.29
CA GLY A 474 58.50 -21.59 -4.13
C GLY A 474 59.93 -21.84 -4.49
N SER A 475 60.78 -20.84 -4.28
CA SER A 475 62.20 -20.96 -4.58
C SER A 475 63.02 -21.27 -3.33
N GLU A 476 63.28 -22.54 -3.12
CA GLU A 476 64.09 -23.00 -1.99
C GLU A 476 63.56 -22.39 -0.68
N GLY A 477 62.23 -22.41 -0.53
CA GLY A 477 61.56 -21.85 0.65
C GLY A 477 60.93 -20.48 0.52
N LEU A 478 61.32 -19.70 -0.48
CA LEU A 478 60.77 -18.35 -0.65
C LEU A 478 59.68 -18.34 -1.70
N GLY A 479 58.49 -17.88 -1.30
CA GLY A 479 57.38 -17.69 -2.23
C GLY A 479 57.28 -16.25 -2.69
N GLY A 480 56.06 -15.80 -2.94
CA GLY A 480 55.83 -14.47 -3.48
C GLY A 480 56.11 -13.34 -2.50
N TRP A 481 56.65 -12.23 -3.04
CA TRP A 481 56.83 -10.98 -2.29
C TRP A 481 55.45 -10.49 -1.88
N ALA A 482 55.25 -10.36 -0.57
CA ALA A 482 54.02 -9.81 0.00
C ALA A 482 52.80 -10.64 -0.39
N ASP A 483 52.95 -11.95 -0.47
CA ASP A 483 51.83 -12.77 -0.89
C ASP A 483 50.98 -13.12 0.31
N ILE A 484 49.85 -12.45 0.41
CA ILE A 484 48.90 -12.68 1.45
C ILE A 484 47.62 -13.10 0.74
N PRO A 485 47.45 -14.40 0.50
CA PRO A 485 46.36 -14.87 -0.33
C PRO A 485 45.03 -15.09 0.44
N ALA A 486 43.93 -14.95 -0.28
CA ALA A 486 42.60 -15.23 0.21
C ALA A 486 42.27 -16.68 -0.12
N ASN A 487 41.81 -17.44 0.87
CA ASN A 487 41.30 -18.80 0.63
C ASN A 487 39.76 -18.85 0.57
N LYS A 488 39.13 -17.73 0.91
CA LYS A 488 37.69 -17.58 0.75
C LYS A 488 37.36 -16.27 0.03
N HIS A 489 36.19 -16.26 -0.59
CA HIS A 489 35.80 -15.19 -1.46
C HIS A 489 34.36 -14.75 -1.27
N LEU A 490 34.23 -13.50 -0.85
CA LEU A 490 32.97 -12.85 -0.65
C LEU A 490 32.44 -12.25 -1.95
N PHE A 491 31.14 -12.42 -2.15
CA PHE A 491 30.37 -11.75 -3.18
C PHE A 491 29.15 -11.13 -2.52
N THR A 492 29.04 -9.81 -2.58
CA THR A 492 28.01 -9.05 -1.87
C THR A 492 27.65 -7.73 -2.57
N ASN A 493 26.40 -7.33 -2.43
CA ASN A 493 25.97 -6.04 -2.89
C ASN A 493 25.91 -5.07 -1.76
N GLY A 494 26.44 -5.46 -0.60
CA GLY A 494 26.36 -4.63 0.60
C GLY A 494 25.26 -5.01 1.59
N LYS A 495 24.32 -5.85 1.15
CA LYS A 495 23.22 -6.30 2.00
C LYS A 495 23.14 -7.83 2.09
N PHE A 496 23.13 -8.46 0.93
CA PHE A 496 23.16 -9.90 0.75
C PHE A 496 24.59 -10.23 0.38
N GLY A 497 25.08 -11.33 0.92
CA GLY A 497 26.41 -11.80 0.56
C GLY A 497 26.60 -13.26 0.85
N VAL A 498 27.56 -13.85 0.17
CA VAL A 498 27.95 -15.23 0.41
C VAL A 498 29.45 -15.36 0.35
N ALA A 499 29.94 -16.33 1.10
CA ALA A 499 31.34 -16.71 1.13
C ALA A 499 31.46 -17.97 0.32
N VAL A 500 32.54 -18.05 -0.42
CA VAL A 500 32.65 -19.03 -1.48
C VAL A 500 34.14 -19.43 -1.57
N SER A 501 34.35 -20.66 -2.06
CA SER A 501 35.69 -21.21 -2.31
C SER A 501 36.29 -20.64 -3.62
N ASP A 502 37.59 -20.87 -3.78
CA ASP A 502 38.32 -20.42 -4.99
C ASP A 502 37.62 -20.89 -6.28
N GLU A 503 37.29 -22.17 -6.32
CA GLU A 503 36.70 -22.84 -7.49
C GLU A 503 35.26 -22.33 -7.76
N ALA A 504 34.47 -22.28 -6.70
CA ALA A 504 33.11 -21.72 -6.78
C ALA A 504 33.17 -20.33 -7.40
N ALA A 505 34.02 -19.47 -6.83
CA ALA A 505 34.20 -18.12 -7.34
C ALA A 505 34.40 -18.12 -8.85
N GLN A 506 35.32 -18.97 -9.33
CA GLN A 506 35.53 -19.13 -10.78
C GLN A 506 34.22 -19.30 -11.56
N LYS A 507 33.43 -20.31 -11.24
CA LYS A 507 32.25 -20.56 -12.09
C LYS A 507 31.12 -19.54 -11.88
N ILE A 508 31.08 -18.89 -10.71
CA ILE A 508 30.12 -17.80 -10.49
C ILE A 508 30.34 -16.65 -11.49
N ARG A 509 31.57 -16.15 -11.54
CA ARG A 509 31.90 -15.02 -12.44
C ARG A 509 31.59 -15.38 -13.90
N LYS A 510 31.74 -16.66 -14.24
CA LYS A 510 31.47 -17.18 -15.58
C LYS A 510 29.96 -17.27 -15.93
N ILE A 511 29.19 -17.94 -15.07
CA ILE A 511 27.76 -18.14 -15.33
C ILE A 511 27.02 -16.80 -15.47
N LEU A 512 27.42 -15.81 -14.67
CA LEU A 512 26.78 -14.51 -14.69
C LEU A 512 27.48 -13.53 -15.65
N GLY A 513 26.68 -12.60 -16.17
CA GLY A 513 27.16 -11.57 -17.10
C GLY A 513 27.19 -10.18 -16.49
N SER A 514 27.18 -9.15 -17.33
CA SER A 514 27.55 -7.79 -16.92
C SER A 514 26.65 -7.15 -15.87
N LYS A 515 25.42 -7.63 -15.70
CA LYS A 515 24.55 -7.08 -14.67
C LYS A 515 25.09 -7.43 -13.27
N PHE A 516 25.85 -8.52 -13.21
CA PHE A 516 26.53 -8.92 -11.96
C PHE A 516 27.51 -7.84 -11.51
N ASP A 517 28.11 -7.14 -12.46
CA ASP A 517 29.06 -6.08 -12.16
C ASP A 517 28.35 -4.94 -11.41
N ASP A 518 27.19 -4.52 -11.93
CA ASP A 518 26.36 -3.49 -11.27
C ASP A 518 25.94 -3.94 -9.87
N TYR A 519 25.49 -5.18 -9.76
CA TYR A 519 25.07 -5.76 -8.50
C TYR A 519 26.21 -5.66 -7.46
N LEU A 520 27.39 -6.14 -7.86
CA LEU A 520 28.61 -6.03 -7.04
C LEU A 520 29.01 -4.57 -6.74
N ASP A 521 28.74 -3.63 -7.67
CA ASP A 521 29.02 -2.18 -7.45
C ASP A 521 28.05 -1.51 -6.47
N GLY A 522 26.99 -2.20 -6.09
CA GLY A 522 25.95 -1.62 -5.22
C GLY A 522 24.98 -0.78 -6.04
N LYS A 523 24.98 -1.05 -7.33
CA LYS A 523 24.19 -0.31 -8.29
C LYS A 523 22.89 -1.11 -8.46
N PRO A 524 21.72 -0.45 -8.44
CA PRO A 524 20.49 -1.30 -8.48
C PRO A 524 20.29 -2.04 -9.80
N VAL A 525 19.83 -3.30 -9.70
CA VAL A 525 19.42 -4.11 -10.82
C VAL A 525 17.92 -4.38 -10.70
N SER A 526 17.33 -5.00 -11.71
CA SER A 526 15.88 -5.29 -11.62
C SER A 526 15.65 -6.36 -10.56
N ALA A 527 14.44 -6.40 -10.00
CA ALA A 527 14.09 -7.38 -8.96
C ALA A 527 14.23 -8.80 -9.47
N THR A 528 14.01 -9.00 -10.77
CA THR A 528 14.21 -10.31 -11.40
C THR A 528 15.69 -10.67 -11.44
N VAL A 529 16.51 -9.73 -11.90
CA VAL A 529 17.94 -9.94 -12.02
C VAL A 529 18.56 -10.15 -10.64
N ARG A 530 18.16 -9.33 -9.68
CA ARG A 530 18.63 -9.49 -8.30
C ARG A 530 18.36 -10.88 -7.77
N ALA A 531 17.10 -11.31 -7.90
CA ALA A 531 16.69 -12.67 -7.45
C ALA A 531 17.45 -13.77 -8.20
N LEU A 532 17.58 -13.62 -9.52
CA LEU A 532 18.36 -14.58 -10.31
C LEU A 532 19.77 -14.70 -9.77
N ILE A 533 20.38 -13.57 -9.49
CA ILE A 533 21.75 -13.54 -9.00
C ILE A 533 21.91 -14.15 -7.60
N GLU A 534 21.01 -13.83 -6.69
CA GLU A 534 21.18 -14.19 -5.29
C GLU A 534 20.78 -15.66 -5.06
N LYS A 535 19.80 -16.14 -5.82
CA LYS A 535 19.48 -17.57 -5.83
C LYS A 535 20.69 -18.39 -6.25
N LEU A 536 21.39 -17.95 -7.28
CA LEU A 536 22.62 -18.62 -7.71
C LEU A 536 23.71 -18.53 -6.67
N LEU A 537 23.92 -17.34 -6.14
CA LEU A 537 24.92 -17.15 -5.10
C LEU A 537 24.60 -18.07 -3.93
N ALA A 538 23.33 -18.14 -3.55
CA ALA A 538 22.91 -19.02 -2.43
C ALA A 538 23.30 -20.49 -2.69
N GLN A 539 23.19 -20.94 -3.93
CA GLN A 539 23.54 -22.32 -4.25
C GLN A 539 25.03 -22.65 -4.06
N TYR A 540 25.91 -21.66 -4.21
CA TYR A 540 27.33 -21.88 -3.91
C TYR A 540 27.63 -21.51 -2.47
N GLY A 541 26.75 -20.74 -1.86
CA GLY A 541 26.97 -20.33 -0.50
C GLY A 541 26.93 -21.52 0.41
N LEU B 4 18.62 1.33 25.27
CA LEU B 4 19.18 1.72 23.92
C LEU B 4 20.69 1.60 23.87
N GLN B 5 21.20 1.23 22.70
CA GLN B 5 22.64 1.28 22.42
C GLN B 5 23.05 2.70 22.06
N ASP B 6 24.30 3.05 22.40
CA ASP B 6 24.81 4.38 22.12
C ASP B 6 24.65 4.62 20.63
N GLY B 7 24.33 5.85 20.28
CA GLY B 7 24.08 6.20 18.91
C GLY B 7 23.53 7.61 18.84
N PRO B 8 23.16 8.05 17.64
CA PRO B 8 22.63 9.38 17.45
C PRO B 8 21.26 9.55 18.12
N GLU B 9 20.96 10.77 18.52
CA GLU B 9 19.60 11.16 18.89
C GLU B 9 18.74 11.13 17.61
N PRO B 10 17.43 10.86 17.73
CA PRO B 10 16.55 11.01 16.56
C PRO B 10 16.34 12.49 16.21
N SER B 11 15.92 12.78 14.97
CA SER B 11 15.67 14.18 14.58
C SER B 11 14.54 14.75 15.43
N ILE B 12 14.44 16.08 15.44
CA ILE B 12 13.35 16.77 16.13
C ILE B 12 12.23 16.95 15.11
N HIS B 13 11.04 16.45 15.43
CA HIS B 13 9.86 16.64 14.60
C HIS B 13 8.76 17.28 15.45
N THR B 14 8.02 18.20 14.83
CA THR B 14 7.05 19.04 15.53
C THR B 14 5.59 18.60 15.37
N GLN B 15 5.33 17.72 14.41
CA GLN B 15 3.97 17.22 14.11
C GLN B 15 3.01 18.23 13.49
N GLN B 16 3.47 19.44 13.19
CA GLN B 16 2.52 20.49 12.79
C GLN B 16 1.99 20.32 11.36
N ALA B 17 0.71 20.64 11.23
CA ALA B 17 -0.04 20.43 10.04
C ALA B 17 0.22 21.51 9.01
N TYR B 18 0.08 21.15 7.75
CA TYR B 18 0.16 22.10 6.67
C TYR B 18 -1.06 21.93 5.80
N ALA B 19 -1.22 22.82 4.82
CA ALA B 19 -2.28 22.67 3.85
C ALA B 19 -1.98 21.45 2.97
N PRO B 20 -3.00 20.63 2.66
CA PRO B 20 -2.75 19.51 1.77
C PRO B 20 -1.99 19.90 0.49
N GLU B 21 -2.27 21.11 -0.02
CA GLU B 21 -1.68 21.61 -1.26
C GLU B 21 -0.27 22.22 -1.09
N ASP B 22 0.21 22.38 0.16
CA ASP B 22 1.54 22.99 0.42
C ASP B 22 2.71 22.13 -0.05
N ASP B 23 3.82 22.79 -0.37
CA ASP B 23 5.04 22.10 -0.73
C ASP B 23 5.89 21.78 0.50
N PHE B 24 5.28 21.18 1.53
CA PHE B 24 6.06 20.72 2.68
C PHE B 24 6.09 19.19 2.65
N THR B 25 7.27 18.64 2.74
CA THR B 25 7.49 17.20 2.71
C THR B 25 8.19 16.78 3.99
N ALA B 26 7.57 15.95 4.81
CA ALA B 26 8.27 15.42 5.98
C ALA B 26 9.41 14.46 5.55
N LYS B 27 10.39 14.31 6.41
CA LYS B 27 11.56 13.49 6.13
C LYS B 27 11.68 12.40 7.18
N TRP B 28 11.78 11.15 6.72
CA TRP B 28 12.16 10.04 7.60
C TRP B 28 13.68 9.95 7.51
N THR B 29 14.38 10.50 8.51
CA THR B 29 15.79 10.85 8.36
C THR B 29 16.70 9.69 8.77
N ARG B 30 17.98 9.78 8.41
CA ARG B 30 18.95 8.75 8.85
C ARG B 30 19.06 8.71 10.36
N ALA B 31 19.01 9.88 11.00
CA ALA B 31 19.08 9.91 12.48
C ALA B 31 17.91 9.13 13.05
N ASP B 32 16.74 9.31 12.41
CA ASP B 32 15.49 8.62 12.82
C ASP B 32 15.66 7.11 12.66
N ALA B 33 16.01 6.71 11.44
CA ALA B 33 16.16 5.30 11.08
C ALA B 33 17.26 4.58 11.83
N ARG B 34 18.32 5.28 12.22
CA ARG B 34 19.36 4.66 13.06
C ARG B 34 18.88 4.32 14.49
N GLN B 35 17.68 4.76 14.88
CA GLN B 35 17.12 4.37 16.19
C GLN B 35 16.77 2.88 16.21
N LEU B 36 16.60 2.30 15.03
CA LEU B 36 16.30 0.87 14.90
C LEU B 36 17.44 -0.03 15.40
N GLN B 37 18.68 0.35 15.09
CA GLN B 37 19.87 -0.40 15.55
C GLN B 37 20.09 -0.12 17.04
N ARG B 38 19.88 1.12 17.46
CA ARG B 38 19.91 1.47 18.88
C ARG B 38 18.99 0.58 19.71
N MET B 39 17.80 0.26 19.17
CA MET B 39 16.82 -0.58 19.89
C MET B 39 17.12 -2.07 19.85
N SER B 40 17.98 -2.50 18.95
CA SER B 40 18.27 -3.93 18.83
C SER B 40 19.14 -4.40 19.98
N ASP B 41 18.87 -5.60 20.48
CA ASP B 41 19.65 -6.20 21.54
C ASP B 41 20.87 -6.87 20.93
N PRO B 42 22.07 -6.29 21.15
CA PRO B 42 23.26 -6.86 20.56
C PRO B 42 23.70 -8.22 21.15
N THR B 43 23.09 -8.67 22.26
CA THR B 43 23.44 -9.98 22.84
C THR B 43 22.59 -11.12 22.26
N ALA B 44 21.58 -10.79 21.46
CA ALA B 44 20.59 -11.78 21.06
C ALA B 44 21.27 -12.90 20.27
N PRO B 45 21.10 -14.17 20.72
CA PRO B 45 21.75 -15.32 20.06
C PRO B 45 21.20 -15.69 18.68
N SER B 46 22.00 -16.42 17.92
CA SER B 46 21.59 -17.00 16.65
C SER B 46 20.11 -17.42 16.62
N ARG B 47 19.37 -16.94 15.63
CA ARG B 47 17.95 -17.28 15.40
C ARG B 47 16.96 -16.76 16.45
N GLU B 48 17.37 -15.91 17.38
CA GLU B 48 16.42 -15.28 18.28
C GLU B 48 16.19 -13.82 17.96
N ASN B 49 14.95 -13.36 18.15
CA ASN B 49 14.59 -11.97 17.94
C ASN B 49 15.50 -11.06 18.76
N SER B 50 16.01 -10.00 18.14
CA SER B 50 16.79 -8.96 18.85
C SER B 50 16.01 -7.67 19.08
N MET B 51 14.85 -7.52 18.42
CA MET B 51 14.07 -6.29 18.50
C MET B 51 13.08 -6.39 19.67
N PRO B 52 12.67 -5.23 20.22
CA PRO B 52 11.77 -5.24 21.40
C PRO B 52 10.44 -5.92 21.07
N ALA B 53 9.95 -6.73 21.99
CA ALA B 53 8.72 -7.49 21.77
C ALA B 53 7.49 -6.60 21.45
N SER B 54 7.44 -5.39 21.99
CA SER B 54 6.27 -4.55 21.86
C SER B 54 6.10 -3.97 20.46
N VAL B 55 7.15 -4.08 19.64
CA VAL B 55 7.10 -3.64 18.25
C VAL B 55 7.49 -4.81 17.33
N THR B 56 7.34 -6.04 17.84
CA THR B 56 7.56 -7.26 17.04
C THR B 56 6.25 -8.06 16.86
N MET B 57 5.96 -8.46 15.64
CA MET B 57 4.76 -9.28 15.39
C MET B 57 4.91 -10.65 16.04
N PRO B 58 3.88 -11.11 16.77
CA PRO B 58 3.88 -12.48 17.28
C PRO B 58 4.32 -13.46 16.21
N THR B 59 4.95 -14.53 16.66
CA THR B 59 5.58 -15.49 15.77
C THR B 59 4.50 -16.39 15.20
N VAL B 60 4.51 -16.52 13.87
CA VAL B 60 3.54 -17.29 13.14
C VAL B 60 4.03 -18.73 13.00
N PRO B 61 3.14 -19.71 13.26
CA PRO B 61 3.54 -21.12 13.14
C PRO B 61 3.84 -21.53 11.73
N GLN B 62 4.84 -22.41 11.59
CA GLN B 62 5.28 -22.92 10.29
C GLN B 62 4.25 -23.86 9.68
N ASP B 63 3.37 -24.44 10.50
CA ASP B 63 2.29 -25.23 9.96
C ASP B 63 1.04 -24.38 9.96
N PHE B 64 0.72 -23.81 8.81
CA PHE B 64 -0.34 -22.84 8.66
C PHE B 64 -1.34 -23.41 7.69
N PRO B 65 -2.61 -23.01 7.81
CA PRO B 65 -3.55 -23.39 6.78
C PRO B 65 -3.42 -22.51 5.53
N ASP B 66 -4.05 -22.95 4.44
CA ASP B 66 -4.12 -22.15 3.25
C ASP B 66 -5.58 -21.70 3.01
N MET B 67 -5.78 -20.40 2.77
CA MET B 67 -7.08 -19.81 2.68
C MET B 67 -7.88 -20.20 1.44
N SER B 68 -7.19 -20.64 0.39
CA SER B 68 -7.82 -20.95 -0.89
C SER B 68 -7.77 -22.44 -1.19
N ASN B 69 -7.44 -23.25 -0.19
CA ASN B 69 -7.13 -24.66 -0.41
C ASN B 69 -6.14 -24.89 -1.54
N GLU B 70 -5.13 -24.02 -1.59
CA GLU B 70 -4.07 -24.04 -2.60
C GLU B 70 -4.55 -23.99 -4.06
N GLN B 71 -5.74 -23.43 -4.29
CA GLN B 71 -6.25 -23.19 -5.64
C GLN B 71 -5.37 -22.13 -6.32
N VAL B 72 -4.91 -21.15 -5.54
CA VAL B 72 -4.07 -20.05 -6.05
C VAL B 72 -3.05 -19.59 -5.02
N TRP B 73 -2.04 -18.88 -5.51
CA TRP B 73 -1.19 -18.10 -4.64
C TRP B 73 -1.94 -16.78 -4.29
N VAL B 74 -1.97 -16.44 -3.00
CA VAL B 74 -2.62 -15.21 -2.55
C VAL B 74 -1.62 -14.37 -1.81
N TRP B 75 -1.59 -13.08 -2.10
CA TRP B 75 -0.80 -12.17 -1.25
C TRP B 75 -1.48 -10.85 -0.95
N ASP B 76 -0.91 -9.72 -1.40
CA ASP B 76 -1.50 -8.40 -1.08
C ASP B 76 -3.03 -8.41 -1.13
N THR B 77 -3.66 -8.08 0.00
CA THR B 77 -5.10 -8.15 0.18
C THR B 77 -5.69 -6.86 0.78
N TRP B 78 -6.85 -6.44 0.28
CA TRP B 78 -7.53 -5.30 0.85
C TRP B 78 -9.04 -5.49 1.01
N PRO B 79 -9.61 -4.92 2.09
CA PRO B 79 -11.03 -4.96 2.32
C PRO B 79 -11.79 -3.99 1.44
N LEU B 80 -13.10 -4.06 1.60
CA LEU B 80 -14.04 -3.15 1.01
C LEU B 80 -14.35 -2.08 2.06
N THR B 81 -14.13 -0.80 1.73
CA THR B 81 -14.20 0.28 2.71
C THR B 81 -14.94 1.50 2.23
N ASP B 82 -15.19 2.41 3.17
CA ASP B 82 -15.71 3.72 2.85
C ASP B 82 -14.58 4.74 2.95
N GLU B 83 -14.92 6.00 2.85
CA GLU B 83 -13.96 7.09 2.97
C GLU B 83 -13.30 7.24 4.38
N ASP B 84 -13.81 6.57 5.43
CA ASP B 84 -13.13 6.54 6.73
C ASP B 84 -12.39 5.21 7.01
N ALA B 85 -12.29 4.37 5.99
CA ALA B 85 -11.63 3.07 6.11
C ALA B 85 -12.37 2.03 6.98
N ASN B 86 -13.63 2.29 7.32
CA ASN B 86 -14.48 1.26 7.92
C ASN B 86 -14.68 0.16 6.87
N GLN B 87 -14.71 -1.08 7.33
CA GLN B 87 -14.75 -2.27 6.46
C GLN B 87 -16.19 -2.85 6.41
N TYR B 88 -16.66 -3.09 5.19
CA TYR B 88 -18.08 -3.40 4.94
C TYR B 88 -18.38 -4.82 4.52
N SER B 89 -19.45 -5.38 5.06
CA SER B 89 -20.15 -6.50 4.44
C SER B 89 -21.20 -5.90 3.53
N VAL B 90 -21.62 -6.69 2.53
CA VAL B 90 -22.75 -6.33 1.69
C VAL B 90 -23.76 -7.45 1.74
N ASN B 91 -24.95 -7.13 2.22
CA ASN B 91 -26.05 -8.08 2.23
C ASN B 91 -25.68 -9.42 2.86
N GLY B 92 -24.94 -9.34 3.97
CA GLY B 92 -24.57 -10.49 4.76
C GLY B 92 -23.17 -11.04 4.45
N TRP B 93 -22.46 -10.43 3.49
CA TRP B 93 -21.19 -10.96 3.02
C TRP B 93 -20.03 -10.00 3.17
N GLU B 94 -19.01 -10.45 3.88
CA GLU B 94 -17.70 -9.82 3.90
C GLU B 94 -17.03 -10.11 2.58
N ILE B 95 -16.35 -9.12 2.02
CA ILE B 95 -15.75 -9.20 0.70
C ILE B 95 -14.35 -8.61 0.72
N ILE B 96 -13.40 -9.37 0.20
CA ILE B 96 -12.01 -8.89 0.09
C ILE B 96 -11.48 -9.05 -1.32
N PHE B 97 -10.48 -8.25 -1.65
CA PHE B 97 -9.77 -8.32 -2.90
C PHE B 97 -8.34 -8.68 -2.60
N SER B 98 -7.79 -9.57 -3.43
CA SER B 98 -6.45 -10.07 -3.26
C SER B 98 -5.72 -10.17 -4.60
N LEU B 99 -4.42 -9.93 -4.54
CA LEU B 99 -3.57 -10.32 -5.63
C LEU B 99 -3.45 -11.82 -5.65
N VAL B 100 -3.72 -12.43 -6.80
CA VAL B 100 -3.58 -13.88 -6.96
C VAL B 100 -2.77 -14.23 -8.21
N ALA B 101 -2.20 -15.42 -8.20
CA ALA B 101 -1.54 -15.97 -9.37
C ALA B 101 -1.66 -17.50 -9.44
N ASP B 102 -1.61 -18.01 -10.66
CA ASP B 102 -1.57 -19.48 -10.90
C ASP B 102 -0.66 -20.24 -9.91
N ARG B 103 -1.22 -21.23 -9.21
CA ARG B 103 -0.50 -21.97 -8.16
C ARG B 103 0.69 -22.78 -8.69
N ASN B 104 0.72 -23.08 -9.98
CA ASN B 104 1.83 -23.84 -10.56
C ASN B 104 3.08 -23.01 -10.80
N LEU B 105 2.99 -21.68 -10.70
CA LEU B 105 4.20 -20.86 -10.78
C LEU B 105 4.97 -21.01 -9.50
N GLY B 106 6.29 -20.94 -9.63
CA GLY B 106 7.11 -20.67 -8.49
C GLY B 106 6.62 -19.39 -7.83
N PHE B 107 6.68 -19.37 -6.50
CA PHE B 107 6.14 -18.27 -5.74
C PHE B 107 6.82 -16.96 -6.10
N ASP B 108 8.11 -17.03 -6.39
CA ASP B 108 8.85 -15.81 -6.72
C ASP B 108 8.56 -15.30 -8.12
N ASP B 109 7.92 -16.10 -8.97
CA ASP B 109 7.44 -15.63 -10.29
C ASP B 109 6.04 -15.04 -10.29
N ARG B 110 5.43 -14.92 -9.11
CA ARG B 110 4.05 -14.42 -9.02
C ARG B 110 3.90 -12.97 -9.52
N HIS B 111 4.95 -12.18 -9.36
CA HIS B 111 4.79 -10.73 -9.54
C HIS B 111 4.39 -10.36 -10.98
N VAL B 112 5.01 -11.00 -11.99
CA VAL B 112 4.66 -10.67 -13.40
C VAL B 112 3.45 -11.42 -13.93
N PHE B 113 2.82 -12.27 -13.12
CA PHE B 113 1.57 -12.94 -13.54
C PHE B 113 0.36 -12.57 -12.68
N ALA B 114 0.51 -11.49 -11.92
CA ALA B 114 -0.44 -11.11 -10.86
C ALA B 114 -1.76 -10.60 -11.41
N LYS B 115 -2.87 -11.12 -10.87
CA LYS B 115 -4.20 -10.60 -11.20
C LYS B 115 -4.98 -10.38 -9.94
N ILE B 116 -5.97 -9.50 -10.01
CA ILE B 116 -6.83 -9.26 -8.87
C ILE B 116 -8.00 -10.23 -8.84
N GLY B 117 -8.12 -10.94 -7.73
CA GLY B 117 -9.25 -11.86 -7.50
C GLY B 117 -9.98 -11.40 -6.26
N TYR B 118 -11.05 -12.11 -5.91
CA TYR B 118 -11.80 -11.75 -4.72
C TYR B 118 -12.28 -12.99 -3.96
N PHE B 119 -12.54 -12.77 -2.68
CA PHE B 119 -12.99 -13.84 -1.78
C PHE B 119 -14.16 -13.27 -1.00
N TYR B 120 -15.03 -14.15 -0.51
CA TYR B 120 -16.09 -13.69 0.33
C TYR B 120 -16.44 -14.73 1.38
N ARG B 121 -17.09 -14.28 2.43
CA ARG B 121 -17.60 -15.16 3.47
C ARG B 121 -18.74 -14.50 4.21
N PRO B 122 -19.47 -15.27 5.03
CA PRO B 122 -20.59 -14.60 5.69
C PRO B 122 -20.09 -13.71 6.81
N ALA B 123 -20.71 -12.55 6.95
CA ALA B 123 -20.47 -11.62 8.03
C ALA B 123 -21.10 -12.10 9.35
N GLY B 124 -20.63 -11.53 10.46
CA GLY B 124 -21.23 -11.76 11.77
C GLY B 124 -20.88 -13.07 12.46
N VAL B 125 -19.90 -13.80 11.95
CA VAL B 125 -19.43 -15.04 12.55
C VAL B 125 -18.11 -14.75 13.22
N PRO B 126 -17.99 -15.02 14.54
CA PRO B 126 -16.73 -14.88 15.24
C PRO B 126 -15.62 -15.76 14.67
N ALA B 127 -14.39 -15.22 14.70
CA ALA B 127 -13.24 -15.83 14.08
C ALA B 127 -13.08 -17.28 14.58
N ALA B 128 -13.35 -17.46 15.87
CA ALA B 128 -13.17 -18.76 16.52
C ALA B 128 -14.15 -19.85 16.03
N GLU B 129 -15.24 -19.44 15.38
CA GLU B 129 -16.26 -20.36 14.88
C GLU B 129 -16.22 -20.57 13.38
N ARG B 130 -15.28 -19.93 12.72
CA ARG B 130 -15.04 -20.16 11.29
C ARG B 130 -14.19 -21.39 11.07
N PRO B 131 -14.16 -21.91 9.83
CA PRO B 131 -13.16 -22.96 9.60
C PRO B 131 -11.75 -22.43 9.90
N GLU B 132 -10.81 -23.31 10.23
CA GLU B 132 -9.44 -22.91 10.56
C GLU B 132 -8.84 -21.94 9.55
N ASN B 133 -9.09 -22.18 8.27
CA ASN B 133 -8.43 -21.40 7.20
C ASN B 133 -9.12 -20.04 6.91
N GLY B 134 -10.08 -19.67 7.75
CA GLY B 134 -10.75 -18.38 7.64
C GLY B 134 -12.14 -18.51 7.06
N GLY B 135 -12.39 -19.58 6.32
CA GLY B 135 -13.70 -19.85 5.75
C GLY B 135 -14.04 -18.99 4.56
N TRP B 136 -13.03 -18.57 3.80
CA TRP B 136 -13.24 -17.75 2.60
C TRP B 136 -13.54 -18.63 1.40
N THR B 137 -14.51 -18.20 0.63
CA THR B 137 -14.79 -18.72 -0.68
C THR B 137 -14.09 -17.84 -1.70
N TYR B 138 -13.32 -18.47 -2.58
CA TYR B 138 -12.70 -17.77 -3.69
C TYR B 138 -13.73 -17.54 -4.81
N GLY B 139 -13.93 -16.28 -5.17
CA GLY B 139 -14.89 -15.90 -6.20
C GLY B 139 -14.31 -15.87 -7.60
N GLY B 140 -13.00 -16.01 -7.74
CA GLY B 140 -12.34 -15.92 -9.03
C GLY B 140 -11.81 -14.53 -9.33
N LEU B 141 -11.51 -14.32 -10.61
CA LEU B 141 -10.87 -13.09 -11.05
C LEU B 141 -11.87 -11.96 -11.21
N VAL B 142 -11.42 -10.75 -10.92
CA VAL B 142 -12.28 -9.61 -11.09
C VAL B 142 -12.40 -9.22 -12.56
N PHE B 143 -11.30 -9.24 -13.29
CA PHE B 143 -11.30 -8.66 -14.66
C PHE B 143 -11.34 -9.69 -15.76
N LYS B 144 -12.16 -9.45 -16.77
CA LYS B 144 -12.06 -10.25 -17.98
C LYS B 144 -10.71 -10.03 -18.68
N GLU B 145 -10.35 -11.00 -19.51
CA GLU B 145 -9.13 -10.98 -20.28
C GLU B 145 -9.17 -9.72 -21.14
N GLY B 146 -8.06 -8.98 -21.19
CA GLY B 146 -7.93 -7.82 -22.07
C GLY B 146 -8.33 -6.47 -21.49
N VAL B 147 -9.17 -6.46 -20.48
CA VAL B 147 -9.74 -5.23 -19.98
C VAL B 147 -8.65 -4.28 -19.47
N THR B 148 -7.81 -4.75 -18.58
CA THR B 148 -6.83 -3.91 -17.89
C THR B 148 -5.66 -3.46 -18.81
N GLY B 149 -5.47 -4.14 -19.93
CA GLY B 149 -4.43 -3.76 -20.90
C GLY B 149 -4.77 -2.55 -21.74
N GLN B 150 -6.05 -2.16 -21.76
CA GLN B 150 -6.57 -1.19 -22.73
C GLN B 150 -6.04 0.24 -22.58
N ILE B 151 -5.48 0.59 -21.42
CA ILE B 151 -5.03 1.95 -21.20
C ILE B 151 -3.62 2.24 -21.71
N PHE B 152 -2.88 1.21 -22.12
CA PHE B 152 -1.49 1.38 -22.54
C PHE B 152 -1.36 1.63 -24.06
N GLU B 153 -0.78 2.78 -24.41
CA GLU B 153 -0.44 3.08 -25.83
C GLU B 153 0.47 1.98 -26.40
N ASP B 154 1.52 1.62 -25.67
CA ASP B 154 2.43 0.57 -26.12
C ASP B 154 1.90 -0.82 -25.76
N GLN B 155 1.25 -1.45 -26.73
CA GLN B 155 0.65 -2.79 -26.61
C GLN B 155 1.61 -3.96 -26.79
N SER B 156 2.92 -3.70 -26.92
CA SER B 156 3.92 -4.76 -27.08
C SER B 156 4.29 -5.52 -25.76
N PHE B 157 3.63 -5.18 -24.66
CA PHE B 157 3.98 -5.78 -23.36
C PHE B 157 4.09 -7.30 -23.41
N SER B 158 5.11 -7.84 -22.73
CA SER B 158 5.22 -9.28 -22.52
C SER B 158 4.28 -9.77 -21.39
N HIS B 159 4.15 -8.95 -20.35
CA HIS B 159 3.34 -9.29 -19.17
C HIS B 159 2.51 -8.08 -18.82
N GLN B 160 1.31 -8.33 -18.33
CA GLN B 160 0.40 -7.27 -17.93
C GLN B 160 -0.30 -7.70 -16.65
N THR B 161 -0.08 -6.97 -15.56
CA THR B 161 -0.60 -7.38 -14.24
C THR B 161 -1.49 -6.34 -13.60
N GLN B 162 -2.29 -6.81 -12.65
CA GLN B 162 -2.96 -5.91 -11.73
C GLN B 162 -2.29 -6.08 -10.39
N TRP B 163 -1.81 -4.96 -9.85
CA TRP B 163 -1.13 -4.94 -8.56
C TRP B 163 -1.97 -4.18 -7.57
N THR B 164 -1.44 -4.10 -6.35
CA THR B 164 -2.14 -3.63 -5.16
C THR B 164 -2.87 -2.29 -5.25
N GLY B 165 -3.96 -2.23 -4.50
CA GLY B 165 -4.79 -1.02 -4.37
C GLY B 165 -5.75 -0.96 -3.18
N SER B 166 -6.97 -0.50 -3.46
CA SER B 166 -7.97 -0.30 -2.43
C SER B 166 -9.33 -0.34 -3.11
N ALA B 167 -10.39 -0.47 -2.30
CA ALA B 167 -11.74 -0.72 -2.80
C ALA B 167 -12.76 0.07 -1.99
N ARG B 168 -13.42 1.02 -2.65
CA ARG B 168 -14.34 1.93 -2.00
C ARG B 168 -15.75 1.56 -2.43
N VAL B 169 -16.62 1.32 -1.44
CA VAL B 169 -17.98 0.87 -1.71
C VAL B 169 -18.93 2.02 -1.42
N SER B 170 -20.01 2.13 -2.18
CA SER B 170 -21.03 3.14 -1.85
C SER B 170 -22.28 2.43 -1.35
N LYS B 171 -23.27 3.19 -0.88
CA LYS B 171 -24.39 2.57 -0.19
C LYS B 171 -25.27 1.69 -1.07
N ASN B 172 -25.11 1.77 -2.39
CA ASN B 172 -25.87 0.92 -3.30
C ASN B 172 -25.08 -0.31 -3.75
N GLY B 173 -23.92 -0.54 -3.12
CA GLY B 173 -23.09 -1.72 -3.43
C GLY B 173 -22.22 -1.58 -4.67
N GLU B 174 -22.13 -0.37 -5.19
CA GLU B 174 -21.18 -0.09 -6.24
C GLU B 174 -19.78 -0.07 -5.61
N ILE B 175 -18.80 -0.52 -6.38
CA ILE B 175 -17.41 -0.54 -5.98
C ILE B 175 -16.53 0.29 -6.93
N LYS B 176 -15.79 1.25 -6.38
CA LYS B 176 -14.70 1.90 -7.10
C LYS B 176 -13.42 1.18 -6.70
N LEU B 177 -12.90 0.40 -7.61
CA LEU B 177 -11.71 -0.40 -7.37
C LEU B 177 -10.47 0.34 -7.88
N PHE B 178 -9.66 0.87 -6.97
CA PHE B 178 -8.39 1.53 -7.32
C PHE B 178 -7.26 0.51 -7.25
N PHE B 179 -6.43 0.45 -8.28
CA PHE B 179 -5.39 -0.58 -8.36
C PHE B 179 -4.22 -0.08 -9.20
N THR B 180 -3.13 -0.83 -9.19
CA THR B 180 -1.94 -0.47 -9.91
C THR B 180 -1.95 -1.28 -11.21
N ASP B 181 -2.14 -0.61 -12.35
CA ASP B 181 -2.22 -1.31 -13.64
C ASP B 181 -0.82 -1.24 -14.24
N VAL B 182 -0.23 -2.40 -14.51
CA VAL B 182 1.19 -2.48 -14.91
C VAL B 182 1.42 -3.19 -16.23
N ALA B 183 2.20 -2.54 -17.09
CA ALA B 183 2.70 -3.18 -18.31
C ALA B 183 4.21 -3.41 -18.18
N PHE B 184 4.65 -4.63 -18.51
CA PHE B 184 6.08 -5.01 -18.54
C PHE B 184 6.51 -5.36 -19.97
N TYR B 185 7.78 -5.11 -20.25
CA TYR B 185 8.34 -5.29 -21.61
C TYR B 185 9.67 -6.05 -21.47
N ARG B 186 9.60 -7.37 -21.46
CA ARG B 186 10.73 -8.18 -21.03
C ARG B 186 11.11 -9.18 -22.07
N ASN B 187 12.40 -9.48 -22.17
CA ASN B 187 12.86 -10.63 -22.95
C ASN B 187 12.59 -11.92 -22.20
N SER B 188 12.67 -13.04 -22.93
CA SER B 188 12.27 -14.33 -22.37
C SER B 188 13.18 -14.79 -21.24
N ASP B 189 14.30 -14.10 -21.04
CA ASP B 189 15.25 -14.40 -19.95
C ASP B 189 15.13 -13.42 -18.79
N GLY B 190 13.98 -12.77 -18.64
CA GLY B 190 13.71 -11.94 -17.47
C GLY B 190 14.18 -10.50 -17.51
N THR B 191 15.11 -10.16 -18.40
CA THR B 191 15.62 -8.78 -18.50
C THR B 191 14.66 -7.83 -19.22
N ASN B 192 14.78 -6.53 -18.92
CA ASN B 192 13.98 -5.46 -19.55
C ASN B 192 14.45 -5.02 -20.96
N ILE B 193 13.49 -4.91 -21.87
CA ILE B 193 13.69 -4.26 -23.15
C ILE B 193 13.64 -2.75 -22.93
N LYS B 194 12.77 -2.35 -22.02
CA LYS B 194 12.54 -0.95 -21.69
C LYS B 194 11.85 -0.93 -20.33
N PRO B 195 11.85 0.24 -19.67
CA PRO B 195 11.26 0.31 -18.34
C PRO B 195 9.79 -0.15 -18.30
N TYR B 196 9.41 -0.80 -17.20
CA TYR B 196 8.01 -1.16 -16.96
C TYR B 196 7.14 0.09 -16.78
N ASP B 197 5.84 -0.10 -16.83
CA ASP B 197 4.89 1.02 -16.86
C ASP B 197 3.73 0.72 -15.89
N PRO B 198 3.92 1.10 -14.61
CA PRO B 198 2.92 0.98 -13.56
C PRO B 198 2.10 2.25 -13.50
N ARG B 199 0.79 2.11 -13.44
CA ARG B 199 -0.11 3.25 -13.37
C ARG B 199 -1.19 3.03 -12.33
N ILE B 200 -1.66 4.13 -11.77
CA ILE B 200 -2.76 4.10 -10.84
C ILE B 200 -4.06 4.27 -11.66
N ALA B 201 -4.99 3.33 -11.44
CA ALA B 201 -6.16 3.22 -12.27
C ALA B 201 -7.42 2.93 -11.44
N LEU B 202 -8.57 3.16 -12.07
CA LEU B 202 -9.89 2.89 -11.51
C LEU B 202 -10.71 2.00 -12.44
N SER B 203 -11.37 0.99 -11.89
CA SER B 203 -12.48 0.36 -12.59
C SER B 203 -13.64 0.29 -11.62
N VAL B 204 -14.85 0.41 -12.15
CA VAL B 204 -16.06 0.47 -11.36
C VAL B 204 -16.91 -0.74 -11.71
N GLY B 205 -17.53 -1.32 -10.68
CA GLY B 205 -18.37 -2.51 -10.79
C GLY B 205 -19.35 -2.52 -9.64
N LYS B 206 -19.97 -3.66 -9.40
CA LYS B 206 -21.02 -3.73 -8.41
C LYS B 206 -21.12 -5.12 -7.83
N VAL B 207 -21.48 -5.22 -6.55
CA VAL B 207 -21.73 -6.55 -5.95
C VAL B 207 -23.16 -6.99 -6.16
N LYS B 208 -23.31 -8.22 -6.66
CA LYS B 208 -24.62 -8.91 -6.69
C LYS B 208 -24.49 -10.02 -5.67
N ALA B 209 -25.31 -9.98 -4.63
CA ALA B 209 -25.28 -10.99 -3.58
C ALA B 209 -26.62 -11.71 -3.44
N ASN B 210 -26.57 -12.99 -3.10
CA ASN B 210 -27.73 -13.71 -2.60
C ASN B 210 -27.29 -14.77 -1.58
N LYS B 211 -28.16 -15.71 -1.26
CA LYS B 211 -27.87 -16.76 -0.27
C LYS B 211 -26.74 -17.70 -0.69
N LYS B 212 -26.55 -17.87 -1.99
CA LYS B 212 -25.56 -18.82 -2.46
C LYS B 212 -24.20 -18.18 -2.68
N GLY B 213 -24.10 -16.86 -2.52
CA GLY B 213 -22.81 -16.20 -2.64
C GLY B 213 -22.81 -14.80 -3.21
N VAL B 214 -21.62 -14.39 -3.64
CA VAL B 214 -21.36 -13.10 -4.19
C VAL B 214 -20.81 -13.22 -5.59
N THR B 215 -21.34 -12.39 -6.49
CA THR B 215 -20.75 -12.17 -7.80
C THR B 215 -20.57 -10.68 -8.05
N LEU B 216 -19.61 -10.34 -8.89
CA LEU B 216 -19.29 -8.99 -9.24
C LEU B 216 -19.76 -8.76 -10.67
N THR B 217 -20.39 -7.62 -10.92
CA THR B 217 -20.69 -7.22 -12.29
C THR B 217 -19.86 -6.00 -12.64
N GLY B 218 -19.78 -5.68 -13.93
CA GLY B 218 -19.03 -4.47 -14.39
C GLY B 218 -17.55 -4.74 -14.41
N PHE B 219 -16.75 -3.77 -14.02
CA PHE B 219 -15.30 -3.89 -14.13
C PHE B 219 -14.86 -4.19 -15.59
N ASN B 220 -15.65 -3.71 -16.54
CA ASN B 220 -15.40 -3.92 -17.96
C ASN B 220 -14.62 -2.77 -18.61
N LYS B 221 -14.48 -1.65 -17.90
CA LYS B 221 -13.69 -0.50 -18.35
C LYS B 221 -12.69 -0.05 -17.29
N VAL B 222 -11.53 0.42 -17.73
CA VAL B 222 -10.52 0.96 -16.85
C VAL B 222 -10.19 2.40 -17.20
N THR B 223 -10.10 3.25 -16.18
CA THR B 223 -9.72 4.64 -16.34
C THR B 223 -8.34 4.86 -15.76
N ASP B 224 -7.41 5.26 -16.63
CA ASP B 224 -6.08 5.64 -16.25
C ASP B 224 -6.15 6.96 -15.47
N LEU B 225 -5.70 6.95 -14.22
CA LEU B 225 -5.83 8.12 -13.34
C LEU B 225 -4.53 8.89 -13.21
N LEU B 226 -3.45 8.19 -12.85
CA LEU B 226 -2.16 8.85 -12.58
C LEU B 226 -1.00 8.01 -13.09
N GLN B 227 0.06 8.72 -13.45
CA GLN B 227 1.32 8.12 -13.81
C GLN B 227 2.42 9.11 -13.42
N ALA B 228 3.60 8.59 -13.12
CA ALA B 228 4.67 9.41 -12.54
C ALA B 228 4.99 10.63 -13.41
N ASP B 229 5.20 11.78 -12.76
CA ASP B 229 5.27 13.05 -13.47
C ASP B 229 6.72 13.51 -13.76
N GLY B 230 7.65 13.14 -12.87
CA GLY B 230 9.04 13.51 -13.02
C GLY B 230 9.44 14.76 -12.25
N THR B 231 8.47 15.47 -11.69
CA THR B 231 8.72 16.64 -10.87
C THR B 231 8.49 16.28 -9.38
N TYR B 232 7.38 15.61 -9.09
CA TYR B 232 7.12 15.10 -7.73
C TYR B 232 7.55 13.62 -7.58
N TYR B 233 7.18 12.79 -8.56
CA TYR B 233 7.32 11.35 -8.48
C TYR B 233 8.19 10.91 -9.64
N GLN B 234 9.25 10.20 -9.28
CA GLN B 234 10.25 9.73 -10.19
C GLN B 234 9.69 8.85 -11.29
N THR B 235 10.25 8.98 -12.50
CA THR B 235 9.74 8.24 -13.66
C THR B 235 10.72 7.18 -14.11
N GLY B 236 10.27 6.38 -15.07
CA GLY B 236 11.10 5.35 -15.72
C GLY B 236 12.32 5.89 -16.42
N ALA B 237 12.21 7.11 -16.95
CA ALA B 237 13.36 7.80 -17.57
C ALA B 237 14.39 8.22 -16.52
N GLN B 238 13.94 8.68 -15.36
CA GLN B 238 14.88 9.00 -14.28
C GLN B 238 15.41 7.77 -13.59
N ASN B 239 14.63 6.69 -13.56
CA ASN B 239 15.01 5.44 -12.89
C ASN B 239 14.21 4.26 -13.38
N GLU B 240 14.87 3.39 -14.14
CA GLU B 240 14.26 2.22 -14.74
C GLU B 240 13.45 1.38 -13.74
N PHE B 241 13.92 1.39 -12.48
CA PHE B 241 13.30 0.58 -11.45
C PHE B 241 12.55 1.46 -10.43
N PHE B 242 12.06 2.62 -10.88
CA PHE B 242 11.19 3.46 -10.04
C PHE B 242 9.95 2.70 -9.48
N ASN B 243 9.52 3.10 -8.29
CA ASN B 243 8.31 2.60 -7.67
C ASN B 243 7.20 3.57 -7.91
N PHE B 244 6.03 3.08 -8.29
CA PHE B 244 4.86 3.94 -8.38
C PHE B 244 3.67 3.01 -8.34
N ARG B 245 2.95 3.02 -7.20
CA ARG B 245 1.90 2.02 -6.94
C ARG B 245 1.18 2.19 -5.60
N ASP B 246 0.11 1.41 -5.42
CA ASP B 246 -0.61 1.24 -4.14
C ASP B 246 -1.49 2.43 -3.70
N PRO B 247 -2.51 2.77 -4.52
CA PRO B 247 -3.43 3.82 -4.12
C PRO B 247 -4.37 3.42 -2.97
N PHE B 248 -4.39 4.27 -1.94
CA PHE B 248 -5.33 4.23 -0.84
C PHE B 248 -6.06 5.56 -0.81
N THR B 249 -7.37 5.57 -1.02
CA THR B 249 -8.11 6.80 -0.97
C THR B 249 -8.83 6.99 0.34
N PHE B 250 -9.14 8.26 0.64
CA PHE B 250 -9.79 8.59 1.90
C PHE B 250 -10.34 10.03 1.95
N GLU B 251 -11.22 10.26 2.92
CA GLU B 251 -11.71 11.57 3.31
C GLU B 251 -10.89 12.03 4.53
N ASP B 252 -10.37 13.24 4.49
CA ASP B 252 -9.73 13.84 5.66
C ASP B 252 -10.82 14.54 6.46
N PRO B 253 -10.99 14.19 7.75
CA PRO B 253 -12.00 14.87 8.58
C PRO B 253 -11.82 16.40 8.69
N ALA B 254 -10.60 16.87 8.55
CA ALA B 254 -10.30 18.30 8.60
C ALA B 254 -10.58 18.99 7.26
N HIS B 255 -10.91 18.22 6.22
CA HIS B 255 -11.25 18.78 4.91
C HIS B 255 -12.46 18.08 4.27
N PRO B 256 -13.65 18.19 4.90
CA PRO B 256 -14.85 17.54 4.36
C PRO B 256 -15.19 17.98 2.94
N GLY B 257 -15.82 17.09 2.18
CA GLY B 257 -16.14 17.37 0.79
C GLY B 257 -15.03 17.13 -0.21
N GLU B 258 -13.84 16.73 0.25
CA GLU B 258 -12.71 16.41 -0.65
C GLU B 258 -12.23 14.97 -0.43
N THR B 259 -11.72 14.33 -1.49
CA THR B 259 -11.15 13.00 -1.41
C THR B 259 -9.66 13.08 -1.77
N PHE B 260 -8.84 12.43 -0.96
CA PHE B 260 -7.40 12.36 -1.21
C PHE B 260 -6.99 10.92 -1.43
N MET B 261 -5.75 10.76 -1.91
CA MET B 261 -5.14 9.46 -2.12
C MET B 261 -3.66 9.53 -1.78
N VAL B 262 -3.17 8.54 -1.03
CA VAL B 262 -1.75 8.33 -0.84
C VAL B 262 -1.30 7.10 -1.64
N PHE B 263 -0.03 7.10 -2.05
CA PHE B 263 0.57 6.01 -2.81
C PHE B 263 2.08 6.04 -2.61
N GLU B 264 2.72 4.94 -2.99
CA GLU B 264 4.17 4.83 -2.96
C GLU B 264 4.77 5.39 -4.25
N GLY B 265 5.83 6.19 -4.11
CA GLY B 265 6.67 6.59 -5.24
C GLY B 265 8.14 6.65 -4.88
N ASN B 266 8.91 7.36 -5.69
CA ASN B 266 10.28 7.77 -5.33
C ASN B 266 10.43 9.26 -5.58
N SER B 267 11.36 9.89 -4.89
CA SER B 267 11.65 11.31 -5.11
C SER B 267 12.16 11.48 -6.51
N ALA B 268 11.76 12.58 -7.14
CA ALA B 268 11.97 12.79 -8.56
C ALA B 268 13.39 13.29 -8.85
N MET B 269 14.35 12.38 -8.76
CA MET B 269 15.76 12.68 -9.08
C MET B 269 16.24 11.70 -10.13
N GLN B 270 17.13 12.17 -10.98
CA GLN B 270 17.78 11.29 -11.92
C GLN B 270 18.62 10.36 -11.06
N ARG B 271 18.48 9.07 -11.34
CA ARG B 271 19.01 8.00 -10.50
C ARG B 271 20.49 8.12 -10.16
N GLU B 272 21.31 8.31 -11.17
CA GLU B 272 22.79 8.23 -11.01
C GLU B 272 23.45 9.51 -10.48
N THR B 273 22.69 10.62 -10.45
CA THR B 273 23.19 11.92 -9.97
C THR B 273 22.43 12.38 -8.72
N ALA B 274 21.55 11.50 -8.22
CA ALA B 274 20.81 11.77 -7.00
C ALA B 274 21.72 12.21 -5.87
N THR B 275 21.24 13.14 -5.04
CA THR B 275 21.98 13.62 -3.89
C THR B 275 21.08 13.86 -2.69
N CYS B 276 21.66 13.72 -1.50
CA CYS B 276 21.00 14.04 -0.25
C CYS B 276 21.62 15.29 0.40
N ASN B 277 20.94 15.79 1.44
CA ASN B 277 21.37 17.01 2.11
C ASN B 277 21.33 16.83 3.63
N GLU B 278 21.67 17.91 4.33
CA GLU B 278 21.74 17.90 5.78
C GLU B 278 20.42 17.50 6.40
N ALA B 279 19.31 17.95 5.80
CA ALA B 279 17.97 17.65 6.36
C ALA B 279 17.58 16.16 6.21
N ASP B 280 17.95 15.51 5.11
CA ASP B 280 17.77 14.05 5.00
C ASP B 280 18.53 13.35 6.13
N LEU B 281 19.67 13.92 6.53
CA LEU B 281 20.49 13.32 7.59
C LEU B 281 19.81 13.54 8.94
N GLY B 282 19.44 14.79 9.20
CA GLY B 282 18.63 15.11 10.33
C GLY B 282 19.26 15.01 11.70
N TYR B 283 20.60 15.07 11.80
CA TYR B 283 21.25 15.04 13.12
C TYR B 283 21.08 16.38 13.84
N ARG B 284 20.85 16.31 15.15
CA ARG B 284 20.89 17.49 16.02
C ARG B 284 22.32 18.02 16.04
N GLN B 285 22.49 19.33 16.13
CA GLN B 285 23.84 19.90 16.02
C GLN B 285 24.68 19.43 17.18
N GLY B 286 25.95 19.15 16.90
CA GLY B 286 26.87 18.65 17.93
C GLY B 286 26.74 17.18 18.29
N ASP B 287 25.83 16.43 17.63
CA ASP B 287 25.63 15.00 17.94
C ASP B 287 26.94 14.26 17.59
N PRO B 288 27.53 13.56 18.57
CA PRO B 288 28.79 12.85 18.29
C PRO B 288 28.65 11.73 17.24
N TYR B 289 27.44 11.25 16.96
CA TYR B 289 27.29 10.24 15.92
C TYR B 289 26.88 10.82 14.56
N ALA B 290 26.86 12.13 14.42
CA ALA B 290 26.48 12.72 13.14
C ALA B 290 27.42 12.28 12.00
N GLU B 291 26.82 12.06 10.83
CA GLU B 291 27.57 11.82 9.59
C GLU B 291 27.64 13.12 8.82
N THR B 292 28.42 13.13 7.74
CA THR B 292 28.53 14.30 6.88
C THR B 292 27.84 14.06 5.57
N VAL B 293 27.37 15.14 4.95
CA VAL B 293 26.69 15.00 3.68
C VAL B 293 27.54 14.29 2.64
N ASP B 294 28.80 14.70 2.50
CA ASP B 294 29.77 14.05 1.58
C ASP B 294 29.86 12.54 1.77
N ASP B 295 30.03 12.10 3.02
CA ASP B 295 30.18 10.67 3.31
C ASP B 295 28.97 9.85 2.88
N VAL B 296 27.78 10.35 3.24
CA VAL B 296 26.54 9.69 2.88
C VAL B 296 26.37 9.69 1.37
N ASN B 297 26.65 10.81 0.73
CA ASN B 297 26.47 10.90 -0.73
C ASN B 297 27.41 9.98 -1.47
N ALA B 298 28.54 9.64 -0.86
CA ALA B 298 29.51 8.76 -1.48
C ALA B 298 29.32 7.28 -1.13
N SER B 299 28.37 6.99 -0.22
CA SER B 299 28.21 5.63 0.31
C SER B 299 27.45 4.70 -0.62
N GLY B 300 26.72 5.26 -1.57
CA GLY B 300 25.72 4.54 -2.33
C GLY B 300 24.28 4.75 -1.83
N ALA B 301 24.11 5.39 -0.68
CA ALA B 301 22.77 5.60 -0.09
C ALA B 301 21.83 6.44 -0.95
N THR B 302 22.38 7.25 -1.84
CA THR B 302 21.57 8.07 -2.75
C THR B 302 20.75 7.24 -3.73
N TYR B 303 21.03 5.93 -3.79
CA TYR B 303 20.22 5.02 -4.59
C TYR B 303 18.90 4.65 -3.91
N GLN B 304 18.76 4.99 -2.62
CA GLN B 304 17.53 4.76 -1.86
C GLN B 304 16.78 6.09 -1.56
N ILE B 305 15.84 6.44 -2.44
CA ILE B 305 15.06 7.67 -2.32
C ILE B 305 13.52 7.45 -2.44
N GLY B 306 12.95 6.63 -1.55
CA GLY B 306 11.51 6.37 -1.58
C GLY B 306 10.74 7.57 -1.05
N ASN B 307 9.49 7.71 -1.50
CA ASN B 307 8.56 8.70 -0.93
C ASN B 307 7.13 8.19 -0.91
N VAL B 308 6.29 8.94 -0.22
CA VAL B 308 4.87 8.68 -0.20
C VAL B 308 4.21 9.89 -0.82
N GLY B 309 3.45 9.67 -1.89
CA GLY B 309 2.73 10.72 -2.60
C GLY B 309 1.32 10.99 -2.08
N LEU B 310 0.79 12.15 -2.46
CA LEU B 310 -0.54 12.59 -2.14
C LEU B 310 -1.13 13.11 -3.43
N ALA B 311 -2.43 12.89 -3.59
CA ALA B 311 -3.16 13.34 -4.77
C ALA B 311 -4.54 13.68 -4.35
N LYS B 312 -5.15 14.61 -5.10
CA LYS B 312 -6.48 15.10 -4.76
C LYS B 312 -7.43 14.86 -5.91
N ALA B 313 -8.62 14.39 -5.59
CA ALA B 313 -9.60 14.10 -6.61
C ALA B 313 -10.10 15.42 -7.20
N LYS B 314 -10.21 15.50 -8.51
CA LYS B 314 -10.78 16.68 -9.18
C LYS B 314 -12.32 16.60 -9.33
N ASN B 315 -12.95 15.48 -8.96
CA ASN B 315 -14.41 15.41 -8.98
C ASN B 315 -14.94 14.29 -8.07
N LYS B 316 -16.26 14.30 -7.85
CA LYS B 316 -16.89 13.41 -6.87
C LYS B 316 -16.96 11.99 -7.40
N GLN B 317 -16.87 11.82 -8.70
CA GLN B 317 -16.73 10.51 -9.33
C GLN B 317 -15.41 9.81 -9.03
N LEU B 318 -14.40 10.60 -8.66
CA LEU B 318 -13.05 10.13 -8.43
C LEU B 318 -12.43 9.61 -9.74
N THR B 319 -12.81 10.21 -10.86
CA THR B 319 -12.31 9.76 -12.16
C THR B 319 -11.13 10.59 -12.68
N GLU B 320 -10.82 11.69 -11.99
CA GLU B 320 -9.71 12.52 -12.34
C GLU B 320 -9.03 13.00 -11.09
N TRP B 321 -7.71 13.04 -11.12
CA TRP B 321 -6.92 13.33 -9.93
C TRP B 321 -5.77 14.27 -10.26
N GLU B 322 -5.29 14.97 -9.25
CA GLU B 322 -4.22 15.93 -9.36
C GLU B 322 -3.11 15.58 -8.36
N PHE B 323 -1.86 15.56 -8.80
CA PHE B 323 -0.77 15.29 -7.87
C PHE B 323 -0.60 16.48 -6.94
N LEU B 324 -0.30 16.18 -5.69
CA LEU B 324 0.14 17.19 -4.75
C LEU B 324 1.58 16.80 -4.35
N PRO B 325 2.29 17.72 -3.67
CA PRO B 325 3.66 17.34 -3.33
C PRO B 325 3.73 16.12 -2.40
N PRO B 326 4.85 15.39 -2.41
CA PRO B 326 5.04 14.26 -1.51
C PRO B 326 4.87 14.69 -0.05
N ILE B 327 4.29 13.81 0.78
CA ILE B 327 4.10 14.08 2.22
C ILE B 327 5.20 13.50 3.12
N LEU B 328 5.89 12.49 2.61
CA LEU B 328 7.01 11.89 3.34
C LEU B 328 8.07 11.50 2.31
N SER B 329 9.34 11.76 2.61
CA SER B 329 10.45 11.31 1.78
C SER B 329 11.44 10.56 2.68
N ALA B 330 12.16 9.62 2.07
CA ALA B 330 13.10 8.78 2.79
C ALA B 330 14.40 8.70 1.98
N ASN B 331 14.87 9.89 1.57
CA ASN B 331 16.10 10.01 0.82
C ASN B 331 17.31 9.64 1.67
N CYS B 332 18.13 8.77 1.10
CA CYS B 332 19.26 8.16 1.81
C CYS B 332 18.84 7.29 3.00
N VAL B 333 17.59 6.83 2.97
CA VAL B 333 17.06 5.97 4.04
C VAL B 333 16.50 4.66 3.49
N THR B 334 15.50 4.73 2.60
CA THR B 334 15.00 3.52 1.97
C THR B 334 14.56 3.75 0.53
N ASP B 335 14.63 2.71 -0.27
CA ASP B 335 14.08 2.75 -1.62
C ASP B 335 12.55 2.64 -1.58
N GLN B 336 12.04 2.03 -0.50
CA GLN B 336 10.66 1.55 -0.50
C GLN B 336 9.85 1.88 0.72
N THR B 337 9.00 2.89 0.58
CA THR B 337 8.01 3.22 1.58
C THR B 337 6.69 2.78 1.00
N GLU B 338 6.41 1.47 1.11
CA GLU B 338 5.33 0.87 0.34
C GLU B 338 3.99 0.94 1.03
N ARG B 339 2.99 0.70 0.20
CA ARG B 339 1.62 0.51 0.61
C ARG B 339 1.15 1.46 1.69
N PRO B 340 1.32 2.78 1.46
CA PRO B 340 0.92 3.75 2.47
C PRO B 340 -0.57 3.76 2.75
N GLN B 341 -0.92 4.03 4.01
CA GLN B 341 -2.30 4.33 4.37
C GLN B 341 -2.35 5.45 5.44
N ILE B 342 -3.42 6.23 5.42
CA ILE B 342 -3.68 7.21 6.45
C ILE B 342 -4.77 6.63 7.33
N TYR B 343 -4.49 6.64 8.63
CA TYR B 343 -5.33 6.08 9.67
C TYR B 343 -5.56 7.20 10.72
N PHE B 344 -6.82 7.62 10.91
CA PHE B 344 -7.17 8.74 11.82
C PHE B 344 -7.53 8.28 13.24
N LYS B 345 -6.98 8.92 14.26
CA LYS B 345 -7.25 8.53 15.65
C LYS B 345 -6.94 9.65 16.63
N ASP B 346 -7.86 9.87 17.57
CA ASP B 346 -7.72 10.87 18.64
C ASP B 346 -7.20 12.19 18.11
N GLY B 347 -7.74 12.63 16.98
CA GLY B 347 -7.31 13.87 16.35
C GLY B 347 -5.99 13.86 15.62
N LYS B 348 -5.40 12.68 15.43
CA LYS B 348 -4.12 12.58 14.73
C LYS B 348 -4.27 11.87 13.38
N SER B 349 -3.35 12.20 12.46
CA SER B 349 -3.12 11.47 11.23
C SER B 349 -1.93 10.52 11.42
N TYR B 350 -2.19 9.22 11.38
CA TYR B 350 -1.12 8.21 11.36
C TYR B 350 -0.87 7.75 9.94
N LEU B 351 0.35 7.95 9.46
CA LEU B 351 0.78 7.40 8.19
C LEU B 351 1.49 6.08 8.44
N PHE B 352 0.88 4.99 8.00
CA PHE B 352 1.48 3.67 8.08
C PHE B 352 1.93 3.20 6.73
N THR B 353 3.00 2.44 6.74
CA THR B 353 3.75 2.15 5.54
C THR B 353 4.46 0.81 5.77
N ILE B 354 4.91 0.14 4.73
CA ILE B 354 5.65 -1.11 4.95
C ILE B 354 6.99 -1.08 4.23
N SER B 355 7.96 -1.80 4.77
CA SER B 355 9.29 -1.81 4.13
C SER B 355 10.03 -3.14 4.31
N HIS B 356 10.96 -3.41 3.39
CA HIS B 356 11.84 -4.56 3.52
C HIS B 356 13.08 -4.20 4.30
N ARG B 357 13.72 -5.22 4.91
CA ARG B 357 15.04 -5.04 5.50
C ARG B 357 16.07 -4.62 4.46
N GLY B 358 16.05 -5.30 3.32
CA GLY B 358 17.08 -5.16 2.30
C GLY B 358 17.09 -3.87 1.52
N THR B 359 16.02 -3.10 1.61
CA THR B 359 15.85 -1.85 0.88
C THR B 359 16.34 -0.63 1.66
N PHE B 360 16.80 -0.84 2.88
CA PHE B 360 17.46 0.23 3.63
C PHE B 360 18.79 0.68 2.98
N ALA B 361 19.15 1.94 3.14
CA ALA B 361 20.35 2.48 2.54
C ALA B 361 21.58 1.99 3.31
N ALA B 362 22.75 2.15 2.68
CA ALA B 362 24.03 1.88 3.36
C ALA B 362 23.98 2.43 4.78
N GLY B 363 24.46 1.65 5.74
CA GLY B 363 24.59 2.15 7.09
C GLY B 363 23.34 2.00 7.93
N LEU B 364 22.23 1.60 7.31
CA LEU B 364 20.98 1.47 8.05
C LEU B 364 20.53 0.04 8.01
N ASP B 365 19.61 -0.28 8.90
CA ASP B 365 19.07 -1.63 8.97
C ASP B 365 17.83 -1.65 9.85
N GLY B 366 16.96 -2.60 9.57
CA GLY B 366 15.76 -2.80 10.37
C GLY B 366 14.93 -3.94 9.84
N PRO B 367 13.91 -4.37 10.59
CA PRO B 367 13.15 -5.54 10.16
C PRO B 367 12.21 -5.27 8.99
N GLU B 368 11.75 -6.34 8.35
CA GLU B 368 10.56 -6.31 7.49
C GLU B 368 9.34 -5.92 8.32
N GLY B 369 8.40 -5.19 7.73
CA GLY B 369 7.13 -4.90 8.41
C GLY B 369 6.67 -3.46 8.42
N VAL B 370 5.92 -3.09 9.44
CA VAL B 370 5.18 -1.84 9.43
C VAL B 370 5.98 -0.70 10.03
N TYR B 371 6.16 0.34 9.24
CA TYR B 371 6.78 1.57 9.69
C TYR B 371 5.77 2.72 9.70
N GLY B 372 5.65 3.43 10.81
CA GLY B 372 4.60 4.44 10.96
C GLY B 372 5.08 5.78 11.45
N PHE B 373 4.22 6.78 11.27
CA PHE B 373 4.53 8.18 11.49
C PHE B 373 3.23 8.87 11.89
N VAL B 374 3.30 9.78 12.87
CA VAL B 374 2.11 10.50 13.36
C VAL B 374 2.29 12.02 13.32
N GLY B 375 1.19 12.72 13.04
CA GLY B 375 1.19 14.18 12.96
C GLY B 375 -0.23 14.73 13.07
N ASP B 376 -0.37 16.06 13.10
CA ASP B 376 -1.68 16.70 13.27
C ASP B 376 -2.40 16.95 11.95
N GLY B 377 -1.85 16.44 10.85
CA GLY B 377 -2.49 16.55 9.57
C GLY B 377 -1.95 15.54 8.58
N ILE B 378 -2.65 15.40 7.47
CA ILE B 378 -2.23 14.45 6.45
C ILE B 378 -0.92 14.88 5.80
N ARG B 379 -0.70 16.19 5.71
CA ARG B 379 0.62 16.75 5.47
C ARG B 379 1.06 17.43 6.74
N SER B 380 2.06 16.84 7.40
CA SER B 380 2.55 17.37 8.65
C SER B 380 4.02 17.04 8.80
N ASP B 381 4.63 17.59 9.84
CA ASP B 381 6.02 17.27 10.13
C ASP B 381 6.01 16.01 10.98
N TYR B 382 5.80 14.91 10.26
CA TYR B 382 5.51 13.61 10.84
C TYR B 382 6.57 13.19 11.80
N GLN B 383 6.11 12.74 12.95
CA GLN B 383 7.00 12.13 13.91
C GLN B 383 6.98 10.61 13.67
N PRO B 384 8.13 10.04 13.27
CA PRO B 384 8.17 8.56 13.23
C PRO B 384 8.00 7.94 14.62
N LEU B 385 7.22 6.87 14.66
CA LEU B 385 6.80 6.25 15.92
C LEU B 385 7.90 5.50 16.65
N ASN B 386 7.69 5.35 17.95
CA ASN B 386 8.55 4.58 18.83
C ASN B 386 10.02 5.06 18.85
N GLY B 387 10.25 6.13 19.63
CA GLY B 387 11.57 6.72 19.84
C GLY B 387 12.16 7.38 18.59
N GLY B 388 11.30 7.71 17.63
CA GLY B 388 11.74 8.30 16.40
C GLY B 388 12.16 7.30 15.36
N SER B 389 12.07 6.00 15.67
CA SER B 389 12.49 4.93 14.74
C SER B 389 11.59 4.76 13.49
N GLY B 390 10.28 4.92 13.68
CA GLY B 390 9.30 4.54 12.67
C GLY B 390 8.79 3.11 12.84
N LEU B 391 9.49 2.26 13.59
CA LEU B 391 9.06 0.84 13.68
C LEU B 391 7.83 0.69 14.56
N ALA B 392 6.78 0.12 13.99
CA ALA B 392 5.57 -0.21 14.71
C ALA B 392 5.37 -1.70 14.81
N LEU B 393 5.68 -2.41 13.73
CA LEU B 393 5.41 -3.84 13.74
C LEU B 393 6.37 -4.62 12.86
N GLY B 394 7.52 -4.98 13.41
CA GLY B 394 8.53 -5.70 12.65
C GLY B 394 8.37 -7.20 12.78
N ASN B 395 8.73 -7.91 11.71
CA ASN B 395 8.85 -9.36 11.80
C ASN B 395 9.94 -9.71 12.78
N PRO B 396 9.81 -10.87 13.48
CA PRO B 396 10.88 -11.19 14.43
C PRO B 396 12.22 -11.28 13.70
N THR B 397 13.23 -10.58 14.21
CA THR B 397 14.44 -10.29 13.47
C THR B 397 15.67 -10.23 14.37
N ASN B 398 16.72 -10.98 14.05
CA ASN B 398 17.98 -10.76 14.73
C ASN B 398 18.86 -9.82 13.90
N LEU B 399 18.89 -8.57 14.31
CA LEU B 399 19.60 -7.53 13.62
C LEU B 399 21.13 -7.65 13.72
N ASN B 400 21.59 -8.58 14.55
CA ASN B 400 23.01 -8.91 14.64
C ASN B 400 23.52 -9.78 13.49
N PHE B 401 22.62 -10.42 12.75
CA PHE B 401 23.02 -11.27 11.62
C PHE B 401 22.28 -10.84 10.36
N LEU B 402 22.80 -11.23 9.20
CA LEU B 402 22.16 -10.88 7.92
C LEU B 402 20.70 -11.39 7.79
N GLY B 403 19.93 -10.71 6.92
CA GLY B 403 18.50 -10.98 6.77
C GLY B 403 18.24 -12.13 5.85
N GLY B 404 19.18 -12.36 4.94
CA GLY B 404 18.99 -13.37 3.90
C GLY B 404 17.85 -12.93 3.00
N GLN B 405 17.19 -13.91 2.39
CA GLN B 405 16.06 -13.67 1.48
C GLN B 405 14.97 -14.70 1.67
N PRO B 406 13.73 -14.40 1.19
CA PRO B 406 12.64 -15.37 1.41
C PRO B 406 12.88 -16.72 0.73
N PHE B 407 13.75 -16.74 -0.27
CA PHE B 407 14.09 -17.94 -0.99
C PHE B 407 15.43 -18.52 -0.52
N ALA B 408 16.07 -17.88 0.45
CA ALA B 408 17.37 -18.31 0.95
C ALA B 408 17.62 -17.73 2.35
N PRO B 409 17.10 -18.40 3.41
CA PRO B 409 17.30 -17.81 4.73
C PRO B 409 18.74 -17.88 5.21
N ASP B 410 19.16 -16.91 5.99
CA ASP B 410 20.46 -16.96 6.62
C ASP B 410 20.43 -17.97 7.77
N PRO B 411 21.47 -18.81 7.91
CA PRO B 411 21.59 -19.81 8.98
C PRO B 411 21.37 -19.29 10.41
N ASN B 412 21.75 -18.04 10.68
CA ASN B 412 21.68 -17.48 12.02
C ASN B 412 20.51 -16.52 12.26
N GLN B 413 19.62 -16.42 11.29
CA GLN B 413 18.49 -15.51 11.34
C GLN B 413 17.23 -16.19 11.90
N HIS B 414 16.32 -15.38 12.45
CA HIS B 414 15.01 -15.89 12.96
C HIS B 414 14.14 -16.45 11.80
N PRO B 415 13.54 -17.64 11.99
CA PRO B 415 12.70 -18.30 10.98
C PRO B 415 11.41 -17.57 10.57
N GLY B 416 10.93 -16.65 11.40
CA GLY B 416 9.85 -15.73 11.04
C GLY B 416 10.30 -14.37 10.51
N HIS B 417 11.56 -14.25 10.09
CA HIS B 417 12.10 -12.99 9.52
C HIS B 417 11.24 -12.48 8.33
N PHE B 418 10.69 -13.42 7.57
CA PHE B 418 9.91 -13.10 6.40
C PHE B 418 8.50 -13.67 6.52
N GLN B 419 8.06 -13.91 7.75
CA GLN B 419 6.75 -14.54 7.99
C GLN B 419 5.57 -13.69 7.51
N ALA B 420 5.77 -12.40 7.33
CA ALA B 420 4.66 -11.52 6.97
C ALA B 420 5.11 -10.31 6.11
N TYR B 421 4.27 -9.93 5.15
CA TYR B 421 4.45 -8.70 4.38
C TYR B 421 3.07 -8.20 3.86
N SER B 422 3.07 -7.00 3.32
CA SER B 422 1.90 -6.28 2.88
C SER B 422 0.89 -6.14 3.98
N HIS B 423 1.39 -5.77 5.15
CA HIS B 423 0.56 -5.55 6.33
C HIS B 423 -0.42 -4.42 6.04
N TYR B 424 -1.59 -4.48 6.65
CA TYR B 424 -2.62 -3.51 6.44
C TYR B 424 -3.32 -3.34 7.79
N VAL B 425 -3.36 -2.09 8.28
CA VAL B 425 -3.97 -1.76 9.55
C VAL B 425 -5.47 -1.44 9.39
N MET B 426 -6.27 -2.24 10.08
CA MET B 426 -7.73 -2.18 10.01
C MET B 426 -8.27 -1.48 11.27
N PRO B 427 -9.57 -1.17 11.28
CA PRO B 427 -10.16 -0.53 12.46
C PRO B 427 -9.84 -1.22 13.76
N GLY B 428 -9.57 -0.41 14.80
CA GLY B 428 -9.18 -0.90 16.12
C GLY B 428 -7.78 -1.47 16.20
N GLY B 429 -6.91 -1.08 15.27
CA GLY B 429 -5.53 -1.55 15.28
C GLY B 429 -5.29 -3.01 14.91
N LEU B 430 -6.27 -3.67 14.32
CA LEU B 430 -6.04 -5.05 13.84
C LEU B 430 -5.21 -5.05 12.56
N VAL B 431 -4.26 -5.97 12.44
CA VAL B 431 -3.38 -6.00 11.26
C VAL B 431 -3.40 -7.35 10.56
N GLN B 432 -3.68 -7.31 9.26
CA GLN B 432 -3.69 -8.48 8.42
C GLN B 432 -2.50 -8.35 7.48
N SER B 433 -1.95 -9.52 7.13
CA SER B 433 -0.79 -9.60 6.30
C SER B 433 -0.74 -11.01 5.69
N TYR B 434 0.11 -11.21 4.71
CA TYR B 434 0.29 -12.52 4.11
C TYR B 434 1.63 -13.08 4.46
N ILE B 435 1.73 -14.40 4.40
CA ILE B 435 2.97 -15.14 4.68
C ILE B 435 3.83 -15.26 3.43
N ASP B 436 5.10 -14.90 3.56
CA ASP B 436 6.03 -15.00 2.46
C ASP B 436 6.86 -16.26 2.69
N THR B 437 7.69 -16.28 3.72
CA THR B 437 8.48 -17.45 4.06
C THR B 437 8.52 -17.65 5.56
N ILE B 438 8.47 -18.90 5.97
CA ILE B 438 8.65 -19.27 7.36
C ILE B 438 9.57 -20.49 7.39
N GLY B 439 10.62 -20.44 8.21
CA GLY B 439 11.53 -21.56 8.41
C GLY B 439 12.99 -21.17 8.37
N THR B 440 13.85 -22.16 8.54
CA THR B 440 15.30 -21.98 8.60
C THR B 440 15.92 -22.30 7.26
N HIS B 441 17.23 -22.04 7.15
CA HIS B 441 18.08 -22.29 5.95
C HIS B 441 17.82 -23.58 5.18
N ASP B 442 17.64 -24.67 5.91
CA ASP B 442 17.48 -25.98 5.26
C ASP B 442 16.08 -26.54 5.44
N ASP B 443 15.16 -25.74 5.94
CA ASP B 443 13.77 -26.19 6.12
C ASP B 443 12.79 -24.99 6.24
N PHE B 444 12.36 -24.51 5.08
CA PHE B 444 11.44 -23.38 4.99
C PHE B 444 10.35 -23.63 3.98
N VAL B 445 9.20 -22.99 4.20
CA VAL B 445 8.09 -23.03 3.27
C VAL B 445 7.69 -21.62 2.83
N ARG B 446 7.16 -21.54 1.60
CA ARG B 446 6.53 -20.32 1.12
C ARG B 446 5.05 -20.38 1.48
N GLY B 447 4.44 -19.23 1.76
CA GLY B 447 3.05 -19.15 2.18
C GLY B 447 2.10 -18.87 1.03
N GLY B 448 1.98 -17.60 0.67
CA GLY B 448 1.00 -17.26 -0.34
C GLY B 448 -0.41 -17.49 0.19
N THR B 449 -0.59 -17.17 1.47
CA THR B 449 -1.90 -17.14 2.12
C THR B 449 -1.76 -16.14 3.27
N LEU B 450 -2.86 -15.75 3.89
CA LEU B 450 -2.79 -14.72 4.93
C LEU B 450 -2.36 -15.28 6.27
N ALA B 451 -1.68 -14.43 7.05
CA ALA B 451 -1.24 -14.82 8.35
C ALA B 451 -2.40 -14.65 9.31
N PRO B 452 -2.22 -15.10 10.56
CA PRO B 452 -3.21 -14.74 11.56
C PRO B 452 -3.19 -13.25 11.79
N THR B 453 -4.37 -12.68 11.95
CA THR B 453 -4.51 -11.27 12.21
C THR B 453 -4.03 -10.97 13.64
N VAL B 454 -3.22 -9.93 13.79
CA VAL B 454 -2.70 -9.53 15.09
C VAL B 454 -3.28 -8.19 15.52
N LYS B 455 -2.99 -7.79 16.74
CA LYS B 455 -3.52 -6.54 17.27
C LYS B 455 -2.40 -5.62 17.75
N MET B 456 -2.40 -4.39 17.21
CA MET B 456 -1.48 -3.32 17.60
C MET B 456 -2.24 -2.20 18.33
N ASP B 457 -1.88 -1.90 19.58
CA ASP B 457 -2.45 -0.76 20.31
C ASP B 457 -1.72 0.49 19.95
N ILE B 458 -2.49 1.50 19.51
CA ILE B 458 -1.94 2.70 18.90
C ILE B 458 -2.21 3.91 19.79
N GLY B 459 -1.12 4.60 20.13
CA GLY B 459 -1.16 5.65 21.14
C GLY B 459 -1.17 5.11 22.56
N VAL B 460 -0.26 4.21 22.86
CA VAL B 460 -0.07 3.70 24.22
C VAL B 460 0.38 4.79 25.20
N GLY B 461 0.05 4.64 26.48
CA GLY B 461 0.25 5.69 27.49
C GLY B 461 -0.68 6.87 27.17
N GLY B 462 -0.21 8.08 27.46
CA GLY B 462 -0.78 9.26 26.83
C GLY B 462 0.01 9.65 25.59
N ASP B 463 0.74 8.70 25.00
CA ASP B 463 1.73 9.04 23.96
C ASP B 463 1.25 8.60 22.58
N SER B 464 0.76 9.59 21.85
CA SER B 464 0.50 9.45 20.43
C SER B 464 1.62 8.83 19.57
N THR B 465 2.87 8.91 20.02
CA THR B 465 4.00 8.41 19.23
C THR B 465 4.33 6.96 19.49
N LYS B 466 3.66 6.35 20.48
CA LYS B 466 3.92 4.97 20.89
C LYS B 466 2.86 3.96 20.42
N THR B 467 3.32 2.82 19.94
CA THR B 467 2.46 1.67 19.71
C THR B 467 2.94 0.50 20.55
N ALA B 468 2.05 -0.46 20.77
CA ALA B 468 2.46 -1.71 21.44
C ALA B 468 1.60 -2.89 20.98
N VAL B 469 2.26 -4.02 20.79
CA VAL B 469 1.55 -5.23 20.38
C VAL B 469 0.78 -5.76 21.56
N ASP B 470 -0.46 -6.15 21.32
CA ASP B 470 -1.29 -6.78 22.35
C ASP B 470 -1.12 -8.30 22.26
N TYR B 471 -0.26 -8.83 23.11
CA TYR B 471 -0.08 -10.27 23.24
C TYR B 471 -1.21 -10.96 24.01
N SER B 472 -2.22 -10.22 24.44
CA SER B 472 -3.38 -10.85 25.07
C SER B 472 -4.45 -11.21 24.02
N TYR B 473 -4.36 -10.59 22.86
CA TYR B 473 -5.28 -10.88 21.75
C TYR B 473 -5.14 -12.32 21.29
N GLY B 474 -6.27 -13.01 21.10
CA GLY B 474 -6.27 -14.39 20.55
C GLY B 474 -5.28 -15.29 21.28
N SER B 475 -4.49 -16.06 20.55
CA SER B 475 -3.47 -16.94 21.17
C SER B 475 -2.08 -16.31 21.20
N GLU B 476 -1.75 -15.76 22.36
CA GLU B 476 -0.52 -15.02 22.58
C GLU B 476 -0.25 -14.07 21.41
N GLY B 477 -1.28 -13.33 21.01
CA GLY B 477 -1.14 -12.28 20.01
C GLY B 477 -1.69 -12.66 18.65
N LEU B 478 -1.91 -13.96 18.43
CA LEU B 478 -2.35 -14.50 17.13
C LEU B 478 -3.85 -14.70 17.08
N GLY B 479 -4.53 -13.92 16.24
CA GLY B 479 -5.97 -14.06 16.01
C GLY B 479 -6.31 -15.11 14.97
N GLY B 480 -7.40 -14.86 14.24
CA GLY B 480 -7.89 -15.75 13.20
C GLY B 480 -7.02 -15.69 11.96
N TRP B 481 -6.83 -16.86 11.32
CA TRP B 481 -6.16 -16.94 10.03
C TRP B 481 -7.05 -16.19 9.07
N ALA B 482 -6.46 -15.24 8.32
CA ALA B 482 -7.18 -14.46 7.29
C ALA B 482 -8.41 -13.73 7.83
N ASP B 483 -8.33 -13.27 9.07
CA ASP B 483 -9.46 -12.59 9.65
C ASP B 483 -9.39 -11.12 9.28
N ILE B 484 -10.26 -10.75 8.35
CA ILE B 484 -10.42 -9.38 7.93
C ILE B 484 -11.89 -9.00 8.17
N PRO B 485 -12.21 -8.56 9.39
CA PRO B 485 -13.65 -8.47 9.72
C PRO B 485 -14.31 -7.15 9.31
N ALA B 486 -15.63 -7.17 9.17
CA ALA B 486 -16.37 -5.98 8.86
C ALA B 486 -16.91 -5.38 10.17
N ASN B 487 -16.74 -4.06 10.31
CA ASN B 487 -17.34 -3.28 11.40
C ASN B 487 -18.54 -2.46 10.94
N LYS B 488 -18.80 -2.42 9.63
CA LYS B 488 -20.01 -1.80 9.07
C LYS B 488 -20.66 -2.75 8.08
N HIS B 489 -21.98 -2.67 8.00
CA HIS B 489 -22.77 -3.60 7.26
C HIS B 489 -23.75 -2.86 6.34
N LEU B 490 -23.66 -3.22 5.07
CA LEU B 490 -24.43 -2.56 4.05
C LEU B 490 -25.64 -3.44 3.72
N PHE B 491 -26.83 -2.84 3.74
CA PHE B 491 -28.02 -3.45 3.21
C PHE B 491 -28.52 -2.65 2.04
N THR B 492 -28.62 -3.28 0.88
CA THR B 492 -29.00 -2.58 -0.38
C THR B 492 -29.74 -3.44 -1.38
N ASN B 493 -30.54 -2.78 -2.22
CA ASN B 493 -31.16 -3.47 -3.36
C ASN B 493 -30.53 -3.05 -4.68
N GLY B 494 -29.42 -2.34 -4.64
CA GLY B 494 -28.77 -1.90 -5.85
C GLY B 494 -29.00 -0.42 -6.10
N LYS B 495 -29.93 0.17 -5.36
CA LYS B 495 -30.31 1.58 -5.55
C LYS B 495 -30.40 2.31 -4.23
N PHE B 496 -31.23 1.79 -3.33
CA PHE B 496 -31.33 2.25 -1.95
C PHE B 496 -30.42 1.41 -1.08
N GLY B 497 -29.76 2.03 -0.13
CA GLY B 497 -29.03 1.27 0.85
C GLY B 497 -28.71 2.07 2.08
N VAL B 498 -28.43 1.37 3.17
CA VAL B 498 -27.89 2.02 4.36
C VAL B 498 -26.70 1.21 4.86
N ALA B 499 -25.76 1.90 5.49
CA ALA B 499 -24.64 1.31 6.23
C ALA B 499 -25.02 1.31 7.69
N VAL B 500 -24.74 0.22 8.37
CA VAL B 500 -25.27 0.02 9.70
C VAL B 500 -24.24 -0.72 10.57
N SER B 501 -24.39 -0.59 11.89
CA SER B 501 -23.46 -1.19 12.86
C SER B 501 -23.76 -2.68 13.04
N ASP B 502 -22.83 -3.40 13.67
CA ASP B 502 -23.04 -4.83 13.95
C ASP B 502 -24.39 -5.03 14.63
N GLU B 503 -24.64 -4.19 15.63
CA GLU B 503 -25.78 -4.34 16.53
C GLU B 503 -27.10 -4.12 15.77
N ALA B 504 -27.16 -3.05 14.99
CA ALA B 504 -28.33 -2.75 14.18
C ALA B 504 -28.64 -3.83 13.14
N ALA B 505 -27.61 -4.33 12.48
CA ALA B 505 -27.78 -5.38 11.49
C ALA B 505 -28.59 -6.56 12.02
N GLN B 506 -28.20 -7.07 13.19
CA GLN B 506 -28.95 -8.15 13.85
C GLN B 506 -30.39 -7.71 14.15
N LYS B 507 -30.54 -6.51 14.70
CA LYS B 507 -31.88 -5.99 15.01
C LYS B 507 -32.78 -5.89 13.76
N ILE B 508 -32.22 -5.43 12.65
CA ILE B 508 -32.96 -5.36 11.38
C ILE B 508 -33.43 -6.74 10.87
N ARG B 509 -32.49 -7.69 10.82
CA ARG B 509 -32.83 -9.06 10.39
C ARG B 509 -33.89 -9.68 11.28
N LYS B 510 -33.78 -9.42 12.58
CA LYS B 510 -34.74 -9.95 13.55
C LYS B 510 -36.13 -9.45 13.20
N ILE B 511 -36.28 -8.12 13.12
CA ILE B 511 -37.57 -7.46 12.86
C ILE B 511 -38.18 -7.82 11.51
N LEU B 512 -37.35 -7.92 10.48
CA LEU B 512 -37.84 -8.08 9.11
C LEU B 512 -38.14 -9.53 8.71
N GLY B 513 -39.15 -9.69 7.85
CA GLY B 513 -39.56 -11.01 7.34
C GLY B 513 -38.70 -11.55 6.20
N SER B 514 -39.12 -12.68 5.64
CA SER B 514 -38.37 -13.35 4.58
C SER B 514 -38.37 -12.59 3.24
N LYS B 515 -39.27 -11.62 3.09
CA LYS B 515 -39.30 -10.73 1.91
C LYS B 515 -38.06 -9.84 1.84
N PHE B 516 -37.47 -9.57 3.01
CA PHE B 516 -36.16 -8.93 3.10
C PHE B 516 -35.17 -9.64 2.19
N ASP B 517 -35.16 -10.98 2.24
CA ASP B 517 -34.22 -11.80 1.47
C ASP B 517 -34.42 -11.58 -0.02
N ASP B 518 -35.66 -11.52 -0.44
CA ASP B 518 -35.99 -11.18 -1.82
C ASP B 518 -35.49 -9.78 -2.17
N TYR B 519 -35.68 -8.84 -1.23
CA TYR B 519 -35.26 -7.45 -1.43
C TYR B 519 -33.73 -7.36 -1.62
N LEU B 520 -32.98 -8.00 -0.73
CA LEU B 520 -31.50 -8.04 -0.80
C LEU B 520 -30.99 -8.71 -2.08
N ASP B 521 -31.78 -9.63 -2.63
CA ASP B 521 -31.49 -10.26 -3.93
C ASP B 521 -31.53 -9.29 -5.13
N GLY B 522 -32.21 -8.14 -5.00
CA GLY B 522 -32.36 -7.19 -6.12
C GLY B 522 -33.61 -7.49 -6.95
N LYS B 523 -34.10 -8.70 -6.78
CA LYS B 523 -35.44 -9.13 -7.15
C LYS B 523 -36.59 -8.18 -6.74
N PRO B 524 -37.70 -8.17 -7.52
CA PRO B 524 -38.91 -7.36 -7.21
C PRO B 524 -39.72 -7.76 -5.95
N VAL B 525 -40.23 -6.74 -5.25
CA VAL B 525 -41.23 -6.90 -4.19
C VAL B 525 -42.33 -5.84 -4.41
N SER B 526 -43.43 -5.90 -3.65
CA SER B 526 -44.45 -4.86 -3.78
C SER B 526 -43.89 -3.51 -3.33
N ALA B 527 -44.39 -2.44 -3.92
CA ALA B 527 -44.06 -1.09 -3.47
C ALA B 527 -44.34 -0.91 -1.96
N THR B 528 -45.36 -1.59 -1.45
CA THR B 528 -45.71 -1.54 -0.04
C THR B 528 -44.67 -2.25 0.83
N VAL B 529 -44.20 -3.40 0.36
CA VAL B 529 -43.15 -4.17 1.04
C VAL B 529 -41.82 -3.40 1.03
N ARG B 530 -41.43 -2.95 -0.17
CA ARG B 530 -40.25 -2.14 -0.38
C ARG B 530 -40.26 -0.93 0.56
N ALA B 531 -41.41 -0.28 0.70
CA ALA B 531 -41.53 0.91 1.55
C ALA B 531 -41.34 0.56 3.02
N LEU B 532 -42.00 -0.50 3.48
CA LEU B 532 -41.85 -0.99 4.85
C LEU B 532 -40.39 -1.36 5.14
N ILE B 533 -39.73 -2.01 4.19
CA ILE B 533 -38.35 -2.42 4.39
C ILE B 533 -37.45 -1.19 4.51
N GLU B 534 -37.61 -0.24 3.59
CA GLU B 534 -36.68 0.89 3.49
C GLU B 534 -36.89 1.93 4.59
N LYS B 535 -38.13 2.07 5.06
CA LYS B 535 -38.43 2.95 6.19
C LYS B 535 -37.74 2.40 7.46
N LEU B 536 -37.85 1.11 7.69
CA LEU B 536 -37.06 0.48 8.74
C LEU B 536 -35.53 0.70 8.57
N LEU B 537 -34.98 0.32 7.41
CA LEU B 537 -33.56 0.53 7.15
C LEU B 537 -33.15 1.99 7.43
N ALA B 538 -33.96 2.95 7.02
CA ALA B 538 -33.62 4.36 7.20
C ALA B 538 -33.47 4.81 8.66
N GLN B 539 -34.24 4.21 9.57
CA GLN B 539 -34.10 4.51 11.00
C GLN B 539 -32.71 4.17 11.50
N TYR B 540 -32.17 3.03 11.07
CA TYR B 540 -30.84 2.61 11.53
C TYR B 540 -29.70 3.17 10.68
N GLY B 541 -30.02 3.87 9.61
CA GLY B 541 -29.00 4.65 8.92
C GLY B 541 -28.58 5.76 9.85
N LEU C 4 -19.80 18.08 -21.23
CA LEU C 4 -20.19 16.63 -21.18
C LEU C 4 -19.06 15.74 -20.69
N GLN C 5 -19.37 14.89 -19.72
CA GLN C 5 -18.42 13.90 -19.24
C GLN C 5 -18.25 12.82 -20.29
N ASP C 6 -17.01 12.39 -20.49
CA ASP C 6 -16.70 11.35 -21.49
C ASP C 6 -17.66 10.20 -21.29
N GLY C 7 -18.15 9.64 -22.38
CA GLY C 7 -19.04 8.46 -22.30
C GLY C 7 -19.55 8.09 -23.67
N PRO C 8 -20.57 7.22 -23.74
CA PRO C 8 -21.09 6.81 -25.07
C PRO C 8 -21.67 7.97 -25.90
N GLU C 9 -21.70 7.78 -27.21
CA GLU C 9 -22.47 8.66 -28.07
C GLU C 9 -23.93 8.26 -27.87
N PRO C 10 -24.85 9.23 -28.00
CA PRO C 10 -26.27 8.87 -28.01
C PRO C 10 -26.63 8.07 -29.26
N SER C 11 -27.75 7.37 -29.24
CA SER C 11 -28.14 6.58 -30.41
C SER C 11 -28.62 7.47 -31.58
N ILE C 12 -28.59 6.89 -32.78
CA ILE C 12 -29.09 7.55 -33.98
C ILE C 12 -30.56 7.22 -34.11
N HIS C 13 -31.39 8.25 -34.15
CA HIS C 13 -32.82 8.09 -34.34
C HIS C 13 -33.22 8.97 -35.52
N THR C 14 -34.14 8.50 -36.33
CA THR C 14 -34.50 9.21 -37.58
C THR C 14 -35.74 10.10 -37.47
N GLN C 15 -36.60 9.78 -36.49
CA GLN C 15 -37.86 10.48 -36.25
C GLN C 15 -38.92 10.15 -37.32
N GLN C 16 -38.59 9.29 -38.27
CA GLN C 16 -39.50 9.03 -39.37
C GLN C 16 -40.72 8.27 -38.82
N ALA C 17 -41.85 8.42 -39.50
CA ALA C 17 -43.12 7.95 -38.99
C ALA C 17 -43.53 6.67 -39.67
N TYR C 18 -44.42 5.95 -39.00
CA TYR C 18 -45.03 4.73 -39.49
C TYR C 18 -46.52 4.79 -39.22
N ALA C 19 -47.26 3.86 -39.78
CA ALA C 19 -48.68 3.82 -39.57
C ALA C 19 -48.93 3.56 -38.08
N PRO C 20 -49.99 4.18 -37.52
CA PRO C 20 -50.40 3.86 -36.15
C PRO C 20 -50.60 2.36 -35.92
N GLU C 21 -51.07 1.63 -36.94
CA GLU C 21 -51.35 0.18 -36.82
C GLU C 21 -50.08 -0.67 -37.08
N ASP C 22 -48.99 -0.01 -37.44
CA ASP C 22 -47.71 -0.64 -37.76
C ASP C 22 -47.03 -1.24 -36.53
N ASP C 23 -45.99 -2.05 -36.75
CA ASP C 23 -45.36 -2.86 -35.69
C ASP C 23 -44.07 -2.24 -35.13
N PHE C 24 -43.66 -1.10 -35.63
CA PHE C 24 -42.40 -0.54 -35.21
C PHE C 24 -42.50 0.10 -33.82
N THR C 25 -41.54 -0.26 -32.96
CA THR C 25 -41.49 0.31 -31.63
C THR C 25 -40.21 1.09 -31.43
N ALA C 26 -40.33 2.36 -31.08
CA ALA C 26 -39.15 3.18 -30.78
C ALA C 26 -38.45 2.69 -29.50
N LYS C 27 -37.14 2.93 -29.40
CA LYS C 27 -36.41 2.47 -28.24
C LYS C 27 -35.78 3.63 -27.55
N TRP C 28 -35.97 3.69 -26.22
CA TRP C 28 -35.20 4.63 -25.41
C TRP C 28 -34.01 3.80 -24.97
N THR C 29 -32.86 4.02 -25.62
CA THR C 29 -31.74 3.08 -25.48
C THR C 29 -30.83 3.37 -24.28
N ARG C 30 -29.98 2.40 -23.93
CA ARG C 30 -29.01 2.61 -22.86
C ARG C 30 -28.00 3.67 -23.22
N ALA C 31 -27.63 3.75 -24.50
CA ALA C 31 -26.74 4.83 -24.94
C ALA C 31 -27.39 6.20 -24.77
N ASP C 32 -28.68 6.28 -25.09
CA ASP C 32 -29.48 7.49 -24.87
C ASP C 32 -29.50 7.84 -23.37
N ALA C 33 -29.95 6.90 -22.55
CA ALA C 33 -30.09 7.13 -21.11
C ALA C 33 -28.80 7.55 -20.46
N ARG C 34 -27.67 6.99 -20.92
CA ARG C 34 -26.39 7.29 -20.32
C ARG C 34 -25.93 8.70 -20.57
N GLN C 35 -26.52 9.38 -21.56
CA GLN C 35 -26.26 10.83 -21.73
C GLN C 35 -26.66 11.65 -20.48
N LEU C 36 -27.56 11.09 -19.65
CA LEU C 36 -27.97 11.72 -18.41
C LEU C 36 -26.79 11.92 -17.47
N GLN C 37 -25.97 10.89 -17.32
CA GLN C 37 -24.76 10.97 -16.49
C GLN C 37 -23.71 11.87 -17.15
N ARG C 38 -23.65 11.86 -18.48
CA ARG C 38 -22.69 12.70 -19.19
C ARG C 38 -23.01 14.19 -19.01
N MET C 39 -24.30 14.50 -18.90
CA MET C 39 -24.78 15.86 -18.69
C MET C 39 -24.60 16.33 -17.26
N SER C 40 -24.45 15.40 -16.33
CA SER C 40 -24.31 15.76 -14.93
C SER C 40 -22.91 16.28 -14.67
N ASP C 41 -22.84 17.41 -13.94
CA ASP C 41 -21.59 17.95 -13.44
C ASP C 41 -21.00 17.06 -12.31
N PRO C 42 -19.86 16.39 -12.58
CA PRO C 42 -19.25 15.53 -11.56
C PRO C 42 -18.63 16.27 -10.37
N THR C 43 -18.64 17.59 -10.40
CA THR C 43 -18.06 18.35 -9.31
C THR C 43 -19.08 18.89 -8.32
N ALA C 44 -20.36 18.82 -8.64
CA ALA C 44 -21.35 19.53 -7.82
C ALA C 44 -21.29 19.02 -6.39
N PRO C 45 -21.14 19.92 -5.41
CA PRO C 45 -21.05 19.45 -4.01
C PRO C 45 -22.38 19.03 -3.37
N SER C 46 -22.23 18.34 -2.24
CA SER C 46 -23.34 17.98 -1.38
C SER C 46 -24.53 18.97 -1.43
N ARG C 47 -25.72 18.44 -1.76
CA ARG C 47 -27.00 19.18 -1.76
C ARG C 47 -27.21 20.21 -2.85
N GLU C 48 -26.31 20.26 -3.83
CA GLU C 48 -26.47 21.16 -4.96
C GLU C 48 -26.90 20.37 -6.16
N ASN C 49 -27.51 21.06 -7.12
CA ASN C 49 -27.97 20.39 -8.31
C ASN C 49 -26.77 20.06 -9.21
N SER C 50 -26.74 18.88 -9.83
CA SER C 50 -25.65 18.58 -10.77
C SER C 50 -26.09 18.69 -12.21
N MET C 51 -27.40 18.72 -12.42
CA MET C 51 -27.96 18.69 -13.77
C MET C 51 -28.03 20.11 -14.31
N PRO C 52 -27.97 20.28 -15.65
CA PRO C 52 -28.07 21.63 -16.28
C PRO C 52 -29.38 22.33 -15.94
N ALA C 53 -29.29 23.64 -15.68
CA ALA C 53 -30.44 24.41 -15.25
C ALA C 53 -31.59 24.38 -16.28
N SER C 54 -31.22 24.35 -17.56
CA SER C 54 -32.20 24.43 -18.64
C SER C 54 -33.13 23.21 -18.75
N VAL C 55 -32.78 22.11 -18.08
CA VAL C 55 -33.65 20.94 -17.99
C VAL C 55 -33.92 20.55 -16.53
N THR C 56 -33.73 21.50 -15.63
CA THR C 56 -34.08 21.32 -14.23
C THR C 56 -35.28 22.22 -13.84
N MET C 57 -36.23 21.66 -13.12
CA MET C 57 -37.37 22.40 -12.64
C MET C 57 -36.89 23.41 -11.61
N PRO C 58 -37.34 24.66 -11.69
CA PRO C 58 -37.04 25.64 -10.65
C PRO C 58 -37.39 25.10 -9.26
N THR C 59 -36.64 25.54 -8.26
CA THR C 59 -36.75 25.00 -6.93
C THR C 59 -37.99 25.47 -6.18
N VAL C 60 -38.73 24.52 -5.63
CA VAL C 60 -40.00 24.84 -4.97
C VAL C 60 -39.72 25.19 -3.49
N PRO C 61 -40.27 26.31 -3.01
CA PRO C 61 -40.02 26.67 -1.59
C PRO C 61 -40.69 25.66 -0.67
N GLN C 62 -40.03 25.40 0.47
CA GLN C 62 -40.47 24.37 1.43
C GLN C 62 -41.67 24.82 2.24
N ASP C 63 -41.93 26.12 2.19
CA ASP C 63 -43.05 26.71 2.90
C ASP C 63 -44.09 27.01 1.83
N PHE C 64 -44.98 26.05 1.61
CA PHE C 64 -45.90 26.08 0.46
C PHE C 64 -47.35 26.10 0.95
N PRO C 65 -48.22 26.82 0.27
CA PRO C 65 -49.62 26.76 0.62
C PRO C 65 -50.21 25.40 0.30
N ASP C 66 -51.38 25.08 0.86
CA ASP C 66 -52.08 23.84 0.55
C ASP C 66 -53.42 24.09 -0.18
N MET C 67 -53.61 23.46 -1.34
CA MET C 67 -54.73 23.76 -2.21
C MET C 67 -56.12 23.39 -1.67
N SER C 68 -56.16 22.47 -0.70
CA SER C 68 -57.46 22.01 -0.17
C SER C 68 -57.65 22.45 1.26
N ASN C 69 -56.85 23.41 1.72
CA ASN C 69 -56.80 23.76 3.14
C ASN C 69 -56.74 22.48 4.03
N GLU C 70 -55.96 21.51 3.54
CA GLU C 70 -55.67 20.23 4.23
C GLU C 70 -56.84 19.31 4.46
N GLN C 71 -57.86 19.45 3.61
CA GLN C 71 -59.05 18.60 3.71
C GLN C 71 -58.70 17.19 3.22
N VAL C 72 -57.83 17.10 2.22
CA VAL C 72 -57.42 15.83 1.65
C VAL C 72 -55.98 15.91 1.21
N TRP C 73 -55.37 14.75 1.04
CA TRP C 73 -54.14 14.67 0.28
C TRP C 73 -54.54 14.69 -1.19
N VAL C 74 -53.79 15.44 -1.99
CA VAL C 74 -54.05 15.56 -3.43
C VAL C 74 -52.78 15.20 -4.17
N TRP C 75 -52.86 14.33 -5.17
CA TRP C 75 -51.70 14.17 -6.07
C TRP C 75 -52.08 14.21 -7.54
N ASP C 76 -51.82 13.15 -8.33
CA ASP C 76 -52.00 13.24 -9.78
C ASP C 76 -53.30 14.00 -10.13
N THR C 77 -53.21 14.96 -11.04
CA THR C 77 -54.28 15.88 -11.35
C THR C 77 -54.40 16.02 -12.87
N TRP C 78 -55.62 16.11 -13.38
CA TRP C 78 -55.82 16.42 -14.80
C TRP C 78 -56.97 17.40 -15.07
N PRO C 79 -56.87 18.12 -16.18
CA PRO C 79 -57.87 19.10 -16.60
C PRO C 79 -58.93 18.47 -17.44
N LEU C 80 -59.92 19.25 -17.81
CA LEU C 80 -60.92 18.88 -18.78
C LEU C 80 -60.39 19.21 -20.14
N THR C 81 -60.42 18.25 -21.06
CA THR C 81 -59.87 18.49 -22.38
C THR C 81 -60.77 18.06 -23.53
N ASP C 82 -60.42 18.58 -24.69
CA ASP C 82 -60.95 18.09 -25.92
C ASP C 82 -59.88 17.23 -26.56
N GLU C 83 -60.15 16.83 -27.80
CA GLU C 83 -59.31 15.85 -28.50
C GLU C 83 -57.94 16.40 -28.90
N ASP C 84 -57.76 17.73 -28.84
CA ASP C 84 -56.46 18.40 -29.02
C ASP C 84 -55.77 18.76 -27.69
N ALA C 85 -56.32 18.32 -26.57
CA ALA C 85 -55.74 18.63 -25.24
C ALA C 85 -55.80 20.11 -24.86
N ASN C 86 -56.65 20.90 -25.53
CA ASN C 86 -57.04 22.20 -25.00
C ASN C 86 -57.75 21.95 -23.71
N GLN C 87 -57.57 22.89 -22.78
CA GLN C 87 -58.12 22.79 -21.44
C GLN C 87 -59.35 23.74 -21.31
N TYR C 88 -60.38 23.26 -20.62
CA TYR C 88 -61.70 23.88 -20.64
C TYR C 88 -62.21 24.38 -19.30
N SER C 89 -62.86 25.55 -19.37
CA SER C 89 -63.82 25.98 -18.35
C SER C 89 -65.20 25.60 -18.85
N VAL C 90 -66.12 25.39 -17.93
CA VAL C 90 -67.52 25.17 -18.28
C VAL C 90 -68.39 26.21 -17.60
N ASN C 91 -69.11 26.98 -18.41
CA ASN C 91 -69.98 28.06 -17.91
C ASN C 91 -69.34 28.92 -16.81
N GLY C 92 -68.11 29.32 -17.02
CA GLY C 92 -67.42 30.20 -16.08
C GLY C 92 -66.48 29.52 -15.11
N TRP C 93 -66.33 28.20 -15.18
CA TRP C 93 -65.59 27.48 -14.16
C TRP C 93 -64.54 26.55 -14.74
N GLU C 94 -63.29 26.76 -14.33
CA GLU C 94 -62.24 25.79 -14.53
C GLU C 94 -62.53 24.63 -13.61
N ILE C 95 -62.29 23.41 -14.12
CA ILE C 95 -62.58 22.18 -13.40
C ILE C 95 -61.42 21.23 -13.63
N ILE C 96 -61.00 20.57 -12.57
CA ILE C 96 -59.91 19.59 -12.63
C ILE C 96 -60.31 18.36 -11.84
N PHE C 97 -59.67 17.24 -12.18
CA PHE C 97 -59.84 15.98 -11.49
C PHE C 97 -58.51 15.64 -10.82
N SER C 98 -58.59 15.06 -9.63
CA SER C 98 -57.41 14.76 -8.84
C SER C 98 -57.56 13.45 -8.07
N LEU C 99 -56.46 12.76 -7.95
CA LEU C 99 -56.39 11.66 -7.01
C LEU C 99 -56.40 12.28 -5.61
N VAL C 100 -57.33 11.86 -4.78
CA VAL C 100 -57.34 12.30 -3.40
C VAL C 100 -57.39 11.13 -2.42
N ALA C 101 -56.94 11.38 -1.20
CA ALA C 101 -57.08 10.42 -0.12
C ALA C 101 -57.38 11.12 1.20
N ASP C 102 -57.91 10.35 2.14
CA ASP C 102 -58.17 10.86 3.50
C ASP C 102 -56.87 11.41 4.13
N ARG C 103 -56.90 12.68 4.54
CA ARG C 103 -55.76 13.42 5.08
C ARG C 103 -55.19 12.78 6.34
N ASN C 104 -56.00 11.98 7.03
CA ASN C 104 -55.59 11.34 8.27
C ASN C 104 -54.85 10.01 8.05
N LEU C 105 -54.68 9.59 6.80
CA LEU C 105 -53.81 8.46 6.46
C LEU C 105 -52.39 8.98 6.27
N GLY C 106 -51.39 8.16 6.59
CA GLY C 106 -50.03 8.49 6.20
C GLY C 106 -49.98 8.68 4.69
N PHE C 107 -49.20 9.67 4.26
CA PHE C 107 -49.15 10.06 2.86
C PHE C 107 -48.69 8.90 1.97
N ASP C 108 -47.76 8.09 2.49
CA ASP C 108 -47.28 6.92 1.74
C ASP C 108 -48.31 5.80 1.60
N ASP C 109 -49.38 5.84 2.40
CA ASP C 109 -50.47 4.84 2.32
C ASP C 109 -51.64 5.29 1.47
N ARG C 110 -51.51 6.44 0.81
CA ARG C 110 -52.58 6.99 -0.01
C ARG C 110 -52.96 6.11 -1.21
N HIS C 111 -52.00 5.30 -1.69
CA HIS C 111 -52.15 4.63 -3.00
C HIS C 111 -53.31 3.64 -3.04
N VAL C 112 -53.44 2.84 -1.98
CA VAL C 112 -54.51 1.83 -1.92
C VAL C 112 -55.84 2.35 -1.32
N PHE C 113 -55.90 3.65 -1.05
CA PHE C 113 -57.15 4.30 -0.62
C PHE C 113 -57.55 5.44 -1.56
N ALA C 114 -56.91 5.47 -2.73
CA ALA C 114 -57.05 6.58 -3.66
C ALA C 114 -58.41 6.60 -4.35
N LYS C 115 -58.98 7.80 -4.41
CA LYS C 115 -60.22 8.05 -5.12
C LYS C 115 -60.05 9.27 -6.02
N ILE C 116 -60.93 9.41 -7.02
CA ILE C 116 -60.91 10.58 -7.87
C ILE C 116 -61.83 11.66 -7.30
N GLY C 117 -61.28 12.86 -7.14
CA GLY C 117 -62.06 14.00 -6.66
C GLY C 117 -62.04 15.06 -7.75
N TYR C 118 -62.70 16.19 -7.49
CA TYR C 118 -62.65 17.31 -8.39
C TYR C 118 -62.59 18.61 -7.63
N PHE C 119 -61.97 19.59 -8.27
CA PHE C 119 -61.92 20.94 -7.80
C PHE C 119 -62.43 21.84 -8.91
N TYR C 120 -62.88 23.04 -8.53
CA TYR C 120 -63.26 24.06 -9.47
C TYR C 120 -62.93 25.43 -8.96
N ARG C 121 -62.74 26.38 -9.87
CA ARG C 121 -62.52 27.76 -9.50
C ARG C 121 -62.96 28.66 -10.66
N PRO C 122 -63.11 29.98 -10.41
CA PRO C 122 -63.56 30.83 -11.52
C PRO C 122 -62.61 30.91 -12.72
N ALA C 123 -63.18 30.89 -13.92
CA ALA C 123 -62.38 31.01 -15.15
C ALA C 123 -61.93 32.44 -15.33
N GLY C 124 -60.89 32.64 -16.14
CA GLY C 124 -60.50 33.98 -16.60
C GLY C 124 -59.76 34.91 -15.64
N VAL C 125 -59.15 34.37 -14.57
CA VAL C 125 -58.35 35.18 -13.64
C VAL C 125 -56.88 34.82 -13.86
N PRO C 126 -56.01 35.82 -14.07
CA PRO C 126 -54.59 35.45 -14.25
C PRO C 126 -53.98 34.85 -12.97
N ALA C 127 -52.97 34.01 -13.15
CA ALA C 127 -52.34 33.30 -12.03
C ALA C 127 -51.96 34.25 -10.90
N ALA C 128 -51.39 35.40 -11.25
CA ALA C 128 -50.92 36.38 -10.26
C ALA C 128 -52.05 36.98 -9.38
N GLU C 129 -53.28 36.92 -9.88
CA GLU C 129 -54.46 37.49 -9.22
C GLU C 129 -55.23 36.46 -8.40
N ARG C 130 -54.79 35.22 -8.39
CA ARG C 130 -55.48 34.18 -7.59
C ARG C 130 -55.07 34.29 -6.14
N PRO C 131 -55.91 33.81 -5.23
CA PRO C 131 -55.41 33.56 -3.87
C PRO C 131 -54.13 32.73 -3.92
N GLU C 132 -53.31 32.77 -2.88
CA GLU C 132 -52.00 32.13 -2.94
C GLU C 132 -52.07 30.64 -3.26
N ASN C 133 -53.00 29.94 -2.61
CA ASN C 133 -53.14 28.48 -2.75
C ASN C 133 -53.81 28.03 -4.07
N GLY C 134 -53.98 28.94 -5.03
CA GLY C 134 -54.62 28.64 -6.31
C GLY C 134 -56.12 28.93 -6.36
N GLY C 135 -56.74 29.07 -5.19
CA GLY C 135 -58.17 29.41 -5.14
C GLY C 135 -59.19 28.34 -5.51
N TRP C 136 -58.76 27.07 -5.49
CA TRP C 136 -59.62 25.95 -5.85
C TRP C 136 -60.59 25.64 -4.72
N THR C 137 -61.81 25.29 -5.11
CA THR C 137 -62.82 24.78 -4.21
C THR C 137 -62.91 23.29 -4.45
N TYR C 138 -62.84 22.51 -3.37
CA TYR C 138 -62.97 21.08 -3.42
C TYR C 138 -64.45 20.66 -3.55
N GLY C 139 -64.78 19.93 -4.60
CA GLY C 139 -66.16 19.50 -4.81
C GLY C 139 -66.47 18.14 -4.21
N GLY C 140 -65.46 17.40 -3.78
CA GLY C 140 -65.67 16.07 -3.26
C GLY C 140 -65.39 14.99 -4.28
N LEU C 141 -65.88 13.81 -3.97
CA LEU C 141 -65.53 12.61 -4.74
C LEU C 141 -66.42 12.50 -5.96
N VAL C 142 -65.88 11.93 -7.02
CA VAL C 142 -66.66 11.77 -8.23
C VAL C 142 -67.64 10.59 -8.09
N PHE C 143 -67.14 9.45 -7.63
CA PHE C 143 -67.90 8.22 -7.66
C PHE C 143 -68.63 7.96 -6.35
N LYS C 144 -69.88 7.52 -6.47
CA LYS C 144 -70.60 6.99 -5.34
C LYS C 144 -69.90 5.69 -4.95
N GLU C 145 -69.93 5.35 -3.66
CA GLU C 145 -69.21 4.16 -3.19
C GLU C 145 -69.96 2.91 -3.72
N GLY C 146 -69.21 1.88 -4.08
CA GLY C 146 -69.77 0.72 -4.75
C GLY C 146 -69.57 0.70 -6.25
N VAL C 147 -69.57 1.87 -6.88
CA VAL C 147 -69.70 1.96 -8.35
C VAL C 147 -68.52 1.38 -9.11
N THR C 148 -67.30 1.78 -8.75
CA THR C 148 -66.12 1.43 -9.55
C THR C 148 -65.71 -0.04 -9.40
N GLY C 149 -66.12 -0.67 -8.29
CA GLY C 149 -65.77 -2.06 -8.01
C GLY C 149 -66.53 -3.11 -8.80
N GLN C 150 -67.56 -2.67 -9.52
CA GLN C 150 -68.48 -3.56 -10.23
C GLN C 150 -67.89 -4.21 -11.48
N ILE C 151 -66.78 -3.73 -12.02
CA ILE C 151 -66.25 -4.38 -13.24
C ILE C 151 -65.38 -5.61 -12.97
N PHE C 152 -65.09 -5.88 -11.71
CA PHE C 152 -64.22 -7.01 -11.36
C PHE C 152 -65.04 -8.28 -11.10
N GLU C 153 -64.73 -9.36 -11.83
CA GLU C 153 -65.39 -10.65 -11.61
C GLU C 153 -65.09 -11.08 -10.18
N ASP C 154 -63.81 -11.23 -9.84
CA ASP C 154 -63.40 -11.56 -8.47
C ASP C 154 -63.58 -10.39 -7.50
N GLN C 155 -64.63 -10.48 -6.68
CA GLN C 155 -65.03 -9.43 -5.74
C GLN C 155 -64.43 -9.56 -4.33
N SER C 156 -63.35 -10.32 -4.19
CA SER C 156 -62.76 -10.57 -2.84
C SER C 156 -61.70 -9.55 -2.49
N PHE C 157 -61.59 -8.49 -3.29
CA PHE C 157 -60.49 -7.54 -3.16
C PHE C 157 -60.45 -6.94 -1.74
N SER C 158 -59.24 -6.74 -1.21
CA SER C 158 -59.05 -6.06 0.08
C SER C 158 -59.11 -4.55 -0.10
N HIS C 159 -58.67 -4.09 -1.27
CA HIS C 159 -58.61 -2.69 -1.59
C HIS C 159 -59.16 -2.45 -2.99
N GLN C 160 -59.88 -1.35 -3.16
CA GLN C 160 -60.37 -0.97 -4.48
C GLN C 160 -60.20 0.56 -4.69
N THR C 161 -59.40 0.95 -5.69
CA THR C 161 -59.02 2.35 -5.91
C THR C 161 -59.24 2.85 -7.34
N GLN C 162 -59.27 4.17 -7.45
CA GLN C 162 -59.36 4.88 -8.71
C GLN C 162 -58.04 5.61 -8.82
N TRP C 163 -57.30 5.33 -9.89
CA TRP C 163 -56.01 5.93 -10.14
C TRP C 163 -56.09 6.73 -11.44
N THR C 164 -54.98 7.39 -11.75
CA THR C 164 -54.81 8.39 -12.79
C THR C 164 -55.46 8.12 -14.17
N GLY C 165 -55.96 9.18 -14.77
CA GLY C 165 -56.43 9.15 -16.16
C GLY C 165 -56.51 10.47 -16.90
N SER C 166 -57.66 10.70 -17.52
CA SER C 166 -57.89 11.88 -18.32
C SER C 166 -59.40 12.09 -18.41
N ALA C 167 -59.81 13.29 -18.80
CA ALA C 167 -61.21 13.68 -18.86
C ALA C 167 -61.49 14.48 -20.14
N ARG C 168 -62.33 13.90 -21.00
CA ARG C 168 -62.70 14.50 -22.30
C ARG C 168 -64.11 15.05 -22.21
N VAL C 169 -64.23 16.34 -22.50
CA VAL C 169 -65.49 17.04 -22.34
C VAL C 169 -66.16 17.22 -23.69
N SER C 170 -67.49 17.11 -23.72
CA SER C 170 -68.25 17.46 -24.90
C SER C 170 -68.82 18.89 -24.82
N LYS C 171 -69.28 19.39 -25.96
CA LYS C 171 -69.83 20.73 -26.06
C LYS C 171 -71.08 20.99 -25.20
N ASN C 172 -71.74 19.93 -24.76
CA ASN C 172 -72.88 20.02 -23.86
C ASN C 172 -72.50 19.74 -22.41
N GLY C 173 -71.20 19.72 -22.13
CA GLY C 173 -70.70 19.54 -20.75
C GLY C 173 -70.70 18.11 -20.24
N GLU C 174 -71.05 17.16 -21.10
CA GLU C 174 -70.84 15.76 -20.77
C GLU C 174 -69.34 15.53 -20.64
N ILE C 175 -68.97 14.70 -19.66
CA ILE C 175 -67.60 14.34 -19.43
C ILE C 175 -67.45 12.82 -19.56
N LYS C 176 -66.48 12.42 -20.39
CA LYS C 176 -66.01 11.05 -20.43
C LYS C 176 -64.73 10.98 -19.60
N LEU C 177 -64.84 10.33 -18.46
CA LEU C 177 -63.74 10.17 -17.52
C LEU C 177 -63.05 8.83 -17.71
N PHE C 178 -61.84 8.88 -18.26
CA PHE C 178 -60.98 7.71 -18.42
C PHE C 178 -60.05 7.57 -17.23
N PHE C 179 -60.13 6.44 -16.55
CA PHE C 179 -59.32 6.24 -15.35
C PHE C 179 -58.78 4.83 -15.22
N THR C 180 -57.81 4.68 -14.32
CA THR C 180 -57.25 3.38 -14.04
C THR C 180 -57.99 2.81 -12.85
N ASP C 181 -58.75 1.75 -13.09
CA ASP C 181 -59.61 1.14 -12.08
C ASP C 181 -58.87 -0.09 -11.55
N VAL C 182 -58.75 -0.19 -10.23
CA VAL C 182 -57.80 -1.14 -9.65
C VAL C 182 -58.35 -1.93 -8.46
N ALA C 183 -58.17 -3.25 -8.51
CA ALA C 183 -58.48 -4.11 -7.40
C ALA C 183 -57.19 -4.72 -6.84
N PHE C 184 -57.05 -4.72 -5.52
CA PHE C 184 -55.95 -5.39 -4.81
C PHE C 184 -56.48 -6.54 -3.95
N TYR C 185 -55.69 -7.60 -3.85
CA TYR C 185 -56.07 -8.80 -3.12
C TYR C 185 -54.93 -9.15 -2.18
N ARG C 186 -55.00 -8.61 -0.95
CA ARG C 186 -53.86 -8.58 -0.03
C ARG C 186 -54.17 -8.96 1.40
N ASN C 187 -53.17 -9.51 2.07
CA ASN C 187 -53.24 -9.78 3.51
C ASN C 187 -53.02 -8.50 4.33
N SER C 188 -53.39 -8.53 5.61
CA SER C 188 -53.17 -7.40 6.52
C SER C 188 -51.67 -7.00 6.66
N ASP C 189 -50.76 -7.92 6.38
CA ASP C 189 -49.34 -7.58 6.39
C ASP C 189 -48.89 -6.87 5.09
N GLY C 190 -49.78 -6.73 4.11
CA GLY C 190 -49.47 -6.00 2.87
C GLY C 190 -48.83 -6.79 1.75
N THR C 191 -48.76 -8.11 1.92
CA THR C 191 -48.35 -9.01 0.82
C THR C 191 -49.57 -9.42 -0.01
N ASN C 192 -49.33 -9.78 -1.27
CA ASN C 192 -50.40 -10.18 -2.20
C ASN C 192 -50.83 -11.63 -2.02
N ILE C 193 -52.13 -11.83 -1.80
CA ILE C 193 -52.74 -13.15 -1.90
C ILE C 193 -52.75 -13.60 -3.36
N LYS C 194 -53.05 -12.68 -4.28
CA LYS C 194 -52.92 -12.92 -5.73
C LYS C 194 -52.64 -11.60 -6.41
N PRO C 195 -52.21 -11.62 -7.68
CA PRO C 195 -51.79 -10.33 -8.27
C PRO C 195 -52.88 -9.25 -8.29
N TYR C 196 -52.47 -7.98 -8.37
CA TYR C 196 -53.42 -6.86 -8.42
C TYR C 196 -53.96 -6.74 -9.84
N ASP C 197 -55.11 -6.07 -9.98
CA ASP C 197 -55.82 -6.03 -11.25
C ASP C 197 -56.16 -4.59 -11.65
N PRO C 198 -55.26 -3.92 -12.36
CA PRO C 198 -55.52 -2.58 -12.83
C PRO C 198 -56.16 -2.63 -14.21
N ARG C 199 -57.20 -1.81 -14.42
CA ARG C 199 -57.91 -1.73 -15.69
C ARG C 199 -58.16 -0.28 -16.14
N ILE C 200 -58.03 -0.07 -17.45
CA ILE C 200 -58.40 1.17 -18.08
C ILE C 200 -59.92 1.17 -18.28
N ALA C 201 -60.58 2.11 -17.63
CA ALA C 201 -62.02 2.19 -17.57
C ALA C 201 -62.53 3.56 -17.95
N LEU C 202 -63.83 3.61 -18.27
CA LEU C 202 -64.53 4.82 -18.65
C LEU C 202 -65.75 4.98 -17.77
N SER C 203 -66.06 6.22 -17.39
CA SER C 203 -67.35 6.51 -16.79
C SER C 203 -67.84 7.85 -17.27
N VAL C 204 -69.13 7.94 -17.58
CA VAL C 204 -69.71 9.12 -18.19
C VAL C 204 -70.57 9.89 -17.21
N GLY C 205 -70.42 11.21 -17.24
CA GLY C 205 -71.18 12.11 -16.37
C GLY C 205 -71.30 13.48 -17.02
N LYS C 206 -71.82 14.43 -16.25
CA LYS C 206 -72.09 15.75 -16.77
C LYS C 206 -71.86 16.88 -15.76
N VAL C 207 -71.37 18.03 -16.23
CA VAL C 207 -71.28 19.19 -15.33
C VAL C 207 -72.59 19.98 -15.24
N LYS C 208 -72.99 20.29 -14.01
CA LYS C 208 -74.08 21.23 -13.73
C LYS C 208 -73.41 22.37 -12.99
N ALA C 209 -73.59 23.59 -13.48
CA ALA C 209 -72.92 24.78 -12.94
C ALA C 209 -73.90 25.90 -12.68
N ASN C 210 -73.58 26.74 -11.72
CA ASN C 210 -74.24 28.04 -11.56
C ASN C 210 -73.35 28.93 -10.74
N LYS C 211 -73.85 30.10 -10.33
CA LYS C 211 -73.05 31.08 -9.58
C LYS C 211 -72.43 30.52 -8.31
N LYS C 212 -73.10 29.56 -7.70
CA LYS C 212 -72.63 29.00 -6.44
C LYS C 212 -71.71 27.79 -6.59
N GLY C 213 -71.36 27.41 -7.81
CA GLY C 213 -70.35 26.37 -8.01
C GLY C 213 -70.65 25.33 -9.08
N VAL C 214 -69.99 24.21 -8.95
CA VAL C 214 -70.11 23.13 -9.90
C VAL C 214 -70.45 21.87 -9.13
N THR C 215 -71.39 21.10 -9.65
CA THR C 215 -71.57 19.73 -9.21
C THR C 215 -71.57 18.81 -10.44
N LEU C 216 -71.23 17.56 -10.25
CA LEU C 216 -71.20 16.56 -11.30
C LEU C 216 -72.36 15.60 -11.14
N THR C 217 -73.01 15.23 -12.24
CA THR C 217 -74.04 14.21 -12.22
C THR C 217 -73.49 13.04 -13.01
N GLY C 218 -74.17 11.90 -12.90
CA GLY C 218 -73.80 10.71 -13.65
C GLY C 218 -72.71 9.98 -12.91
N PHE C 219 -71.79 9.38 -13.65
CA PHE C 219 -70.69 8.66 -13.05
C PHE C 219 -71.20 7.54 -12.12
N ASN C 220 -72.39 7.02 -12.44
CA ASN C 220 -72.99 5.94 -11.67
C ASN C 220 -72.76 4.55 -12.27
N LYS C 221 -72.04 4.48 -13.41
CA LYS C 221 -71.74 3.22 -14.09
C LYS C 221 -70.40 3.30 -14.80
N VAL C 222 -69.65 2.21 -14.76
CA VAL C 222 -68.31 2.17 -15.31
C VAL C 222 -68.18 1.13 -16.41
N THR C 223 -67.36 1.43 -17.40
CA THR C 223 -67.15 0.54 -18.51
C THR C 223 -65.71 0.08 -18.57
N ASP C 224 -65.55 -1.24 -18.54
CA ASP C 224 -64.23 -1.85 -18.67
C ASP C 224 -63.76 -1.73 -20.10
N LEU C 225 -62.72 -0.94 -20.34
CA LEU C 225 -62.18 -0.77 -21.70
C LEU C 225 -61.05 -1.74 -22.06
N LEU C 226 -60.06 -1.89 -21.18
CA LEU C 226 -58.83 -2.60 -21.51
C LEU C 226 -58.21 -3.22 -20.27
N GLN C 227 -57.57 -4.37 -20.49
CA GLN C 227 -56.63 -4.95 -19.53
C GLN C 227 -55.48 -5.57 -20.30
N ALA C 228 -54.34 -5.72 -19.64
CA ALA C 228 -53.10 -6.22 -20.27
C ALA C 228 -53.36 -7.53 -21.01
N ASP C 229 -52.71 -7.70 -22.18
CA ASP C 229 -53.04 -8.81 -23.12
C ASP C 229 -52.11 -10.05 -23.04
N GLY C 230 -50.80 -9.81 -22.96
CA GLY C 230 -49.84 -10.90 -22.92
C GLY C 230 -48.82 -10.82 -24.03
N THR C 231 -49.20 -10.22 -25.16
CA THR C 231 -48.39 -10.19 -26.36
C THR C 231 -47.81 -8.81 -26.64
N TYR C 232 -48.63 -7.77 -26.50
CA TYR C 232 -48.13 -6.41 -26.54
C TYR C 232 -47.75 -5.88 -25.14
N TYR C 233 -48.63 -6.04 -24.16
CA TYR C 233 -48.46 -5.39 -22.85
C TYR C 233 -48.46 -6.41 -21.76
N GLN C 234 -47.36 -6.42 -20.99
CA GLN C 234 -47.16 -7.39 -19.92
C GLN C 234 -48.34 -7.49 -18.97
N THR C 235 -48.56 -8.70 -18.46
CA THR C 235 -49.71 -9.06 -17.65
C THR C 235 -49.27 -9.43 -16.25
N GLY C 236 -50.24 -9.66 -15.38
CA GLY C 236 -50.00 -10.18 -14.02
C GLY C 236 -49.32 -11.55 -13.96
N ALA C 237 -49.68 -12.44 -14.87
CA ALA C 237 -49.07 -13.77 -14.94
C ALA C 237 -47.59 -13.68 -15.32
N GLN C 238 -47.23 -12.76 -16.20
CA GLN C 238 -45.83 -12.59 -16.59
C GLN C 238 -44.99 -11.83 -15.51
N ASN C 239 -45.66 -11.06 -14.65
CA ASN C 239 -44.99 -10.22 -13.65
C ASN C 239 -46.06 -9.66 -12.74
N GLU C 240 -46.02 -10.11 -11.50
CA GLU C 240 -47.01 -9.77 -10.50
C GLU C 240 -47.11 -8.25 -10.25
N PHE C 241 -46.05 -7.52 -10.56
CA PHE C 241 -46.01 -6.08 -10.27
C PHE C 241 -45.99 -5.31 -11.57
N PHE C 242 -46.58 -5.92 -12.59
CA PHE C 242 -46.74 -5.26 -13.87
C PHE C 242 -47.42 -3.89 -13.69
N ASN C 243 -46.95 -2.96 -14.51
CA ASN C 243 -47.56 -1.66 -14.67
C ASN C 243 -48.49 -1.69 -15.87
N PHE C 244 -49.70 -1.13 -15.67
CA PHE C 244 -50.68 -0.93 -16.71
C PHE C 244 -51.68 0.13 -16.21
N ARG C 245 -51.58 1.36 -16.71
CA ARG C 245 -52.38 2.49 -16.19
C ARG C 245 -52.16 3.78 -16.98
N ASP C 246 -52.98 4.79 -16.64
CA ASP C 246 -52.83 6.18 -17.12
C ASP C 246 -53.27 6.45 -18.58
N PRO C 247 -54.56 6.27 -18.87
CA PRO C 247 -55.08 6.56 -20.22
C PRO C 247 -55.12 8.05 -20.55
N PHE C 248 -54.46 8.41 -21.64
CA PHE C 248 -54.55 9.71 -22.23
C PHE C 248 -55.11 9.54 -23.66
N THR C 249 -56.31 10.06 -23.92
CA THR C 249 -56.93 9.95 -25.24
C THR C 249 -56.77 11.22 -26.03
N PHE C 250 -56.92 11.11 -27.34
CA PHE C 250 -56.62 12.23 -28.23
C PHE C 250 -56.91 11.89 -29.69
N GLU C 251 -56.99 12.94 -30.51
CA GLU C 251 -57.04 12.82 -31.96
C GLU C 251 -55.71 13.22 -32.57
N ASP C 252 -55.28 12.44 -33.56
CA ASP C 252 -54.08 12.72 -34.34
C ASP C 252 -54.49 13.55 -35.55
N PRO C 253 -53.86 14.72 -35.79
CA PRO C 253 -54.21 15.53 -36.98
C PRO C 253 -53.89 14.85 -38.30
N ALA C 254 -52.94 13.93 -38.28
CA ALA C 254 -52.63 13.10 -39.43
C ALA C 254 -53.72 12.05 -39.68
N HIS C 255 -54.60 11.80 -38.72
CA HIS C 255 -55.65 10.78 -38.88
C HIS C 255 -57.00 11.22 -38.32
N PRO C 256 -57.53 12.35 -38.84
CA PRO C 256 -58.83 12.84 -38.37
C PRO C 256 -59.92 11.77 -38.47
N GLY C 257 -60.92 11.85 -37.58
CA GLY C 257 -62.00 10.84 -37.53
C GLY C 257 -61.68 9.51 -36.83
N GLU C 258 -60.61 9.48 -36.05
CA GLU C 258 -60.22 8.33 -35.24
C GLU C 258 -59.75 8.81 -33.87
N THR C 259 -59.86 7.96 -32.86
CA THR C 259 -59.37 8.34 -31.54
C THR C 259 -58.41 7.31 -31.01
N PHE C 260 -57.31 7.83 -30.47
CA PHE C 260 -56.20 7.05 -29.97
C PHE C 260 -56.02 7.25 -28.48
N MET C 261 -55.30 6.33 -27.87
CA MET C 261 -55.01 6.44 -26.46
C MET C 261 -53.58 5.97 -26.21
N VAL C 262 -52.82 6.71 -25.41
CA VAL C 262 -51.56 6.18 -24.87
C VAL C 262 -51.75 5.89 -23.38
N PHE C 263 -50.90 5.01 -22.87
CA PHE C 263 -50.93 4.58 -21.47
C PHE C 263 -49.60 3.88 -21.11
N GLU C 264 -49.41 3.62 -19.82
CA GLU C 264 -48.21 2.99 -19.35
C GLU C 264 -48.46 1.53 -19.36
N GLY C 265 -47.48 0.76 -19.86
CA GLY C 265 -47.46 -0.70 -19.66
C GLY C 265 -46.05 -1.18 -19.39
N ASN C 266 -45.85 -2.51 -19.40
CA ASN C 266 -44.48 -3.08 -19.52
C ASN C 266 -44.41 -3.91 -20.79
N SER C 267 -43.24 -3.98 -21.41
CA SER C 267 -43.00 -4.94 -22.50
C SER C 267 -43.44 -6.34 -22.11
N ALA C 268 -44.04 -7.05 -23.06
CA ALA C 268 -44.69 -8.31 -22.75
C ALA C 268 -43.63 -9.41 -22.82
N MET C 269 -43.02 -9.67 -21.67
CA MET C 269 -41.96 -10.68 -21.55
C MET C 269 -42.17 -11.33 -20.20
N GLN C 270 -41.90 -12.63 -20.11
CA GLN C 270 -41.87 -13.28 -18.81
C GLN C 270 -40.72 -12.61 -18.03
N ARG C 271 -40.97 -12.33 -16.76
CA ARG C 271 -40.03 -11.57 -15.91
C ARG C 271 -38.64 -12.22 -15.83
N GLU C 272 -38.61 -13.49 -15.50
CA GLU C 272 -37.34 -14.17 -15.22
C GLU C 272 -36.59 -14.58 -16.51
N THR C 273 -37.29 -14.60 -17.65
CA THR C 273 -36.65 -14.93 -18.94
C THR C 273 -36.42 -13.73 -19.87
N ALA C 274 -36.75 -12.53 -19.40
CA ALA C 274 -36.61 -11.32 -20.21
C ALA C 274 -35.15 -11.07 -20.60
N THR C 275 -34.94 -10.52 -21.77
CA THR C 275 -33.58 -10.22 -22.23
C THR C 275 -33.65 -8.98 -23.07
N CYS C 276 -32.51 -8.32 -23.24
CA CYS C 276 -32.43 -7.17 -24.14
C CYS C 276 -31.66 -7.51 -25.39
N ASN C 277 -31.58 -6.57 -26.34
CA ASN C 277 -30.84 -6.77 -27.59
C ASN C 277 -29.93 -5.59 -27.95
N GLU C 278 -29.18 -5.76 -29.03
CA GLU C 278 -28.23 -4.75 -29.52
C GLU C 278 -28.90 -3.37 -29.69
N ALA C 279 -30.18 -3.36 -30.04
CA ALA C 279 -30.90 -2.12 -30.35
C ALA C 279 -31.42 -1.41 -29.10
N ASP C 280 -31.85 -2.20 -28.09
CA ASP C 280 -32.13 -1.69 -26.74
C ASP C 280 -30.90 -1.03 -26.16
N LEU C 281 -29.73 -1.61 -26.46
CA LEU C 281 -28.47 -1.04 -26.02
C LEU C 281 -28.12 0.17 -26.90
N GLY C 282 -28.30 0.02 -28.21
CA GLY C 282 -28.23 1.14 -29.14
C GLY C 282 -26.91 1.86 -29.40
N TYR C 283 -25.79 1.18 -29.19
CA TYR C 283 -24.47 1.83 -29.37
C TYR C 283 -24.11 1.99 -30.85
N ARG C 284 -23.34 3.02 -31.15
CA ARG C 284 -22.78 3.22 -32.47
C ARG C 284 -21.55 2.32 -32.58
N GLN C 285 -21.32 1.75 -33.77
CA GLN C 285 -20.21 0.82 -34.00
C GLN C 285 -18.90 1.40 -33.50
N GLY C 286 -18.13 0.60 -32.77
CA GLY C 286 -16.82 1.01 -32.26
C GLY C 286 -16.79 2.05 -31.13
N ASP C 287 -17.94 2.32 -30.50
CA ASP C 287 -17.99 3.23 -29.35
C ASP C 287 -17.15 2.63 -28.20
N PRO C 288 -16.12 3.37 -27.76
CA PRO C 288 -15.32 2.82 -26.67
C PRO C 288 -16.12 2.43 -25.41
N TYR C 289 -17.27 3.05 -25.18
CA TYR C 289 -18.07 2.81 -23.98
C TYR C 289 -19.17 1.78 -24.18
N ALA C 290 -19.27 1.24 -25.39
CA ALA C 290 -20.28 0.21 -25.69
C ALA C 290 -20.33 -0.91 -24.62
N GLU C 291 -21.52 -1.40 -24.31
CA GLU C 291 -21.66 -2.58 -23.48
C GLU C 291 -21.93 -3.71 -24.43
N THR C 292 -21.76 -4.94 -23.96
CA THR C 292 -22.15 -6.10 -24.75
C THR C 292 -23.52 -6.53 -24.28
N VAL C 293 -24.23 -7.25 -25.14
CA VAL C 293 -25.53 -7.80 -24.79
C VAL C 293 -25.47 -8.70 -23.55
N ASP C 294 -24.46 -9.57 -23.49
CA ASP C 294 -24.33 -10.55 -22.40
C ASP C 294 -24.17 -9.89 -21.04
N ASP C 295 -23.36 -8.84 -20.99
CA ASP C 295 -23.12 -8.16 -19.74
C ASP C 295 -24.36 -7.44 -19.21
N VAL C 296 -25.15 -6.87 -20.11
CA VAL C 296 -26.38 -6.19 -19.69
C VAL C 296 -27.42 -7.22 -19.29
N ASN C 297 -27.53 -8.30 -20.07
CA ASN C 297 -28.42 -9.40 -19.71
C ASN C 297 -28.04 -10.07 -18.40
N ALA C 298 -26.81 -9.81 -17.93
CA ALA C 298 -26.32 -10.34 -16.67
C ALA C 298 -26.53 -9.42 -15.47
N SER C 299 -26.74 -8.13 -15.70
CA SER C 299 -26.63 -7.11 -14.65
C SER C 299 -27.83 -6.97 -13.69
N GLY C 300 -28.99 -7.53 -14.08
CA GLY C 300 -30.25 -7.26 -13.41
C GLY C 300 -31.16 -6.33 -14.22
N ALA C 301 -30.57 -5.58 -15.16
CA ALA C 301 -31.24 -4.55 -15.93
C ALA C 301 -32.48 -5.01 -16.70
N THR C 302 -32.61 -6.34 -16.88
CA THR C 302 -33.72 -6.92 -17.64
C THR C 302 -35.00 -6.98 -16.82
N TYR C 303 -34.92 -6.57 -15.57
CA TYR C 303 -36.09 -6.45 -14.71
C TYR C 303 -36.83 -5.12 -14.97
N GLN C 304 -36.20 -4.24 -15.74
CA GLN C 304 -36.72 -2.92 -16.05
C GLN C 304 -37.09 -2.87 -17.54
N ILE C 305 -38.33 -3.22 -17.85
CA ILE C 305 -38.78 -3.34 -19.25
C ILE C 305 -40.09 -2.57 -19.46
N GLY C 306 -40.08 -1.29 -19.10
CA GLY C 306 -41.28 -0.45 -19.20
C GLY C 306 -41.58 -0.12 -20.64
N ASN C 307 -42.86 0.05 -20.96
CA ASN C 307 -43.24 0.65 -22.25
C ASN C 307 -44.41 1.66 -22.20
N VAL C 308 -44.57 2.38 -23.31
CA VAL C 308 -45.75 3.18 -23.55
C VAL C 308 -46.65 2.50 -24.60
N GLY C 309 -47.87 2.16 -24.19
CA GLY C 309 -48.84 1.57 -25.09
C GLY C 309 -49.66 2.52 -25.95
N LEU C 310 -50.31 1.94 -26.97
CA LEU C 310 -51.19 2.66 -27.88
C LEU C 310 -52.40 1.80 -28.09
N ALA C 311 -53.57 2.43 -28.13
CA ALA C 311 -54.81 1.79 -28.51
C ALA C 311 -55.63 2.70 -29.45
N LYS C 312 -56.61 2.11 -30.13
CA LYS C 312 -57.46 2.83 -31.07
C LYS C 312 -58.90 2.58 -30.72
N ALA C 313 -59.72 3.63 -30.78
CA ALA C 313 -61.14 3.50 -30.42
C ALA C 313 -61.89 2.85 -31.58
N LYS C 314 -62.90 2.07 -31.24
CA LYS C 314 -63.67 1.30 -32.20
C LYS C 314 -65.10 1.84 -32.39
N ASN C 315 -65.49 2.84 -31.59
CA ASN C 315 -66.73 3.58 -31.83
C ASN C 315 -66.60 5.03 -31.37
N LYS C 316 -67.58 5.86 -31.69
CA LYS C 316 -67.55 7.30 -31.38
C LYS C 316 -67.83 7.60 -29.91
N GLN C 317 -68.51 6.67 -29.25
CA GLN C 317 -68.79 6.76 -27.83
C GLN C 317 -67.56 6.41 -26.98
N LEU C 318 -66.49 5.93 -27.62
CA LEU C 318 -65.23 5.53 -26.98
C LEU C 318 -65.39 4.46 -25.91
N THR C 319 -66.43 3.64 -26.04
CA THR C 319 -66.69 2.57 -25.09
C THR C 319 -66.04 1.22 -25.44
N GLU C 320 -65.32 1.14 -26.57
CA GLU C 320 -64.61 -0.08 -26.95
C GLU C 320 -63.32 0.28 -27.67
N TRP C 321 -62.25 -0.42 -27.35
CA TRP C 321 -60.93 -0.08 -27.87
C TRP C 321 -60.17 -1.33 -28.29
N GLU C 322 -59.24 -1.14 -29.20
CA GLU C 322 -58.34 -2.19 -29.67
C GLU C 322 -56.90 -1.79 -29.33
N PHE C 323 -56.15 -2.71 -28.72
CA PHE C 323 -54.72 -2.54 -28.52
C PHE C 323 -54.03 -2.48 -29.87
N LEU C 324 -53.04 -1.62 -29.95
CA LEU C 324 -52.05 -1.58 -30.99
C LEU C 324 -50.68 -1.86 -30.36
N PRO C 325 -49.64 -2.07 -31.18
CA PRO C 325 -48.29 -2.26 -30.64
C PRO C 325 -47.67 -1.02 -29.95
N PRO C 326 -46.81 -1.26 -28.93
CA PRO C 326 -46.08 -0.19 -28.23
C PRO C 326 -45.44 0.84 -29.16
N ILE C 327 -45.48 2.12 -28.78
CA ILE C 327 -44.76 3.15 -29.53
C ILE C 327 -43.38 3.48 -28.96
N LEU C 328 -43.09 2.97 -27.77
CA LEU C 328 -41.81 3.19 -27.10
C LEU C 328 -41.61 2.10 -26.07
N SER C 329 -40.37 1.65 -25.95
CA SER C 329 -39.97 0.66 -24.98
C SER C 329 -38.69 1.14 -24.33
N ALA C 330 -38.55 0.81 -23.06
CA ALA C 330 -37.36 1.21 -22.35
C ALA C 330 -36.76 -0.06 -21.74
N ASN C 331 -36.57 -1.07 -22.58
CA ASN C 331 -36.01 -2.35 -22.15
C ASN C 331 -34.57 -2.20 -21.69
N CYS C 332 -34.31 -2.65 -20.46
CA CYS C 332 -33.04 -2.47 -19.77
C CYS C 332 -32.72 -1.00 -19.53
N VAL C 333 -33.77 -0.18 -19.45
CA VAL C 333 -33.57 1.22 -19.13
C VAL C 333 -34.36 1.66 -17.91
N THR C 334 -35.68 1.48 -17.92
CA THR C 334 -36.48 1.74 -16.76
C THR C 334 -37.70 0.82 -16.71
N ASP C 335 -38.16 0.55 -15.50
CA ASP C 335 -39.40 -0.17 -15.27
C ASP C 335 -40.59 0.73 -15.58
N GLN C 336 -40.41 2.05 -15.53
CA GLN C 336 -41.57 2.95 -15.44
C GLN C 336 -41.50 4.17 -16.36
N THR C 337 -42.16 4.02 -17.51
CA THR C 337 -42.48 5.11 -18.41
C THR C 337 -43.93 5.50 -18.13
N GLU C 338 -44.09 6.34 -17.12
CA GLU C 338 -45.40 6.67 -16.56
C GLU C 338 -46.14 7.85 -17.20
N ARG C 339 -47.45 7.81 -17.03
CA ARG C 339 -48.34 8.89 -17.43
C ARG C 339 -48.01 9.48 -18.81
N PRO C 340 -47.99 8.65 -19.86
CA PRO C 340 -47.68 9.19 -21.19
C PRO C 340 -48.72 10.18 -21.72
N GLN C 341 -48.25 11.13 -22.51
CA GLN C 341 -49.12 12.01 -23.28
C GLN C 341 -48.46 12.35 -24.61
N ILE C 342 -49.29 12.68 -25.59
CA ILE C 342 -48.84 13.10 -26.88
C ILE C 342 -49.18 14.57 -27.00
N TYR C 343 -48.21 15.39 -27.40
CA TYR C 343 -48.34 16.86 -27.46
C TYR C 343 -47.85 17.30 -28.84
N PHE C 344 -48.74 17.91 -29.62
CA PHE C 344 -48.48 18.20 -31.01
C PHE C 344 -48.00 19.62 -31.16
N LYS C 345 -46.88 19.81 -31.85
CA LYS C 345 -46.32 21.14 -32.06
C LYS C 345 -45.49 21.21 -33.34
N ASP C 346 -45.75 22.21 -34.17
CA ASP C 346 -44.92 22.51 -35.36
C ASP C 346 -44.75 21.33 -36.31
N GLY C 347 -45.77 20.50 -36.42
CA GLY C 347 -45.70 19.33 -37.28
C GLY C 347 -45.21 18.08 -36.61
N LYS C 348 -44.78 18.18 -35.35
CA LYS C 348 -44.16 17.06 -34.64
C LYS C 348 -45.07 16.42 -33.57
N SER C 349 -44.83 15.13 -33.31
CA SER C 349 -45.39 14.43 -32.16
C SER C 349 -44.30 14.38 -31.04
N TYR C 350 -44.52 15.15 -29.99
CA TYR C 350 -43.79 15.01 -28.74
C TYR C 350 -44.51 13.99 -27.85
N LEU C 351 -43.80 12.98 -27.40
CA LEU C 351 -44.32 12.07 -26.40
C LEU C 351 -43.63 12.42 -25.08
N PHE C 352 -44.42 12.79 -24.07
CA PHE C 352 -43.88 13.08 -22.74
C PHE C 352 -44.32 11.99 -21.77
N THR C 353 -43.48 11.73 -20.80
CA THR C 353 -43.67 10.65 -19.85
C THR C 353 -42.91 11.04 -18.58
N ILE C 354 -43.21 10.39 -17.48
CA ILE C 354 -42.51 10.68 -16.24
C ILE C 354 -41.86 9.42 -15.67
N SER C 355 -40.80 9.62 -14.90
CA SER C 355 -40.06 8.50 -14.33
C SER C 355 -39.38 8.87 -13.03
N HIS C 356 -39.18 7.89 -12.20
CA HIS C 356 -38.50 8.02 -10.93
C HIS C 356 -37.02 7.75 -11.10
N ARG C 357 -36.20 8.29 -10.20
CA ARG C 357 -34.77 7.93 -10.20
C ARG C 357 -34.58 6.43 -9.93
N GLY C 358 -35.29 5.92 -8.95
CA GLY C 358 -35.08 4.58 -8.43
C GLY C 358 -35.42 3.43 -9.38
N THR C 359 -36.16 3.76 -10.45
CA THR C 359 -36.63 2.76 -11.40
C THR C 359 -35.71 2.67 -12.62
N PHE C 360 -34.62 3.43 -12.65
CA PHE C 360 -33.65 3.26 -13.71
C PHE C 360 -32.95 1.92 -13.50
N ALA C 361 -32.50 1.29 -14.60
CA ALA C 361 -31.84 -0.02 -14.55
C ALA C 361 -30.40 0.14 -14.10
N ALA C 362 -29.75 -0.98 -13.78
CA ALA C 362 -28.37 -0.99 -13.27
C ALA C 362 -27.40 -0.28 -14.22
N GLY C 363 -26.49 0.50 -13.68
CA GLY C 363 -25.59 1.32 -14.51
C GLY C 363 -26.22 2.59 -15.08
N LEU C 364 -27.54 2.74 -14.92
CA LEU C 364 -28.26 3.92 -15.37
C LEU C 364 -28.71 4.77 -14.20
N ASP C 365 -28.76 6.07 -14.41
CA ASP C 365 -29.25 6.97 -13.38
C ASP C 365 -29.79 8.23 -14.00
N GLY C 366 -30.77 8.80 -13.32
CA GLY C 366 -31.37 10.07 -13.75
C GLY C 366 -32.30 10.62 -12.68
N PRO C 367 -32.65 11.91 -12.78
CA PRO C 367 -33.54 12.56 -11.81
C PRO C 367 -35.00 12.20 -11.99
N GLU C 368 -35.79 12.43 -10.95
CA GLU C 368 -37.25 12.31 -11.02
C GLU C 368 -37.75 13.33 -12.05
N GLY C 369 -38.72 12.97 -12.87
CA GLY C 369 -39.39 14.01 -13.64
C GLY C 369 -39.78 13.69 -15.04
N VAL C 370 -39.80 14.72 -15.88
CA VAL C 370 -40.37 14.58 -17.22
C VAL C 370 -39.32 14.18 -18.23
N TYR C 371 -39.57 13.06 -18.87
CA TYR C 371 -38.74 12.57 -19.93
C TYR C 371 -39.53 12.68 -21.25
N GLY C 372 -38.86 13.14 -22.32
CA GLY C 372 -39.57 13.51 -23.55
C GLY C 372 -38.85 13.03 -24.79
N PHE C 373 -39.62 12.89 -25.87
CA PHE C 373 -39.16 12.31 -27.13
C PHE C 373 -39.92 12.94 -28.30
N VAL C 374 -39.23 13.26 -29.40
CA VAL C 374 -39.89 13.91 -30.54
C VAL C 374 -39.78 13.12 -31.84
N GLY C 375 -40.87 13.09 -32.60
CA GLY C 375 -40.89 12.41 -33.89
C GLY C 375 -41.88 13.01 -34.87
N ASP C 376 -41.95 12.42 -36.05
CA ASP C 376 -42.83 12.90 -37.13
C ASP C 376 -44.19 12.26 -37.06
N GLY C 377 -44.41 11.34 -36.15
CA GLY C 377 -45.72 10.70 -36.02
C GLY C 377 -45.89 10.15 -34.65
N ILE C 378 -47.15 9.85 -34.28
CA ILE C 378 -47.41 9.25 -32.98
C ILE C 378 -46.75 7.86 -32.87
N ARG C 379 -46.59 7.18 -34.00
CA ARG C 379 -45.62 6.10 -34.10
C ARG C 379 -44.48 6.58 -35.00
N SER C 380 -43.32 6.76 -34.40
CA SER C 380 -42.15 7.13 -35.14
C SER C 380 -40.94 6.57 -34.41
N ASP C 381 -39.77 6.83 -34.97
CA ASP C 381 -38.50 6.49 -34.34
C ASP C 381 -38.09 7.72 -33.58
N TYR C 382 -38.73 7.89 -32.44
CA TYR C 382 -38.56 9.07 -31.60
C TYR C 382 -37.10 9.34 -31.24
N GLN C 383 -36.80 10.61 -31.20
CA GLN C 383 -35.53 11.13 -30.74
C GLN C 383 -35.78 11.61 -29.31
N PRO C 384 -35.20 10.92 -28.29
CA PRO C 384 -35.25 11.53 -26.96
C PRO C 384 -34.63 12.93 -26.99
N LEU C 385 -35.19 13.82 -26.18
CA LEU C 385 -34.84 15.24 -26.25
C LEU C 385 -33.53 15.56 -25.55
N ASN C 386 -32.97 16.72 -25.89
CA ASN C 386 -31.77 17.26 -25.26
C ASN C 386 -30.59 16.29 -25.28
N GLY C 387 -29.87 16.28 -26.41
CA GLY C 387 -28.67 15.46 -26.61
C GLY C 387 -28.89 13.95 -26.58
N GLY C 388 -30.12 13.51 -26.83
CA GLY C 388 -30.46 12.09 -26.77
C GLY C 388 -30.76 11.56 -25.36
N SER C 389 -30.66 12.43 -24.35
CA SER C 389 -30.88 11.99 -22.96
C SER C 389 -32.32 11.55 -22.70
N GLY C 390 -33.28 12.30 -23.25
CA GLY C 390 -34.68 12.07 -22.93
C GLY C 390 -35.17 13.04 -21.87
N LEU C 391 -34.25 13.58 -21.06
CA LEU C 391 -34.62 14.51 -20.00
C LEU C 391 -35.18 15.84 -20.52
N ALA C 392 -36.38 16.17 -20.06
CA ALA C 392 -36.96 17.49 -20.35
C ALA C 392 -37.02 18.36 -19.11
N LEU C 393 -37.41 17.76 -17.98
CA LEU C 393 -37.62 18.54 -16.78
C LEU C 393 -37.37 17.72 -15.53
N GLY C 394 -36.11 17.71 -15.08
CA GLY C 394 -35.77 16.93 -13.90
C GLY C 394 -35.86 17.77 -12.65
N ASN C 395 -36.26 17.13 -11.56
CA ASN C 395 -36.16 17.75 -10.27
C ASN C 395 -34.69 18.07 -9.99
N PRO C 396 -34.43 19.11 -9.19
CA PRO C 396 -33.04 19.41 -8.89
C PRO C 396 -32.40 18.22 -8.18
N THR C 397 -31.21 17.85 -8.62
CA THR C 397 -30.63 16.52 -8.33
C THR C 397 -29.11 16.56 -8.43
N ASN C 398 -28.44 16.12 -7.37
CA ASN C 398 -27.02 15.80 -7.42
C ASN C 398 -26.91 14.32 -7.73
N LEU C 399 -26.50 14.03 -8.94
CA LEU C 399 -26.43 12.65 -9.41
C LEU C 399 -25.15 11.95 -8.86
N ASN C 400 -24.24 12.72 -8.29
CA ASN C 400 -23.08 12.18 -7.58
C ASN C 400 -23.36 11.50 -6.23
N PHE C 401 -24.59 11.58 -5.75
CA PHE C 401 -24.96 11.02 -4.45
C PHE C 401 -26.30 10.34 -4.58
N LEU C 402 -26.57 9.39 -3.70
CA LEU C 402 -27.81 8.63 -3.73
C LEU C 402 -29.06 9.51 -3.66
N GLY C 403 -30.11 9.01 -4.30
CA GLY C 403 -31.38 9.71 -4.38
C GLY C 403 -32.18 9.67 -3.10
N GLY C 404 -31.98 8.61 -2.30
CA GLY C 404 -32.78 8.40 -1.09
C GLY C 404 -34.24 8.08 -1.45
N GLN C 405 -35.16 8.39 -0.55
CA GLN C 405 -36.57 8.25 -0.80
C GLN C 405 -37.36 9.45 -0.24
N PRO C 406 -38.61 9.62 -0.68
CA PRO C 406 -39.34 10.80 -0.21
C PRO C 406 -39.68 10.74 1.28
N PHE C 407 -39.69 9.53 1.85
CA PHE C 407 -39.82 9.31 3.30
C PHE C 407 -38.45 9.22 4.02
N ALA C 408 -37.34 9.36 3.28
CA ALA C 408 -36.00 9.29 3.88
C ALA C 408 -34.95 9.91 2.94
N PRO C 409 -34.83 11.23 2.97
CA PRO C 409 -33.87 11.87 2.07
C PRO C 409 -32.43 11.53 2.37
N ASP C 410 -31.59 11.62 1.34
CA ASP C 410 -30.19 11.29 1.50
C ASP C 410 -29.48 12.52 2.05
N PRO C 411 -28.53 12.33 3.00
CA PRO C 411 -27.97 13.51 3.66
C PRO C 411 -27.25 14.48 2.74
N ASN C 412 -26.80 13.98 1.58
CA ASN C 412 -26.00 14.77 0.64
C ASN C 412 -26.76 15.16 -0.60
N GLN C 413 -28.08 14.97 -0.58
CA GLN C 413 -28.93 15.16 -1.74
C GLN C 413 -29.62 16.52 -1.71
N HIS C 414 -29.97 17.01 -2.90
CA HIS C 414 -30.71 18.25 -3.06
C HIS C 414 -32.08 18.12 -2.42
N PRO C 415 -32.49 19.09 -1.57
CA PRO C 415 -33.76 19.01 -0.86
C PRO C 415 -35.03 19.11 -1.74
N GLY C 416 -34.87 19.51 -3.00
CA GLY C 416 -35.93 19.48 -4.02
C GLY C 416 -35.95 18.25 -4.91
N HIS C 417 -35.19 17.23 -4.52
CA HIS C 417 -35.05 15.99 -5.32
C HIS C 417 -36.41 15.33 -5.63
N PHE C 418 -37.32 15.40 -4.65
CA PHE C 418 -38.69 14.84 -4.75
C PHE C 418 -39.77 15.92 -4.68
N GLN C 419 -39.42 17.13 -5.09
CA GLN C 419 -40.30 18.28 -4.93
C GLN C 419 -41.54 18.23 -5.83
N ALA C 420 -41.50 17.39 -6.86
CA ALA C 420 -42.55 17.36 -7.85
C ALA C 420 -42.60 15.96 -8.48
N TYR C 421 -43.81 15.48 -8.75
CA TYR C 421 -44.04 14.30 -9.57
C TYR C 421 -45.43 14.38 -10.25
N SER C 422 -45.71 13.39 -11.08
CA SER C 422 -46.93 13.27 -11.89
C SER C 422 -47.09 14.49 -12.75
N HIS C 423 -45.97 14.97 -13.27
CA HIS C 423 -45.95 16.17 -14.09
C HIS C 423 -46.84 15.96 -15.31
N TYR C 424 -47.51 17.02 -15.76
CA TYR C 424 -48.36 16.99 -16.94
C TYR C 424 -48.08 18.28 -17.74
N VAL C 425 -47.88 18.14 -19.04
CA VAL C 425 -47.57 19.30 -19.89
C VAL C 425 -48.83 19.84 -20.54
N MET C 426 -49.06 21.13 -20.35
CA MET C 426 -50.29 21.83 -20.75
C MET C 426 -50.00 22.73 -21.97
N PRO C 427 -51.05 23.26 -22.63
CA PRO C 427 -50.84 24.09 -23.82
C PRO C 427 -49.85 25.24 -23.58
N GLY C 428 -48.95 25.45 -24.54
CA GLY C 428 -47.93 26.48 -24.40
C GLY C 428 -46.76 26.09 -23.50
N GLY C 429 -46.63 24.80 -23.19
CA GLY C 429 -45.49 24.31 -22.43
C GLY C 429 -45.53 24.54 -20.92
N LEU C 430 -46.72 24.80 -20.39
CA LEU C 430 -46.85 24.98 -18.95
C LEU C 430 -46.89 23.58 -18.34
N VAL C 431 -46.24 23.42 -17.20
CA VAL C 431 -46.22 22.09 -16.54
C VAL C 431 -46.69 22.22 -15.11
N GLN C 432 -47.68 21.38 -14.78
CA GLN C 432 -48.25 21.26 -13.46
C GLN C 432 -47.81 19.94 -12.85
N SER C 433 -47.68 19.92 -11.52
CA SER C 433 -47.21 18.76 -10.80
C SER C 433 -47.60 18.89 -9.32
N TYR C 434 -47.51 17.78 -8.59
CA TYR C 434 -47.77 17.77 -7.18
C TYR C 434 -46.48 17.60 -6.43
N ILE C 435 -46.47 18.14 -5.21
CA ILE C 435 -45.34 18.06 -4.29
C ILE C 435 -45.43 16.77 -3.51
N ASP C 436 -44.35 15.98 -3.61
CA ASP C 436 -44.18 14.79 -2.79
C ASP C 436 -43.36 15.13 -1.53
N THR C 437 -42.09 15.50 -1.68
CA THR C 437 -41.28 15.82 -0.50
C THR C 437 -40.37 16.99 -0.81
N ILE C 438 -40.24 17.90 0.14
CA ILE C 438 -39.24 18.94 0.03
C ILE C 438 -38.50 19.03 1.36
N GLY C 439 -37.17 19.12 1.29
CA GLY C 439 -36.34 19.25 2.48
C GLY C 439 -35.23 18.21 2.62
N THR C 440 -34.49 18.35 3.71
CA THR C 440 -33.27 17.60 3.93
C THR C 440 -33.57 16.43 4.84
N HIS C 441 -32.55 15.60 5.04
CA HIS C 441 -32.58 14.41 5.88
C HIS C 441 -33.23 14.62 7.26
N ASP C 442 -32.92 15.72 7.92
CA ASP C 442 -33.38 15.90 9.30
C ASP C 442 -34.47 16.96 9.41
N ASP C 443 -35.05 17.35 8.27
CA ASP C 443 -36.03 18.41 8.23
C ASP C 443 -36.75 18.43 6.88
N PHE C 444 -37.79 17.60 6.75
CA PHE C 444 -38.56 17.54 5.50
C PHE C 444 -40.05 17.46 5.77
N VAL C 445 -40.83 17.89 4.78
CA VAL C 445 -42.30 17.81 4.81
C VAL C 445 -42.81 17.08 3.56
N ARG C 446 -43.97 16.45 3.71
CA ARG C 446 -44.68 15.85 2.60
C ARG C 446 -45.69 16.86 2.02
N GLY C 447 -45.95 16.76 0.72
CA GLY C 447 -46.78 17.74 0.02
C GLY C 447 -48.25 17.40 0.02
N GLY C 448 -48.69 16.56 -0.93
CA GLY C 448 -50.10 16.26 -1.08
C GLY C 448 -50.94 17.44 -1.58
N THR C 449 -50.31 18.30 -2.35
CA THR C 449 -50.92 19.49 -2.97
C THR C 449 -50.02 19.88 -4.12
N LEU C 450 -50.46 20.78 -4.98
CA LEU C 450 -49.77 21.04 -6.24
C LEU C 450 -48.66 22.03 -6.07
N ALA C 451 -47.60 21.82 -6.85
CA ALA C 451 -46.46 22.72 -6.94
C ALA C 451 -46.82 23.94 -7.78
N PRO C 452 -45.92 24.93 -7.85
CA PRO C 452 -46.17 26.02 -8.79
C PRO C 452 -46.04 25.47 -10.17
N THR C 453 -46.96 25.86 -11.04
CA THR C 453 -46.81 25.58 -12.46
C THR C 453 -45.58 26.28 -13.01
N VAL C 454 -44.85 25.61 -13.87
CA VAL C 454 -43.64 26.17 -14.49
C VAL C 454 -43.79 26.16 -16.01
N LYS C 455 -42.77 26.69 -16.71
CA LYS C 455 -42.85 26.89 -18.13
C LYS C 455 -41.60 26.33 -18.82
N MET C 456 -41.86 25.42 -19.74
CA MET C 456 -40.86 24.72 -20.49
C MET C 456 -41.02 25.10 -21.95
N ASP C 457 -40.03 25.76 -22.51
CA ASP C 457 -40.06 26.14 -23.92
C ASP C 457 -39.66 24.93 -24.78
N ILE C 458 -40.49 24.58 -25.75
CA ILE C 458 -40.28 23.35 -26.52
C ILE C 458 -39.85 23.68 -27.96
N GLY C 459 -38.74 23.09 -28.38
CA GLY C 459 -38.15 23.39 -29.67
C GLY C 459 -37.35 24.68 -29.62
N VAL C 460 -36.35 24.71 -28.78
CA VAL C 460 -35.56 25.93 -28.56
C VAL C 460 -34.60 26.12 -29.72
N GLY C 461 -34.44 27.37 -30.12
CA GLY C 461 -33.74 27.70 -31.36
C GLY C 461 -34.53 27.10 -32.52
N GLY C 462 -33.82 26.69 -33.55
CA GLY C 462 -34.43 25.93 -34.64
C GLY C 462 -34.71 24.52 -34.23
N ASP C 463 -34.15 24.09 -33.10
CA ASP C 463 -34.03 22.68 -32.83
C ASP C 463 -35.24 22.06 -32.14
N SER C 464 -35.93 21.20 -32.88
CA SER C 464 -37.06 20.47 -32.35
C SER C 464 -36.72 19.58 -31.17
N THR C 465 -35.47 19.15 -31.07
CA THR C 465 -35.07 18.21 -30.03
C THR C 465 -34.59 18.86 -28.73
N LYS C 466 -34.63 20.18 -28.64
CA LYS C 466 -34.14 20.91 -27.47
C LYS C 466 -35.32 21.51 -26.70
N THR C 467 -35.25 21.45 -25.37
CA THR C 467 -36.14 22.21 -24.51
C THR C 467 -35.36 23.08 -23.55
N ALA C 468 -35.99 24.14 -23.06
CA ALA C 468 -35.37 25.03 -22.07
C ALA C 468 -36.42 25.56 -21.13
N VAL C 469 -36.06 25.57 -19.86
CA VAL C 469 -36.89 26.10 -18.84
C VAL C 469 -36.83 27.61 -18.87
N ASP C 470 -38.00 28.24 -18.79
CA ASP C 470 -38.09 29.68 -18.85
C ASP C 470 -38.08 30.26 -17.44
N TYR C 471 -36.89 30.73 -17.02
CA TYR C 471 -36.68 31.27 -15.67
C TYR C 471 -37.17 32.71 -15.51
N SER C 472 -37.73 33.30 -16.55
CA SER C 472 -38.32 34.64 -16.43
C SER C 472 -39.83 34.54 -16.16
N TYR C 473 -40.41 33.37 -16.42
CA TYR C 473 -41.84 33.10 -16.13
C TYR C 473 -42.12 33.22 -14.62
N GLY C 474 -43.23 33.85 -14.27
CA GLY C 474 -43.59 34.05 -12.85
C GLY C 474 -42.43 34.65 -12.03
N SER C 475 -42.27 34.16 -10.80
CA SER C 475 -41.12 34.52 -9.98
C SER C 475 -39.98 33.54 -10.19
N GLU C 476 -38.93 34.02 -10.86
CA GLU C 476 -37.75 33.24 -11.13
C GLU C 476 -38.08 31.80 -11.56
N GLY C 477 -38.99 31.67 -12.52
CA GLY C 477 -39.42 30.38 -13.05
C GLY C 477 -40.69 29.77 -12.45
N LEU C 478 -41.10 30.21 -11.25
CA LEU C 478 -42.24 29.61 -10.55
C LEU C 478 -43.51 30.41 -10.82
N GLY C 479 -44.48 29.79 -11.50
CA GLY C 479 -45.77 30.43 -11.80
C GLY C 479 -46.71 30.29 -10.64
N GLY C 480 -48.01 30.23 -10.96
CA GLY C 480 -49.03 30.08 -9.91
C GLY C 480 -49.07 28.70 -9.25
N TRP C 481 -49.23 28.71 -7.93
CA TRP C 481 -49.50 27.47 -7.18
C TRP C 481 -50.76 26.86 -7.72
N ALA C 482 -50.67 25.59 -8.16
CA ALA C 482 -51.83 24.82 -8.60
C ALA C 482 -52.54 25.47 -9.78
N ASP C 483 -51.76 26.14 -10.61
CA ASP C 483 -52.34 26.84 -11.75
C ASP C 483 -52.56 25.88 -12.92
N ILE C 484 -53.84 25.57 -13.17
CA ILE C 484 -54.20 24.72 -14.28
C ILE C 484 -55.19 25.49 -15.11
N PRO C 485 -54.68 26.34 -16.00
CA PRO C 485 -55.51 27.36 -16.63
C PRO C 485 -56.19 26.86 -17.89
N ALA C 486 -57.40 27.34 -18.16
CA ALA C 486 -58.15 26.96 -19.33
C ALA C 486 -57.83 27.88 -20.54
N ASN C 487 -57.58 27.30 -21.72
CA ASN C 487 -57.39 28.12 -22.94
C ASN C 487 -58.61 28.09 -23.89
N LYS C 488 -59.57 27.23 -23.60
CA LYS C 488 -60.86 27.19 -24.25
C LYS C 488 -61.99 27.32 -23.25
N HIS C 489 -63.12 27.82 -23.72
CA HIS C 489 -64.26 28.09 -22.87
C HIS C 489 -65.57 27.62 -23.42
N LEU C 490 -66.23 26.79 -22.62
CA LEU C 490 -67.47 26.22 -23.02
C LEU C 490 -68.61 27.03 -22.45
N PHE C 491 -69.64 27.26 -23.27
CA PHE C 491 -70.92 27.79 -22.81
C PHE C 491 -71.98 26.85 -23.27
N THR C 492 -72.73 26.29 -22.33
CA THR C 492 -73.78 25.33 -22.66
C THR C 492 -74.95 25.37 -21.67
N ASN C 493 -76.10 24.87 -22.13
CA ASN C 493 -77.26 24.73 -21.28
C ASN C 493 -77.52 23.26 -21.01
N GLY C 494 -76.54 22.41 -21.32
CA GLY C 494 -76.73 20.97 -21.16
C GLY C 494 -77.15 20.30 -22.44
N LYS C 495 -77.58 21.07 -23.44
CA LYS C 495 -78.04 20.52 -24.72
C LYS C 495 -77.28 21.07 -25.91
N PHE C 496 -77.28 22.40 -26.00
CA PHE C 496 -76.57 23.17 -27.01
C PHE C 496 -75.34 23.69 -26.29
N GLY C 497 -74.22 23.76 -26.98
CA GLY C 497 -73.08 24.45 -26.42
C GLY C 497 -72.11 24.80 -27.48
N VAL C 498 -71.21 25.73 -27.16
CA VAL C 498 -70.12 26.11 -28.03
C VAL C 498 -68.82 26.22 -27.23
N ALA C 499 -67.72 25.94 -27.91
CA ALA C 499 -66.39 26.12 -27.37
C ALA C 499 -65.82 27.36 -28.00
N VAL C 500 -65.16 28.17 -27.19
CA VAL C 500 -64.90 29.54 -27.52
C VAL C 500 -63.56 29.95 -26.90
N SER C 501 -62.92 30.96 -27.47
CA SER C 501 -61.62 31.46 -26.96
C SER C 501 -61.78 32.37 -25.74
N ASP C 502 -60.65 32.70 -25.09
CA ASP C 502 -60.65 33.64 -23.97
C ASP C 502 -61.31 34.96 -24.36
N GLU C 503 -60.91 35.48 -25.50
CA GLU C 503 -61.35 36.77 -25.99
C GLU C 503 -62.87 36.79 -26.30
N ALA C 504 -63.32 35.80 -27.09
CA ALA C 504 -64.74 35.65 -27.44
C ALA C 504 -65.63 35.48 -26.21
N ALA C 505 -65.17 34.67 -25.25
CA ALA C 505 -65.90 34.48 -24.00
C ALA C 505 -66.24 35.83 -23.36
N GLN C 506 -65.25 36.69 -23.22
CA GLN C 506 -65.49 38.05 -22.71
C GLN C 506 -66.48 38.83 -23.58
N LYS C 507 -66.27 38.84 -24.90
CA LYS C 507 -67.23 39.51 -25.79
C LYS C 507 -68.64 38.98 -25.52
N ILE C 508 -68.78 37.64 -25.49
CA ILE C 508 -70.08 37.00 -25.28
C ILE C 508 -70.72 37.43 -23.96
N ARG C 509 -69.96 37.34 -22.87
CA ARG C 509 -70.44 37.72 -21.54
C ARG C 509 -70.92 39.20 -21.56
N LYS C 510 -70.30 40.04 -22.38
CA LYS C 510 -70.66 41.45 -22.50
C LYS C 510 -71.95 41.69 -23.32
N ILE C 511 -72.07 41.05 -24.48
CA ILE C 511 -73.23 41.25 -25.36
C ILE C 511 -74.52 40.70 -24.75
N LEU C 512 -74.45 39.56 -24.07
CA LEU C 512 -75.64 38.95 -23.49
C LEU C 512 -75.91 39.51 -22.09
N GLY C 513 -77.19 39.62 -21.74
CA GLY C 513 -77.60 40.24 -20.48
C GLY C 513 -77.47 39.28 -19.32
N SER C 514 -78.43 39.32 -18.41
CA SER C 514 -78.51 38.43 -17.25
C SER C 514 -79.46 37.25 -17.49
N LYS C 515 -80.24 37.31 -18.57
CA LYS C 515 -80.98 36.13 -19.00
C LYS C 515 -80.01 35.01 -19.42
N PHE C 516 -78.81 35.39 -19.84
CA PHE C 516 -77.71 34.42 -20.09
C PHE C 516 -77.41 33.53 -18.90
N ASP C 517 -77.46 34.11 -17.69
CA ASP C 517 -77.19 33.37 -16.45
C ASP C 517 -78.21 32.23 -16.31
N ASP C 518 -79.50 32.53 -16.48
CA ASP C 518 -80.56 31.52 -16.42
C ASP C 518 -80.32 30.41 -17.46
N TYR C 519 -79.95 30.83 -18.66
CA TYR C 519 -79.68 29.91 -19.75
C TYR C 519 -78.61 28.90 -19.31
N LEU C 520 -77.48 29.45 -18.88
CA LEU C 520 -76.34 28.65 -18.42
C LEU C 520 -76.66 27.72 -17.22
N ASP C 521 -77.49 28.19 -16.29
CA ASP C 521 -77.92 27.40 -15.12
C ASP C 521 -78.88 26.29 -15.51
N GLY C 522 -79.27 26.20 -16.78
CA GLY C 522 -80.18 25.13 -17.23
C GLY C 522 -81.65 25.40 -16.89
N LYS C 523 -81.94 26.67 -16.57
CA LYS C 523 -83.30 27.12 -16.34
C LYS C 523 -83.94 27.46 -17.67
N PRO C 524 -85.28 27.38 -17.73
CA PRO C 524 -85.89 27.71 -19.01
C PRO C 524 -85.92 29.21 -19.24
N VAL C 525 -85.83 29.58 -20.52
CA VAL C 525 -86.00 30.96 -20.94
C VAL C 525 -86.98 30.92 -22.11
N SER C 526 -87.50 32.07 -22.51
CA SER C 526 -88.40 32.11 -23.65
C SER C 526 -87.70 31.57 -24.89
N ALA C 527 -88.46 30.92 -25.77
CA ALA C 527 -87.92 30.46 -27.05
C ALA C 527 -87.20 31.61 -27.76
N THR C 528 -87.67 32.84 -27.57
CA THR C 528 -87.05 33.98 -28.23
C THR C 528 -85.66 34.26 -27.63
N VAL C 529 -85.58 34.35 -26.32
CA VAL C 529 -84.31 34.58 -25.63
C VAL C 529 -83.30 33.43 -25.88
N ARG C 530 -83.81 32.20 -25.99
CA ARG C 530 -82.99 31.02 -26.26
C ARG C 530 -82.39 31.10 -27.66
N ALA C 531 -83.23 31.39 -28.63
CA ALA C 531 -82.76 31.52 -30.01
C ALA C 531 -81.76 32.68 -30.10
N LEU C 532 -82.07 33.84 -29.50
CA LEU C 532 -81.14 34.98 -29.45
C LEU C 532 -79.77 34.62 -28.86
N ILE C 533 -79.75 33.94 -27.71
CA ILE C 533 -78.51 33.50 -27.11
C ILE C 533 -77.77 32.53 -28.01
N GLU C 534 -78.47 31.58 -28.59
CA GLU C 534 -77.78 30.50 -29.26
C GLU C 534 -77.28 30.91 -30.63
N LYS C 535 -78.02 31.79 -31.30
CA LYS C 535 -77.54 32.34 -32.56
C LYS C 535 -76.24 33.13 -32.33
N LEU C 536 -76.15 33.81 -31.19
CA LEU C 536 -74.95 34.56 -30.88
C LEU C 536 -73.80 33.60 -30.59
N LEU C 537 -74.05 32.63 -29.73
CA LEU C 537 -73.03 31.65 -29.40
C LEU C 537 -72.54 30.97 -30.65
N ALA C 538 -73.46 30.61 -31.52
CA ALA C 538 -73.09 29.95 -32.77
C ALA C 538 -72.11 30.76 -33.59
N GLN C 539 -72.20 32.08 -33.51
CA GLN C 539 -71.32 32.93 -34.31
C GLN C 539 -69.87 32.88 -33.83
N TYR C 540 -69.63 32.45 -32.59
CA TYR C 540 -68.27 32.39 -32.07
C TYR C 540 -67.73 30.98 -31.90
N GLY C 541 -68.55 29.96 -32.06
CA GLY C 541 -68.15 28.61 -31.66
C GLY C 541 -67.11 28.01 -32.59
#